data_2CH6
#
_entry.id   2CH6
#
_cell.length_a   135.710
_cell.length_b   101.992
_cell.length_c   110.181
_cell.angle_alpha   90.00
_cell.angle_beta   90.00
_cell.angle_gamma   90.00
#
_symmetry.space_group_name_H-M   'P 21 21 2'
#
loop_
_entity.id
_entity.type
_entity.pdbx_description
1 polymer 'N-ACETYL-D-GLUCOSAMINE KINASE'
2 non-polymer "ADENOSINE-5'-DIPHOSPHATE"
3 non-polymer alpha-D-glucopyranose
#
_entity_poly.entity_id   1
_entity_poly.type   'polypeptide(L)'
_entity_poly.pdbx_seq_one_letter_code
;MAAIYGGVEGGGTRSEVLLVSEDGKILAEADGLSTNHWLIGTDKCVERINEMVNRAKRKAGVDPLVPLRSLGLSLSGGDQ
EDAGRILIEELRDRFPYLSESYLITTDAAGSIATATPDGGVVLISGTGSNCRLINPDGSESGCGGWGHMMGDEGSAYWIA
HQAVKIVFDSIDNLEAAPHDIGYVKQAMFHYFQVPDRLGILTHLYRDFDKCRFAGFCRKIAEGAQQGDPLSRYIFRKAGE
MLGRHIVAVLPEIDPVLFQGKIGLPILCVGSVWKSWELLKEGFLLALTQGREIQAQNFFSSFTLMKLRHSSALGGASLGA
RHIGHLLPMDYSANAIAFYSYTFS
;
_entity_poly.pdbx_strand_id   A,B,C,D
#
loop_
_chem_comp.id
_chem_comp.type
_chem_comp.name
_chem_comp.formula
ADP non-polymer ADENOSINE-5'-DIPHOSPHATE 'C10 H15 N5 O10 P2'
GLC D-saccharide, alpha linking alpha-D-glucopyranose 'C6 H12 O6'
#
# COMPACT_ATOMS: atom_id res chain seq x y z
N ALA A 2 4.98 -23.90 11.75
CA ALA A 2 4.95 -22.44 11.40
C ALA A 2 6.05 -21.99 10.41
N ALA A 3 5.64 -21.67 9.18
CA ALA A 3 6.52 -21.10 8.17
C ALA A 3 6.54 -19.57 8.29
N ILE A 4 7.71 -19.01 8.53
CA ILE A 4 7.82 -17.59 8.90
C ILE A 4 8.50 -16.82 7.78
N TYR A 5 8.03 -15.60 7.52
CA TYR A 5 8.68 -14.71 6.57
C TYR A 5 9.05 -13.41 7.28
N GLY A 6 10.19 -12.84 6.94
CA GLY A 6 10.69 -11.68 7.65
C GLY A 6 11.09 -10.60 6.66
N GLY A 7 11.03 -9.36 7.13
CA GLY A 7 11.50 -8.21 6.36
C GLY A 7 12.38 -7.32 7.24
N VAL A 8 13.31 -6.61 6.62
CA VAL A 8 14.19 -5.67 7.33
C VAL A 8 14.11 -4.29 6.69
N GLU A 9 14.09 -3.28 7.56
CA GLU A 9 14.24 -1.89 7.16
C GLU A 9 15.57 -1.39 7.71
N GLY A 10 16.45 -0.92 6.83
CA GLY A 10 17.71 -0.32 7.25
C GLY A 10 18.33 0.47 6.12
N GLY A 11 19.59 0.83 6.27
CA GLY A 11 20.29 1.65 5.29
C GLY A 11 20.34 3.12 5.66
N GLY A 12 19.27 3.61 6.30
CA GLY A 12 19.16 5.01 6.75
C GLY A 12 19.37 5.13 8.25
N THR A 13 18.58 5.98 8.93
CA THR A 13 18.70 6.05 10.40
C THR A 13 17.92 4.95 11.13
N ARG A 14 16.67 4.69 10.74
CA ARG A 14 15.86 3.60 11.34
C ARG A 14 16.33 2.23 10.85
N SER A 15 16.44 1.27 11.78
CA SER A 15 16.51 -0.14 11.41
C SER A 15 15.51 -0.95 12.22
N GLU A 16 14.93 -1.97 11.58
CA GLU A 16 13.80 -2.72 12.13
C GLU A 16 13.65 -4.06 11.42
N VAL A 17 13.16 -5.07 12.16
CA VAL A 17 12.71 -6.35 11.59
C VAL A 17 11.24 -6.63 11.99
N LEU A 18 10.40 -7.01 11.01
CA LEU A 18 9.11 -7.66 11.31
C LEU A 18 9.11 -9.11 10.84
N LEU A 19 8.43 -9.98 11.57
CA LEU A 19 8.18 -11.35 11.12
C LEU A 19 6.69 -11.53 10.86
N VAL A 20 6.37 -12.17 9.75
CA VAL A 20 4.98 -12.38 9.34
C VAL A 20 4.75 -13.87 9.17
N SER A 21 3.59 -14.34 9.60
CA SER A 21 3.15 -15.71 9.38
C SER A 21 2.68 -15.97 7.95
N GLU A 22 2.44 -17.24 7.65
CA GLU A 22 1.74 -17.73 6.46
C GLU A 22 0.55 -16.84 6.06
N ASP A 23 -0.28 -16.49 7.05
CA ASP A 23 -1.54 -15.81 6.82
C ASP A 23 -1.47 -14.28 6.91
N GLY A 24 -0.27 -13.72 6.92
CA GLY A 24 -0.11 -12.26 6.93
C GLY A 24 -0.30 -11.58 8.26
N LYS A 25 -0.36 -12.36 9.33
CA LYS A 25 -0.42 -11.82 10.69
C LYS A 25 0.99 -11.47 11.14
N ILE A 26 1.19 -10.22 11.58
CA ILE A 26 2.49 -9.75 12.09
C ILE A 26 2.76 -10.38 13.44
N LEU A 27 3.84 -11.14 13.53
CA LEU A 27 4.15 -11.91 14.72
C LEU A 27 4.92 -11.12 15.79
N ALA A 28 5.90 -10.32 15.36
CA ALA A 28 6.76 -9.54 16.25
C ALA A 28 7.48 -8.44 15.49
N GLU A 29 7.83 -7.37 16.20
CA GLU A 29 8.72 -6.34 15.65
C GLU A 29 9.85 -6.09 16.64
N ALA A 30 11.07 -6.00 16.12
CA ALA A 30 12.22 -5.67 16.94
C ALA A 30 12.96 -4.49 16.30
N ASP A 31 13.29 -3.50 17.11
CA ASP A 31 14.10 -2.38 16.67
C ASP A 31 15.56 -2.77 16.72
N GLY A 32 16.40 -2.13 15.90
CA GLY A 32 17.82 -2.47 15.88
C GLY A 32 18.78 -1.31 15.79
N LEU A 33 20.08 -1.60 15.83
CA LEU A 33 21.11 -0.57 15.66
C LEU A 33 21.25 -0.26 14.18
N SER A 34 21.99 0.79 13.84
CA SER A 34 22.09 1.24 12.43
C SER A 34 22.67 0.20 11.47
N THR A 35 22.11 0.16 10.26
CA THR A 35 22.62 -0.69 9.20
C THR A 35 23.08 0.11 7.96
N ASN A 36 23.36 1.39 8.16
CA ASN A 36 23.95 2.19 7.10
C ASN A 36 25.34 1.65 6.76
N HIS A 37 25.44 0.88 5.67
CA HIS A 37 26.71 0.20 5.28
C HIS A 37 27.88 1.13 4.89
N TRP A 38 27.63 2.43 4.83
CA TRP A 38 28.67 3.40 4.51
C TRP A 38 29.39 3.88 5.77
N LEU A 39 28.62 4.00 6.86
CA LEU A 39 29.16 4.38 8.17
C LEU A 39 29.67 3.16 8.94
N ILE A 40 28.98 2.04 8.78
CA ILE A 40 29.40 0.76 9.37
C ILE A 40 29.73 -0.19 8.21
N GLY A 41 30.58 -1.19 8.41
CA GLY A 41 30.91 -2.09 7.31
C GLY A 41 29.84 -3.13 7.01
N THR A 42 30.13 -4.04 6.10
CA THR A 42 29.24 -5.18 5.91
C THR A 42 29.42 -6.23 7.00
N ASP A 43 30.56 -6.22 7.69
CA ASP A 43 30.73 -7.08 8.88
C ASP A 43 29.68 -6.79 9.96
N LYS A 44 29.58 -5.52 10.37
CA LYS A 44 28.65 -5.10 11.39
C LYS A 44 27.20 -5.25 10.89
N CYS A 45 26.93 -4.77 9.67
CA CYS A 45 25.62 -4.96 9.07
C CYS A 45 25.10 -6.38 9.24
N VAL A 46 25.94 -7.36 8.90
CA VAL A 46 25.61 -8.78 8.98
C VAL A 46 25.31 -9.16 10.42
N GLU A 47 26.18 -8.72 11.34
CA GLU A 47 26.02 -8.92 12.78
C GLU A 47 24.71 -8.36 13.34
N ARG A 48 24.39 -7.09 13.05
CA ARG A 48 23.17 -6.47 13.61
C ARG A 48 21.89 -7.06 13.02
N ILE A 49 21.93 -7.49 11.75
CA ILE A 49 20.75 -8.12 11.09
C ILE A 49 20.41 -9.47 11.75
N ASN A 50 21.45 -10.25 12.05
CA ASN A 50 21.30 -11.55 12.66
C ASN A 50 20.85 -11.47 14.12
N GLU A 51 21.43 -10.56 14.89
CA GLU A 51 20.88 -10.25 16.21
C GLU A 51 19.39 -9.86 16.13
N MET A 52 19.07 -8.88 15.29
CA MET A 52 17.72 -8.32 15.18
C MET A 52 16.65 -9.40 14.94
N VAL A 53 16.97 -10.32 14.04
CA VAL A 53 16.06 -11.35 13.66
C VAL A 53 15.89 -12.38 14.78
N ASN A 54 16.97 -12.74 15.45
CA ASN A 54 16.87 -13.69 16.56
C ASN A 54 16.05 -13.11 17.70
N ARG A 55 16.33 -11.86 18.06
CA ARG A 55 15.57 -11.21 19.11
C ARG A 55 14.09 -11.19 18.75
N ALA A 56 13.76 -10.86 17.50
CA ALA A 56 12.38 -10.89 17.05
C ALA A 56 11.77 -12.32 17.08
N LYS A 57 12.58 -13.33 16.83
CA LYS A 57 12.06 -14.70 16.85
C LYS A 57 11.62 -15.14 18.27
N ARG A 58 12.42 -14.77 19.26
CA ARG A 58 12.15 -15.01 20.67
C ARG A 58 10.85 -14.31 21.04
N LYS A 59 10.74 -13.06 20.58
CA LYS A 59 9.62 -12.20 20.90
C LYS A 59 8.31 -12.77 20.35
N ALA A 60 8.38 -13.43 19.19
CA ALA A 60 7.20 -13.96 18.51
C ALA A 60 6.72 -15.33 19.01
N GLY A 61 7.49 -15.95 19.90
CA GLY A 61 7.16 -17.29 20.42
C GLY A 61 7.41 -18.40 19.40
N VAL A 62 8.33 -18.14 18.47
CA VAL A 62 8.59 -18.99 17.32
C VAL A 62 9.86 -19.81 17.52
N ASP A 63 9.84 -21.06 17.04
CA ASP A 63 10.99 -21.96 17.09
C ASP A 63 12.29 -21.20 16.75
N PRO A 64 13.22 -21.13 17.72
CA PRO A 64 14.44 -20.34 17.54
C PRO A 64 15.35 -20.95 16.50
N LEU A 65 15.25 -22.26 16.32
CA LEU A 65 16.17 -23.00 15.46
C LEU A 65 15.74 -23.12 14.00
N VAL A 66 14.46 -22.85 13.70
CA VAL A 66 13.98 -23.03 12.33
C VAL A 66 14.29 -21.77 11.51
N PRO A 67 15.01 -21.94 10.39
CA PRO A 67 15.32 -20.80 9.53
C PRO A 67 14.07 -20.19 8.92
N LEU A 68 14.07 -18.86 8.80
CA LEU A 68 13.08 -18.08 8.04
C LEU A 68 12.97 -18.66 6.62
N ARG A 69 11.76 -18.68 6.07
CA ARG A 69 11.57 -19.10 4.68
C ARG A 69 12.28 -18.12 3.74
N SER A 70 12.09 -16.82 4.01
CA SER A 70 12.70 -15.73 3.26
C SER A 70 12.94 -14.53 4.18
N LEU A 71 13.88 -13.66 3.75
CA LEU A 71 14.11 -12.38 4.42
C LEU A 71 14.27 -11.26 3.39
N GLY A 72 13.29 -10.35 3.37
CA GLY A 72 13.27 -9.22 2.44
C GLY A 72 13.88 -7.97 3.05
N LEU A 73 15.01 -7.55 2.50
CA LEU A 73 15.74 -6.44 3.07
C LEU A 73 15.49 -5.18 2.24
N SER A 74 14.67 -4.30 2.81
CA SER A 74 14.37 -3.03 2.21
C SER A 74 15.40 -2.03 2.71
N LEU A 75 16.39 -1.72 1.87
CA LEU A 75 17.54 -0.91 2.28
C LEU A 75 17.71 0.32 1.39
N SER A 76 18.01 1.47 2.00
CA SER A 76 18.29 2.67 1.23
C SER A 76 19.74 2.63 0.72
N GLY A 77 19.88 2.16 -0.52
CA GLY A 77 21.19 1.87 -1.11
C GLY A 77 22.16 3.03 -1.12
N GLY A 78 21.75 4.14 -1.73
CA GLY A 78 22.71 5.19 -2.09
C GLY A 78 23.36 4.72 -3.37
N ASP A 79 24.34 3.84 -3.26
CA ASP A 79 24.82 3.08 -4.40
C ASP A 79 24.31 1.64 -4.38
N GLN A 80 23.42 1.30 -5.30
CA GLN A 80 23.25 -0.10 -5.67
C GLN A 80 24.44 -0.48 -6.58
N GLU A 81 25.62 -0.47 -5.94
CA GLU A 81 26.88 -0.90 -6.52
C GLU A 81 27.00 -2.39 -6.23
N ASP A 82 25.85 -3.05 -6.19
CA ASP A 82 25.64 -4.22 -5.33
C ASP A 82 26.84 -4.91 -4.66
N ALA A 83 27.18 -4.34 -3.50
CA ALA A 83 27.75 -5.07 -2.39
C ALA A 83 26.55 -5.53 -1.51
N GLY A 84 25.34 -5.35 -2.03
CA GLY A 84 24.13 -6.04 -1.56
C GLY A 84 24.23 -7.51 -1.92
N ARG A 85 24.89 -7.80 -3.04
CA ARG A 85 25.29 -9.15 -3.38
C ARG A 85 26.20 -9.70 -2.28
N ILE A 86 27.15 -8.89 -1.86
CA ILE A 86 28.13 -9.28 -0.84
C ILE A 86 27.47 -9.47 0.53
N LEU A 87 26.48 -8.64 0.83
CA LEU A 87 25.74 -8.73 2.08
C LEU A 87 25.03 -10.08 2.22
N ILE A 88 24.34 -10.49 1.15
CA ILE A 88 23.75 -11.82 1.06
C ILE A 88 24.80 -12.91 1.24
N GLU A 89 25.94 -12.80 0.53
CA GLU A 89 26.99 -13.83 0.64
C GLU A 89 27.58 -13.96 2.04
N GLU A 90 27.92 -12.83 2.66
CA GLU A 90 28.45 -12.83 4.02
C GLU A 90 27.41 -13.36 5.01
N LEU A 91 26.13 -13.01 4.78
CA LEU A 91 24.99 -13.48 5.58
C LEU A 91 24.86 -15.00 5.61
N ARG A 92 24.77 -15.63 4.44
CA ARG A 92 24.65 -17.10 4.40
C ARG A 92 25.95 -17.80 4.76
N ASP A 93 27.07 -17.09 4.66
CA ASP A 93 28.35 -17.59 5.17
C ASP A 93 28.41 -17.65 6.70
N ARG A 94 28.10 -16.53 7.38
CA ARG A 94 28.26 -16.44 8.83
C ARG A 94 27.16 -17.16 9.62
N PHE A 95 25.92 -17.04 9.16
CA PHE A 95 24.78 -17.65 9.84
C PHE A 95 23.92 -18.45 8.86
N PRO A 96 24.22 -19.74 8.70
CA PRO A 96 23.49 -20.51 7.69
C PRO A 96 22.07 -20.87 8.13
N TYR A 97 21.75 -20.57 9.38
CA TYR A 97 20.49 -20.96 10.00
C TYR A 97 19.50 -19.83 10.06
N LEU A 98 19.85 -18.72 9.41
CA LEU A 98 19.09 -17.47 9.49
C LEU A 98 17.87 -17.52 8.58
N SER A 99 18.10 -17.69 7.29
CA SER A 99 17.02 -17.79 6.29
C SER A 99 17.41 -18.65 5.10
N GLU A 100 16.41 -19.26 4.49
CA GLU A 100 16.63 -20.09 3.31
C GLU A 100 16.80 -19.24 2.04
N SER A 101 16.23 -18.04 2.01
CA SER A 101 16.38 -17.18 0.84
C SER A 101 16.48 -15.72 1.19
N TYR A 102 17.03 -14.96 0.24
CA TYR A 102 17.27 -13.54 0.41
C TYR A 102 16.80 -12.67 -0.75
N LEU A 103 16.29 -11.50 -0.39
CA LEU A 103 16.00 -10.46 -1.36
C LEU A 103 16.47 -9.12 -0.78
N ILE A 104 17.41 -8.48 -1.47
CA ILE A 104 17.71 -7.08 -1.23
C ILE A 104 16.90 -6.24 -2.22
N THR A 105 16.06 -5.36 -1.68
CA THR A 105 15.50 -4.28 -2.50
C THR A 105 15.90 -2.94 -1.94
N THR A 106 15.13 -1.94 -2.33
CA THR A 106 15.44 -0.55 -2.15
C THR A 106 14.42 -0.01 -1.14
N ASP A 107 14.69 1.15 -0.56
CA ASP A 107 13.74 1.73 0.38
C ASP A 107 12.43 2.11 -0.31
N ALA A 108 12.52 2.67 -1.50
CA ALA A 108 11.35 3.07 -2.29
C ALA A 108 10.42 1.90 -2.63
N ALA A 109 11.00 0.78 -3.04
CA ALA A 109 10.22 -0.35 -3.50
C ALA A 109 9.61 -1.09 -2.32
N GLY A 110 10.28 -1.06 -1.17
CA GLY A 110 9.77 -1.69 0.05
C GLY A 110 8.62 -0.91 0.66
N SER A 111 8.69 0.41 0.55
CA SER A 111 7.61 1.30 0.98
C SER A 111 6.38 1.07 0.09
N ILE A 112 6.54 1.19 -1.22
CA ILE A 112 5.43 0.95 -2.17
C ILE A 112 4.75 -0.37 -1.88
N ALA A 113 5.56 -1.41 -1.67
CA ALA A 113 5.11 -2.77 -1.38
C ALA A 113 4.27 -2.89 -0.09
N THR A 114 4.51 -2.00 0.87
CA THR A 114 3.73 -1.97 2.10
C THR A 114 2.33 -1.36 1.86
N ALA A 115 2.21 -0.43 0.92
CA ALA A 115 0.97 0.33 0.79
C ALA A 115 -0.05 -0.22 -0.21
N THR A 116 0.41 -0.85 -1.28
CA THR A 116 -0.45 -1.29 -2.38
C THR A 116 0.00 -2.67 -2.88
N PRO A 117 -0.92 -3.41 -3.54
CA PRO A 117 -0.62 -4.70 -4.16
C PRO A 117 -0.09 -4.62 -5.59
N ASP A 118 -0.22 -3.47 -6.23
CA ASP A 118 0.18 -3.35 -7.63
C ASP A 118 1.01 -2.12 -7.97
N GLY A 119 1.94 -1.76 -7.09
CA GLY A 119 2.81 -0.60 -7.36
C GLY A 119 2.14 0.72 -7.08
N GLY A 120 2.77 1.81 -7.53
CA GLY A 120 2.30 3.15 -7.19
C GLY A 120 3.48 4.09 -7.21
N VAL A 121 3.38 5.20 -6.49
CA VAL A 121 4.37 6.27 -6.51
C VAL A 121 4.78 6.63 -5.08
N VAL A 122 6.08 6.74 -4.82
CA VAL A 122 6.63 7.27 -3.56
C VAL A 122 7.45 8.52 -3.76
N LEU A 123 7.36 9.42 -2.79
CA LEU A 123 8.22 10.57 -2.73
C LEU A 123 8.88 10.51 -1.37
N ILE A 124 10.21 10.47 -1.38
CA ILE A 124 10.96 10.33 -0.15
C ILE A 124 11.66 11.65 0.18
N SER A 125 11.52 12.11 1.42
CA SER A 125 12.32 13.20 1.92
C SER A 125 12.77 12.92 3.34
N GLY A 126 13.97 12.39 3.48
CA GLY A 126 14.55 12.13 4.80
C GLY A 126 15.84 12.88 4.77
N THR A 127 16.93 12.27 5.26
CA THR A 127 18.22 12.94 5.07
C THR A 127 18.51 13.13 3.57
N GLY A 128 18.13 12.16 2.74
CA GLY A 128 18.19 12.30 1.29
C GLY A 128 16.79 12.31 0.68
N SER A 129 16.70 12.25 -0.66
CA SER A 129 15.40 12.20 -1.31
C SER A 129 15.40 11.35 -2.57
N ASN A 130 14.21 10.98 -3.01
CA ASN A 130 14.06 10.05 -4.11
C ASN A 130 12.62 10.04 -4.52
N CYS A 131 12.37 9.94 -5.81
CA CYS A 131 11.00 9.71 -6.27
C CYS A 131 10.93 8.52 -7.19
N ARG A 132 10.03 7.58 -6.90
CA ARG A 132 9.96 6.31 -7.64
C ARG A 132 8.57 5.87 -8.02
N LEU A 133 8.48 5.09 -9.10
CA LEU A 133 7.20 4.64 -9.63
C LEU A 133 7.27 3.18 -10.07
N ILE A 134 6.23 2.41 -9.73
CA ILE A 134 6.09 1.07 -10.26
C ILE A 134 4.68 0.92 -10.81
N ASN A 135 4.56 0.70 -12.11
CA ASN A 135 3.26 0.56 -12.73
C ASN A 135 2.59 -0.78 -12.41
N PRO A 136 1.27 -0.89 -12.66
CA PRO A 136 0.66 -2.21 -12.49
C PRO A 136 1.35 -3.30 -13.31
N ASP A 137 1.97 -2.96 -14.45
CA ASP A 137 2.83 -3.92 -15.17
C ASP A 137 4.28 -3.83 -14.68
N GLY A 138 5.19 -4.53 -15.33
CA GLY A 138 6.60 -4.40 -14.92
C GLY A 138 7.04 -2.96 -14.61
N SER A 139 6.78 -2.06 -15.56
CA SER A 139 7.55 -0.81 -15.71
C SER A 139 7.84 0.00 -14.45
N GLU A 140 9.10 0.45 -14.36
CA GLU A 140 9.61 1.32 -13.29
C GLU A 140 10.08 2.64 -13.89
N SER A 141 10.31 3.61 -13.02
CA SER A 141 10.75 4.93 -13.44
C SER A 141 11.14 5.66 -12.21
N GLY A 142 12.05 6.63 -12.34
CA GLY A 142 12.44 7.45 -11.19
C GLY A 142 13.11 8.80 -11.42
N CYS A 143 13.20 9.57 -10.34
CA CYS A 143 13.82 10.88 -10.38
C CYS A 143 14.64 11.12 -9.11
N GLY A 144 15.93 11.33 -9.30
CA GLY A 144 16.82 11.93 -8.34
C GLY A 144 17.01 11.29 -6.99
N GLY A 145 17.54 10.08 -6.97
CA GLY A 145 18.03 9.51 -5.71
C GLY A 145 19.55 9.39 -5.67
N TRP A 146 20.24 10.42 -6.13
CA TRP A 146 21.69 10.31 -6.34
C TRP A 146 22.57 10.75 -5.16
N GLY A 147 21.96 10.89 -3.98
CA GLY A 147 22.69 11.25 -2.77
C GLY A 147 23.11 12.71 -2.70
N HIS A 148 23.94 13.05 -1.71
CA HIS A 148 24.26 14.46 -1.43
C HIS A 148 25.24 15.12 -2.40
N MET A 149 26.11 14.35 -3.04
CA MET A 149 27.10 14.95 -3.95
C MET A 149 26.54 15.36 -5.33
N MET A 150 25.33 14.89 -5.66
CA MET A 150 24.82 15.03 -7.02
C MET A 150 23.38 15.44 -7.12
N GLY A 151 22.71 15.61 -5.99
CA GLY A 151 21.32 16.08 -5.99
C GLY A 151 20.67 16.17 -4.63
N ASP A 152 19.80 15.19 -4.35
CA ASP A 152 19.01 15.15 -3.13
C ASP A 152 18.14 16.40 -2.92
N GLU A 153 17.62 16.96 -4.00
CA GLU A 153 16.89 18.23 -3.87
C GLU A 153 15.62 18.04 -3.06
N GLY A 154 15.45 18.85 -2.03
CA GLY A 154 14.27 18.77 -1.17
C GLY A 154 14.45 17.90 0.06
N SER A 155 15.67 17.43 0.29
CA SER A 155 15.96 16.58 1.43
C SER A 155 16.39 17.46 2.60
N ALA A 156 16.54 16.84 3.78
CA ALA A 156 17.12 17.52 4.93
C ALA A 156 18.53 18.05 4.64
N TYR A 157 19.38 17.25 3.98
CA TYR A 157 20.70 17.75 3.52
C TYR A 157 20.58 19.04 2.71
N TRP A 158 19.75 19.00 1.67
CA TRP A 158 19.57 20.13 0.75
C TRP A 158 19.07 21.38 1.49
N ILE A 159 18.03 21.24 2.30
CA ILE A 159 17.54 22.33 3.15
C ILE A 159 18.66 22.91 4.01
N ALA A 160 19.48 22.05 4.62
CA ALA A 160 20.64 22.48 5.38
C ALA A 160 21.70 23.18 4.53
N HIS A 161 21.97 22.64 3.35
CA HIS A 161 23.00 23.18 2.46
C HIS A 161 22.60 24.54 1.89
N GLN A 162 21.34 24.69 1.46
CA GLN A 162 20.85 25.99 0.98
C GLN A 162 20.99 27.01 2.07
N ALA A 163 20.65 26.59 3.29
CA ALA A 163 20.73 27.45 4.44
C ALA A 163 22.13 28.03 4.58
N VAL A 164 23.16 27.20 4.62
CA VAL A 164 24.52 27.76 4.72
C VAL A 164 25.03 28.41 3.40
N LYS A 165 24.64 27.87 2.25
CA LYS A 165 25.06 28.46 0.98
C LYS A 165 24.62 29.91 0.88
N ILE A 166 23.41 30.17 1.36
CA ILE A 166 22.79 31.48 1.23
C ILE A 166 23.46 32.52 2.12
N VAL A 167 23.85 32.14 3.34
CA VAL A 167 24.54 33.13 4.18
C VAL A 167 25.96 33.40 3.68
N PHE A 168 26.62 32.34 3.19
CA PHE A 168 27.97 32.46 2.64
C PHE A 168 28.00 33.45 1.47
N ASP A 169 27.08 33.26 0.52
CA ASP A 169 26.94 34.13 -0.64
C ASP A 169 26.53 35.56 -0.29
N SER A 170 25.72 35.72 0.76
CA SER A 170 25.29 37.03 1.18
C SER A 170 26.48 37.83 1.71
N ILE A 171 27.18 37.30 2.71
CA ILE A 171 28.32 37.98 3.32
C ILE A 171 29.39 38.29 2.30
N ASP A 172 29.61 37.34 1.39
CA ASP A 172 30.57 37.45 0.29
C ASP A 172 30.17 38.48 -0.75
N ASN A 173 28.88 38.82 -0.78
CA ASN A 173 28.28 39.67 -1.83
C ASN A 173 28.30 38.97 -3.20
N LEU A 174 28.20 37.64 -3.21
CA LEU A 174 28.12 36.93 -4.47
C LEU A 174 26.67 36.81 -4.95
N GLU A 175 25.75 36.79 -4.00
CA GLU A 175 24.33 36.87 -4.29
C GLU A 175 23.56 37.42 -3.11
N ALA A 176 22.56 38.23 -3.40
CA ALA A 176 21.71 38.78 -2.38
C ALA A 176 20.70 37.72 -1.98
N ALA A 177 20.63 37.49 -0.67
CA ALA A 177 19.61 36.71 -0.04
C ALA A 177 18.20 37.30 -0.29
N PRO A 178 17.19 36.42 -0.38
CA PRO A 178 15.79 36.83 -0.56
C PRO A 178 15.20 37.45 0.70
N HIS A 179 15.78 37.17 1.85
CA HIS A 179 15.29 37.71 3.13
C HIS A 179 16.47 37.75 4.10
N ASP A 180 16.30 38.50 5.19
CA ASP A 180 17.35 38.69 6.18
C ASP A 180 18.11 37.40 6.60
N ILE A 181 19.37 37.58 6.94
CA ILE A 181 20.35 36.50 7.12
C ILE A 181 20.55 36.16 8.61
N GLY A 182 20.11 37.07 9.48
CA GLY A 182 20.32 37.00 10.93
C GLY A 182 20.07 35.68 11.63
N TYR A 183 18.83 35.23 11.66
CA TYR A 183 18.46 34.01 12.36
C TYR A 183 19.27 32.77 11.92
N VAL A 184 19.37 32.55 10.62
CA VAL A 184 20.04 31.38 10.10
C VAL A 184 21.52 31.47 10.37
N LYS A 185 22.10 32.64 10.15
CA LYS A 185 23.54 32.82 10.40
C LYS A 185 23.87 32.47 11.87
N GLN A 186 23.12 33.05 12.81
CA GLN A 186 23.27 32.66 14.22
C GLN A 186 22.97 31.15 14.51
N ALA A 187 21.90 30.62 13.93
CA ALA A 187 21.56 29.22 14.09
C ALA A 187 22.74 28.35 13.66
N MET A 188 23.25 28.63 12.46
CA MET A 188 24.44 27.98 11.89
C MET A 188 25.59 27.94 12.91
N PHE A 189 26.17 29.11 13.19
CA PHE A 189 27.31 29.19 14.08
C PHE A 189 27.06 28.40 15.36
N HIS A 190 25.88 28.61 15.96
CA HIS A 190 25.56 27.90 17.19
C HIS A 190 25.47 26.38 17.05
N TYR A 191 24.73 25.89 16.05
CA TYR A 191 24.62 24.47 15.77
C TYR A 191 25.97 23.78 15.52
N PHE A 192 26.79 24.36 14.64
CA PHE A 192 28.09 23.77 14.35
C PHE A 192 29.15 24.19 15.34
N GLN A 193 28.79 25.08 16.28
CA GLN A 193 29.66 25.49 17.42
C GLN A 193 30.98 26.10 16.96
N VAL A 194 30.89 27.05 16.06
CA VAL A 194 32.06 27.73 15.53
C VAL A 194 31.70 29.22 15.39
N PRO A 195 32.70 30.13 15.54
CA PRO A 195 32.38 31.57 15.54
C PRO A 195 32.15 32.20 14.16
N ASP A 196 32.77 31.66 13.11
CA ASP A 196 32.75 32.31 11.78
C ASP A 196 32.80 31.32 10.62
N ARG A 197 32.76 31.85 9.39
CA ARG A 197 32.66 30.99 8.19
C ARG A 197 33.80 30.01 8.03
N LEU A 198 35.00 30.42 8.42
CA LEU A 198 36.15 29.53 8.40
C LEU A 198 35.89 28.31 9.27
N GLY A 199 35.29 28.54 10.43
CA GLY A 199 34.90 27.46 11.32
C GLY A 199 34.00 26.44 10.65
N ILE A 200 33.16 26.88 9.70
CA ILE A 200 32.29 25.92 9.03
C ILE A 200 33.04 25.00 8.06
N LEU A 201 34.12 25.47 7.43
CA LEU A 201 34.91 24.62 6.53
C LEU A 201 35.37 23.30 7.18
N THR A 202 35.84 23.39 8.43
CA THR A 202 36.33 22.20 9.11
C THR A 202 35.28 21.07 9.08
N HIS A 203 34.02 21.41 9.35
CA HIS A 203 32.91 20.45 9.35
C HIS A 203 32.56 19.90 7.97
N LEU A 204 33.12 20.50 6.92
CA LEU A 204 32.77 20.11 5.56
C LEU A 204 33.78 19.18 4.93
N TYR A 205 35.06 19.32 5.30
CA TYR A 205 36.17 18.64 4.60
C TYR A 205 37.12 17.79 5.47
N ARG A 206 37.06 17.96 6.78
CA ARG A 206 37.91 17.17 7.66
C ARG A 206 36.99 16.23 8.41
N ASP A 207 36.26 16.81 9.37
CA ASP A 207 35.20 16.09 10.07
C ASP A 207 34.25 15.38 9.08
N PHE A 208 33.50 16.19 8.32
CA PHE A 208 32.26 15.79 7.65
C PHE A 208 31.40 14.65 8.22
N ASP A 209 30.30 15.06 8.82
CA ASP A 209 29.31 14.23 9.45
C ASP A 209 28.01 14.57 8.76
N LYS A 210 27.66 13.80 7.74
CA LYS A 210 26.47 14.06 6.90
C LYS A 210 25.24 14.10 7.79
N CYS A 211 25.20 13.20 8.75
CA CYS A 211 24.14 13.14 9.72
C CYS A 211 24.00 14.46 10.54
N ARG A 212 25.10 14.94 11.14
CA ARG A 212 25.04 16.23 11.85
C ARG A 212 24.58 17.36 10.93
N PHE A 213 25.14 17.41 9.72
CA PHE A 213 24.87 18.48 8.78
C PHE A 213 23.38 18.54 8.41
N ALA A 214 22.83 17.38 8.06
CA ALA A 214 21.44 17.30 7.68
C ALA A 214 20.54 17.57 8.88
N GLY A 215 21.07 17.31 10.08
CA GLY A 215 20.39 17.64 11.35
C GLY A 215 20.05 19.12 11.43
N PHE A 216 20.92 19.97 10.87
CA PHE A 216 20.66 21.42 10.81
C PHE A 216 19.26 21.76 10.27
N CYS A 217 18.70 20.89 9.43
CA CYS A 217 17.34 21.07 8.91
C CYS A 217 16.33 21.31 10.04
N ARG A 218 16.44 20.56 11.14
CA ARG A 218 15.53 20.71 12.26
C ARG A 218 15.54 22.17 12.76
N LYS A 219 16.70 22.80 12.75
CA LYS A 219 16.76 24.18 13.25
C LYS A 219 16.09 25.16 12.29
N ILE A 220 16.22 24.94 10.97
CA ILE A 220 15.51 25.75 9.98
C ILE A 220 13.98 25.57 10.11
N ALA A 221 13.55 24.32 10.25
CA ALA A 221 12.17 23.98 10.58
C ALA A 221 11.62 24.69 11.84
N GLU A 222 12.38 24.71 12.94
CA GLU A 222 11.95 25.42 14.15
C GLU A 222 11.84 26.93 13.85
N GLY A 223 12.88 27.48 13.22
CA GLY A 223 12.94 28.91 12.90
C GLY A 223 11.79 29.31 11.99
N ALA A 224 11.42 28.41 11.09
CA ALA A 224 10.39 28.66 10.11
C ALA A 224 9.05 28.69 10.81
N GLN A 225 8.88 27.75 11.73
CA GLN A 225 7.68 27.68 12.57
C GLN A 225 7.44 28.97 13.33
N GLN A 226 8.51 29.56 13.85
CA GLN A 226 8.46 30.81 14.60
C GLN A 226 8.47 32.00 13.66
N GLY A 227 8.25 31.75 12.39
CA GLY A 227 8.01 32.82 11.42
C GLY A 227 9.19 33.55 10.83
N ASP A 228 10.41 33.01 10.97
CA ASP A 228 11.56 33.64 10.32
C ASP A 228 11.44 33.54 8.81
N PRO A 229 11.27 34.69 8.11
CA PRO A 229 11.07 34.63 6.66
C PRO A 229 12.09 33.81 5.87
N LEU A 230 13.39 33.98 6.11
CA LEU A 230 14.39 33.19 5.35
C LEU A 230 14.14 31.68 5.49
N SER A 231 13.94 31.21 6.71
CA SER A 231 13.60 29.81 6.93
C SER A 231 12.34 29.38 6.20
N ARG A 232 11.28 30.18 6.29
CA ARG A 232 10.04 29.87 5.59
C ARG A 232 10.37 29.74 4.12
N TYR A 233 11.22 30.63 3.61
CA TYR A 233 11.60 30.60 2.18
C TYR A 233 12.28 29.28 1.78
N ILE A 234 13.27 28.84 2.55
CA ILE A 234 13.97 27.63 2.18
C ILE A 234 13.01 26.44 2.09
N PHE A 235 12.06 26.34 3.04
CA PHE A 235 11.08 25.24 3.02
C PHE A 235 10.07 25.34 1.88
N ARG A 236 9.81 26.55 1.40
CA ARG A 236 8.97 26.69 0.22
C ARG A 236 9.70 26.06 -0.99
N LYS A 237 10.99 26.36 -1.15
CA LYS A 237 11.77 25.89 -2.31
C LYS A 237 12.03 24.37 -2.27
N ALA A 238 12.15 23.81 -1.07
CA ALA A 238 12.21 22.35 -0.92
C ALA A 238 10.89 21.72 -1.34
N GLY A 239 9.79 22.44 -1.07
CA GLY A 239 8.45 22.08 -1.55
C GLY A 239 8.39 22.02 -3.06
N GLU A 240 8.97 23.02 -3.72
CA GLU A 240 9.02 23.03 -5.18
C GLU A 240 9.88 21.88 -5.72
N MET A 241 11.06 21.68 -5.13
CA MET A 241 11.99 20.64 -5.61
C MET A 241 11.33 19.25 -5.49
N LEU A 242 10.63 19.04 -4.39
CA LEU A 242 9.89 17.82 -4.18
C LEU A 242 8.74 17.70 -5.17
N GLY A 243 8.03 18.80 -5.39
CA GLY A 243 6.94 18.84 -6.35
C GLY A 243 7.43 18.52 -7.75
N ARG A 244 8.62 19.03 -8.09
CA ARG A 244 9.24 18.80 -9.40
C ARG A 244 9.62 17.35 -9.65
N HIS A 245 9.99 16.61 -8.62
CA HIS A 245 10.26 15.19 -8.78
C HIS A 245 8.99 14.52 -9.34
N ILE A 246 7.82 14.90 -8.81
CA ILE A 246 6.57 14.30 -9.28
C ILE A 246 6.32 14.68 -10.72
N VAL A 247 6.47 15.97 -11.03
CA VAL A 247 6.29 16.44 -12.40
C VAL A 247 7.20 15.67 -13.35
N ALA A 248 8.42 15.39 -12.90
CA ALA A 248 9.39 14.68 -13.72
C ALA A 248 8.91 13.29 -14.11
N VAL A 249 8.31 12.55 -13.17
CA VAL A 249 7.91 11.15 -13.45
C VAL A 249 6.53 11.03 -14.08
N LEU A 250 5.81 12.15 -14.17
CA LEU A 250 4.44 12.21 -14.72
C LEU A 250 4.14 11.51 -16.05
N PRO A 251 4.93 11.77 -17.12
CA PRO A 251 4.64 11.08 -18.39
C PRO A 251 4.68 9.54 -18.30
N GLU A 252 5.40 9.00 -17.30
CA GLU A 252 5.59 7.57 -17.17
C GLU A 252 4.49 6.83 -16.42
N ILE A 253 3.61 7.58 -15.77
CA ILE A 253 2.53 6.97 -15.00
C ILE A 253 1.40 6.43 -15.88
N ASP A 254 1.07 5.15 -15.66
CA ASP A 254 -0.08 4.52 -16.28
C ASP A 254 -1.35 5.30 -15.88
N PRO A 255 -2.13 5.72 -16.88
CA PRO A 255 -3.34 6.52 -16.66
C PRO A 255 -4.36 6.02 -15.61
N VAL A 256 -4.47 4.70 -15.38
CA VAL A 256 -5.48 4.18 -14.44
C VAL A 256 -5.21 4.60 -12.99
N LEU A 257 -3.95 4.91 -12.69
CA LEU A 257 -3.55 5.36 -11.37
C LEU A 257 -4.16 6.74 -11.03
N PHE A 258 -4.57 7.48 -12.06
CA PHE A 258 -5.24 8.75 -11.87
C PHE A 258 -6.73 8.58 -11.60
N GLN A 259 -7.31 7.52 -12.17
CA GLN A 259 -8.76 7.36 -12.33
C GLN A 259 -9.49 6.68 -11.16
N GLY A 260 -9.35 7.24 -9.96
CA GLY A 260 -10.07 6.74 -8.78
C GLY A 260 -10.65 7.85 -7.92
N LYS A 261 -11.23 7.45 -6.79
CA LYS A 261 -11.81 8.38 -5.80
C LYS A 261 -10.72 9.23 -5.11
N ILE A 262 -9.66 8.60 -4.64
CA ILE A 262 -8.47 9.30 -4.18
C ILE A 262 -7.81 10.13 -5.29
N GLY A 263 -7.79 9.59 -6.51
CA GLY A 263 -6.95 10.12 -7.57
C GLY A 263 -5.57 9.51 -7.38
N LEU A 264 -4.54 10.17 -7.87
CA LEU A 264 -3.18 9.66 -7.74
C LEU A 264 -2.75 9.60 -6.27
N PRO A 265 -2.58 8.38 -5.72
CA PRO A 265 -2.03 8.30 -4.37
C PRO A 265 -0.51 8.47 -4.39
N ILE A 266 0.00 9.37 -3.58
CA ILE A 266 1.42 9.58 -3.46
C ILE A 266 1.85 9.27 -2.04
N LEU A 267 2.66 8.22 -1.91
CA LEU A 267 3.18 7.79 -0.62
C LEU A 267 4.36 8.68 -0.21
N CYS A 268 4.23 9.30 0.96
CA CYS A 268 5.23 10.24 1.48
C CYS A 268 6.00 9.64 2.63
N VAL A 269 7.24 9.23 2.32
CA VAL A 269 8.16 8.61 3.26
C VAL A 269 9.24 9.62 3.65
N GLY A 270 9.62 9.58 4.93
CA GLY A 270 10.69 10.44 5.44
C GLY A 270 10.23 11.45 6.47
N SER A 271 11.12 11.79 7.39
CA SER A 271 10.81 12.76 8.43
C SER A 271 10.61 14.22 7.98
N VAL A 272 11.13 14.62 6.82
CA VAL A 272 10.92 16.02 6.37
C VAL A 272 9.42 16.32 6.18
N TRP A 273 8.63 15.30 5.87
CA TRP A 273 7.20 15.46 5.75
C TRP A 273 6.50 15.84 7.07
N LYS A 274 7.21 15.78 8.20
CA LYS A 274 6.63 16.29 9.46
C LYS A 274 6.42 17.81 9.43
N SER A 275 7.14 18.46 8.52
CA SER A 275 6.98 19.88 8.29
C SER A 275 6.10 20.15 7.08
N TRP A 276 5.33 19.15 6.63
CA TRP A 276 4.43 19.37 5.48
C TRP A 276 3.85 20.81 5.41
N GLU A 277 3.23 21.28 6.50
CA GLU A 277 2.67 22.63 6.47
C GLU A 277 3.65 23.69 5.95
N LEU A 278 4.95 23.47 6.17
CA LEU A 278 5.99 24.35 5.66
C LEU A 278 6.35 24.12 4.18
N LEU A 279 6.04 22.92 3.66
CA LEU A 279 6.33 22.52 2.26
C LEU A 279 5.15 22.75 1.34
N LYS A 280 3.95 22.79 1.91
CA LYS A 280 2.69 22.76 1.18
C LYS A 280 2.63 23.66 -0.07
N GLU A 281 2.96 24.93 0.10
CA GLU A 281 2.80 25.94 -0.95
C GLU A 281 3.74 25.71 -2.14
N GLY A 282 5.00 25.41 -1.84
CA GLY A 282 6.00 25.18 -2.86
C GLY A 282 5.60 23.96 -3.64
N PHE A 283 5.15 22.94 -2.91
CA PHE A 283 4.73 21.69 -3.51
C PHE A 283 3.55 21.92 -4.43
N LEU A 284 2.56 22.66 -3.94
CA LEU A 284 1.35 22.94 -4.73
C LEU A 284 1.69 23.75 -5.96
N LEU A 285 2.68 24.63 -5.85
CA LEU A 285 3.06 25.49 -6.96
C LEU A 285 3.74 24.70 -8.06
N ALA A 286 4.82 24.02 -7.73
CA ALA A 286 5.55 23.19 -8.69
C ALA A 286 4.66 22.25 -9.48
N LEU A 287 3.65 21.68 -8.84
CA LEU A 287 2.71 20.81 -9.53
C LEU A 287 1.80 21.63 -10.44
N THR A 288 1.28 22.73 -9.90
CA THR A 288 0.35 23.59 -10.62
C THR A 288 0.94 24.17 -11.91
N GLN A 289 2.21 24.58 -11.87
CA GLN A 289 2.90 25.05 -13.09
C GLN A 289 3.38 23.90 -13.99
N GLY A 290 3.57 22.72 -13.40
CA GLY A 290 4.02 21.51 -14.12
C GLY A 290 2.94 20.74 -14.87
N ARG A 291 1.68 21.10 -14.64
CA ARG A 291 0.58 20.49 -15.40
C ARG A 291 0.11 21.40 -16.55
N GLU A 292 0.54 22.66 -16.55
CA GLU A 292 0.29 23.52 -17.72
C GLU A 292 1.28 23.16 -18.83
N ILE A 293 2.56 23.07 -18.44
CA ILE A 293 3.68 22.86 -19.39
C ILE A 293 3.66 21.48 -20.05
N GLN A 294 3.10 20.48 -19.36
CA GLN A 294 3.28 19.08 -19.78
C GLN A 294 2.02 18.30 -20.20
N ALA A 295 0.93 18.44 -19.46
CA ALA A 295 -0.23 17.56 -19.64
C ALA A 295 -1.62 18.20 -19.52
N GLN A 296 -2.29 18.35 -20.66
CA GLN A 296 -3.75 18.51 -20.71
C GLN A 296 -4.39 17.11 -20.61
N ASN A 297 -3.56 16.08 -20.81
CA ASN A 297 -3.87 14.68 -20.53
C ASN A 297 -3.88 14.49 -19.00
N PHE A 298 -5.08 14.63 -18.45
CA PHE A 298 -5.25 15.15 -17.08
C PHE A 298 -5.49 14.14 -15.96
N PHE A 299 -4.74 14.34 -14.88
CA PHE A 299 -5.13 13.83 -13.56
C PHE A 299 -5.79 14.95 -12.79
N SER A 300 -6.93 14.65 -12.19
CA SER A 300 -7.79 15.67 -11.60
C SER A 300 -7.36 16.00 -10.18
N SER A 301 -6.91 14.99 -9.45
CA SER A 301 -6.55 15.13 -8.05
C SER A 301 -5.32 14.31 -7.67
N PHE A 302 -4.88 14.53 -6.44
CA PHE A 302 -3.99 13.60 -5.74
C PHE A 302 -4.32 13.57 -4.25
N THR A 303 -4.03 12.44 -3.59
CA THR A 303 -3.93 12.49 -2.14
C THR A 303 -2.59 11.98 -1.62
N LEU A 304 -2.10 12.59 -0.55
CA LEU A 304 -0.84 12.22 0.07
C LEU A 304 -1.09 11.20 1.15
N MET A 305 -0.21 10.21 1.24
CA MET A 305 -0.35 9.14 2.23
C MET A 305 0.91 8.85 3.05
N LYS A 306 0.69 8.44 4.29
CA LYS A 306 1.76 8.08 5.23
C LYS A 306 1.63 6.59 5.55
N LEU A 307 2.76 5.93 5.78
CA LEU A 307 2.74 4.53 6.16
C LEU A 307 2.36 4.39 7.63
N ARG A 308 1.83 3.25 8.01
CA ARG A 308 1.43 2.96 9.40
C ARG A 308 2.21 1.77 9.95
N HIS A 309 2.96 1.11 9.10
CA HIS A 309 3.88 0.08 9.54
C HIS A 309 5.24 0.31 8.88
N SER A 310 6.28 -0.26 9.48
CA SER A 310 7.59 -0.18 8.88
C SER A 310 7.55 -0.71 7.45
N SER A 311 8.40 -0.10 6.61
CA SER A 311 8.70 -0.61 5.30
C SER A 311 9.24 -2.07 5.35
N ALA A 312 9.60 -2.53 6.55
CA ALA A 312 9.96 -3.94 6.71
C ALA A 312 8.82 -4.88 6.32
N LEU A 313 7.59 -4.40 6.43
CA LEU A 313 6.41 -5.20 6.06
C LEU A 313 6.37 -5.40 4.54
N GLY A 314 6.74 -4.34 3.81
CA GLY A 314 6.87 -4.41 2.37
C GLY A 314 7.99 -5.36 2.04
N GLY A 315 9.05 -5.29 2.83
CA GLY A 315 10.21 -6.14 2.65
C GLY A 315 9.81 -7.58 2.74
N ALA A 316 9.08 -7.91 3.81
CA ALA A 316 8.62 -9.27 4.03
C ALA A 316 7.79 -9.70 2.84
N SER A 317 6.89 -8.82 2.41
CA SER A 317 6.04 -9.11 1.28
C SER A 317 6.84 -9.48 0.03
N LEU A 318 7.82 -8.64 -0.33
CA LEU A 318 8.70 -8.88 -1.48
C LEU A 318 9.62 -10.10 -1.34
N GLY A 319 10.10 -10.39 -0.12
CA GLY A 319 10.89 -11.59 0.16
C GLY A 319 10.13 -12.88 -0.12
N ALA A 320 8.88 -12.94 0.31
CA ALA A 320 8.01 -14.05 -0.06
C ALA A 320 7.80 -14.12 -1.58
N ARG A 321 7.46 -12.98 -2.21
CA ARG A 321 7.27 -12.94 -3.67
C ARG A 321 8.49 -13.51 -4.41
N HIS A 322 9.69 -13.18 -3.92
CA HIS A 322 10.92 -13.70 -4.53
C HIS A 322 11.00 -15.23 -4.58
N ILE A 323 10.43 -15.92 -3.59
CA ILE A 323 10.31 -17.37 -3.69
C ILE A 323 8.97 -17.77 -4.29
N GLY A 324 8.39 -18.87 -3.81
CA GLY A 324 7.05 -19.21 -4.23
C GLY A 324 6.00 -18.18 -3.83
N HIS A 325 5.99 -17.86 -2.54
CA HIS A 325 4.80 -17.42 -1.82
C HIS A 325 4.23 -16.00 -2.12
N LEU A 326 2.95 -15.83 -1.81
CA LEU A 326 2.34 -14.51 -1.67
C LEU A 326 1.83 -14.30 -0.25
N LEU A 327 2.40 -13.32 0.45
CA LEU A 327 1.90 -12.88 1.74
C LEU A 327 0.63 -12.05 1.60
N PRO A 328 -0.45 -12.48 2.28
CA PRO A 328 -1.63 -11.65 2.42
C PRO A 328 -1.26 -10.36 3.15
N MET A 329 -1.92 -9.26 2.79
CA MET A 329 -1.58 -7.95 3.30
C MET A 329 -2.86 -7.16 3.51
N ASP A 330 -2.93 -6.42 4.61
CA ASP A 330 -4.10 -5.63 4.96
C ASP A 330 -3.85 -4.17 4.56
N TYR A 331 -3.83 -3.91 3.25
CA TYR A 331 -3.38 -2.61 2.74
C TYR A 331 -4.09 -1.36 3.29
N SER A 332 -5.34 -1.50 3.72
CA SER A 332 -6.09 -0.40 4.35
C SER A 332 -5.40 0.06 5.63
N ALA A 333 -4.94 -0.92 6.42
CA ALA A 333 -4.30 -0.66 7.71
C ALA A 333 -2.89 -0.06 7.56
N ASN A 334 -2.23 -0.40 6.45
CA ASN A 334 -0.81 -0.04 6.27
C ASN A 334 -0.52 1.41 5.94
N ALA A 335 -1.49 2.12 5.39
CA ALA A 335 -1.28 3.51 5.02
C ALA A 335 -2.56 4.31 5.22
N ILE A 336 -2.43 5.62 5.50
CA ILE A 336 -3.57 6.53 5.67
C ILE A 336 -3.35 7.86 4.95
N ALA A 337 -4.46 8.43 4.49
CA ALA A 337 -4.48 9.75 3.85
C ALA A 337 -4.25 10.87 4.86
N PHE A 338 -3.46 11.87 4.50
CA PHE A 338 -3.33 13.07 5.37
C PHE A 338 -3.61 14.41 4.67
N TYR A 339 -3.58 14.42 3.34
CA TYR A 339 -3.89 15.63 2.59
C TYR A 339 -4.37 15.27 1.19
N SER A 340 -5.27 16.11 0.69
CA SER A 340 -5.94 15.89 -0.57
C SER A 340 -6.08 17.22 -1.30
N TYR A 341 -5.95 17.17 -2.62
CA TYR A 341 -6.04 18.39 -3.42
C TYR A 341 -6.51 18.03 -4.80
N THR A 342 -7.49 18.76 -5.30
CA THR A 342 -7.94 18.55 -6.67
C THR A 342 -7.77 19.87 -7.44
N PHE A 343 -7.06 19.82 -8.56
CA PHE A 343 -6.73 21.03 -9.32
C PHE A 343 -7.99 21.66 -9.85
N SER A 344 -8.19 22.92 -9.47
CA SER A 344 -9.33 23.66 -9.91
C SER A 344 -8.87 24.68 -10.96
N GLY B 6 -32.61 -8.85 -33.88
CA GLY B 6 -32.94 -8.58 -32.45
C GLY B 6 -32.30 -9.55 -31.47
N GLY B 7 -31.79 -9.00 -30.38
CA GLY B 7 -31.30 -9.82 -29.27
C GLY B 7 -31.87 -9.29 -27.98
N VAL B 8 -31.95 -10.13 -26.95
CA VAL B 8 -32.40 -9.70 -25.62
C VAL B 8 -31.35 -10.00 -24.56
N GLU B 9 -31.03 -8.98 -23.76
CA GLU B 9 -30.21 -9.17 -22.57
C GLU B 9 -31.12 -9.41 -21.38
N GLY B 10 -31.14 -10.65 -20.90
CA GLY B 10 -31.92 -11.01 -19.70
C GLY B 10 -31.16 -10.75 -18.40
N GLY B 11 -31.90 -10.32 -17.39
CA GLY B 11 -31.30 -9.93 -16.11
C GLY B 11 -32.23 -10.12 -14.93
N GLY B 12 -31.67 -10.07 -13.73
CA GLY B 12 -32.42 -10.21 -12.47
C GLY B 12 -32.99 -8.91 -11.96
N THR B 13 -32.54 -7.79 -12.52
CA THR B 13 -33.10 -6.46 -12.20
C THR B 13 -33.59 -5.69 -13.45
N ARG B 14 -32.82 -5.76 -14.53
CA ARG B 14 -33.18 -5.04 -15.78
C ARG B 14 -32.95 -5.87 -17.05
N SER B 15 -33.70 -5.55 -18.10
CA SER B 15 -33.57 -6.23 -19.40
C SER B 15 -33.68 -5.26 -20.59
N GLU B 16 -33.03 -5.61 -21.70
CA GLU B 16 -32.89 -4.69 -22.84
C GLU B 16 -32.86 -5.42 -24.18
N VAL B 17 -33.59 -4.86 -25.14
CA VAL B 17 -33.73 -5.46 -26.48
C VAL B 17 -33.14 -4.56 -27.59
N LEU B 18 -32.15 -5.08 -28.32
CA LEU B 18 -31.54 -4.37 -29.45
C LEU B 18 -31.61 -5.21 -30.73
N ALA B 30 -34.69 -0.59 -26.80
CA ALA B 30 -35.78 -0.53 -25.82
C ALA B 30 -35.40 -1.19 -24.49
N ASP B 31 -36.02 -0.70 -23.41
CA ASP B 31 -35.63 -1.06 -22.04
C ASP B 31 -36.62 -2.03 -21.39
N GLY B 32 -36.45 -2.32 -20.10
CA GLY B 32 -37.34 -3.21 -19.34
C GLY B 32 -36.83 -3.72 -17.99
N LEU B 33 -37.64 -4.56 -17.34
CA LEU B 33 -37.30 -5.14 -16.03
C LEU B 33 -36.82 -6.61 -16.15
N SER B 34 -36.73 -7.31 -15.03
CA SER B 34 -36.14 -8.65 -15.00
C SER B 34 -36.87 -9.67 -15.87
N THR B 35 -36.13 -10.67 -16.36
CA THR B 35 -36.71 -11.75 -17.14
C THR B 35 -36.15 -13.14 -16.74
N ASN B 36 -35.98 -13.37 -15.43
CA ASN B 36 -35.54 -14.68 -14.92
C ASN B 36 -36.72 -15.52 -14.44
N HIS B 37 -37.01 -16.61 -15.14
CA HIS B 37 -38.24 -17.37 -14.92
C HIS B 37 -38.26 -18.10 -13.57
N ILE B 40 -39.58 -15.09 -11.18
CA ILE B 40 -40.79 -14.35 -11.56
C ILE B 40 -41.83 -15.23 -12.27
N GLY B 41 -41.37 -16.32 -12.88
CA GLY B 41 -42.27 -17.23 -13.59
C GLY B 41 -42.09 -17.19 -15.10
N THR B 42 -42.34 -18.34 -15.73
CA THR B 42 -42.27 -18.48 -17.19
C THR B 42 -43.34 -17.61 -17.85
N ASP B 43 -44.52 -17.57 -17.23
CA ASP B 43 -45.65 -16.79 -17.73
C ASP B 43 -45.35 -15.29 -17.75
N LYS B 44 -44.69 -14.81 -16.69
CA LYS B 44 -44.30 -13.41 -16.57
C LYS B 44 -43.12 -13.07 -17.47
N CYS B 45 -42.29 -14.08 -17.74
CA CYS B 45 -41.17 -13.96 -18.67
C CYS B 45 -41.62 -13.63 -20.09
N VAL B 46 -42.48 -14.48 -20.65
CA VAL B 46 -42.91 -14.35 -22.05
C VAL B 46 -43.71 -13.07 -22.31
N GLU B 47 -44.38 -12.57 -21.27
CA GLU B 47 -45.10 -11.29 -21.30
C GLU B 47 -44.15 -10.10 -21.51
N ARG B 48 -43.12 -10.03 -20.68
CA ARG B 48 -42.14 -8.96 -20.73
C ARG B 48 -41.23 -9.03 -21.98
N ILE B 49 -40.95 -10.26 -22.43
CA ILE B 49 -40.20 -10.52 -23.67
C ILE B 49 -41.04 -10.21 -24.91
N ASN B 50 -42.35 -10.45 -24.83
CA ASN B 50 -43.23 -10.16 -25.95
C ASN B 50 -43.43 -8.67 -26.18
N GLU B 51 -43.58 -7.90 -25.09
CA GLU B 51 -43.69 -6.44 -25.17
C GLU B 51 -42.44 -5.84 -25.82
N MET B 52 -41.28 -6.30 -25.35
CA MET B 52 -39.97 -5.87 -25.85
C MET B 52 -39.63 -6.45 -27.24
N GLY B 61 -34.59 5.65 -45.11
CA GLY B 61 -35.51 5.06 -44.12
C GLY B 61 -35.40 3.54 -44.01
N VAL B 62 -36.33 2.95 -43.28
CA VAL B 62 -36.38 1.49 -43.07
C VAL B 62 -37.68 0.92 -43.67
N ASP B 63 -38.38 0.06 -42.94
CA ASP B 63 -39.58 -0.63 -43.44
C ASP B 63 -40.35 -1.27 -42.27
N PRO B 64 -41.71 -1.16 -42.26
CA PRO B 64 -42.52 -1.73 -41.17
C PRO B 64 -42.91 -3.22 -41.29
N LEU B 65 -43.32 -3.65 -42.49
CA LEU B 65 -43.73 -5.04 -42.76
C LEU B 65 -42.70 -5.78 -43.64
N VAL B 66 -41.45 -5.80 -43.17
CA VAL B 66 -40.31 -6.37 -43.91
C VAL B 66 -39.31 -7.07 -42.96
N PRO B 67 -39.17 -8.41 -43.09
CA PRO B 67 -38.22 -9.26 -42.37
C PRO B 67 -36.83 -8.66 -42.12
N LEU B 68 -36.32 -8.96 -40.92
CA LEU B 68 -35.00 -8.54 -40.48
C LEU B 68 -33.99 -9.64 -40.81
N ARG B 69 -33.21 -10.07 -39.81
CA ARG B 69 -32.23 -11.18 -39.92
C ARG B 69 -31.85 -11.87 -38.59
N SER B 70 -32.51 -11.52 -37.48
CA SER B 70 -32.10 -11.99 -36.12
C SER B 70 -33.25 -12.11 -35.06
N LEU B 71 -32.97 -12.64 -33.84
CA LEU B 71 -34.00 -12.71 -32.73
C LEU B 71 -33.75 -13.60 -31.45
N GLY B 72 -32.51 -13.69 -30.94
CA GLY B 72 -32.19 -14.65 -29.87
C GLY B 72 -32.05 -14.13 -28.44
N LEU B 73 -32.67 -14.83 -27.48
CA LEU B 73 -32.71 -14.37 -26.08
C LEU B 73 -31.65 -14.96 -25.13
N SER B 74 -30.68 -14.12 -24.80
CA SER B 74 -29.58 -14.44 -23.91
C SER B 74 -29.95 -14.06 -22.47
N LEU B 75 -30.49 -15.05 -21.75
CA LEU B 75 -31.20 -14.81 -20.50
C LEU B 75 -30.49 -15.41 -19.29
N SER B 76 -30.54 -14.70 -18.17
CA SER B 76 -30.16 -15.29 -16.88
C SER B 76 -31.28 -16.23 -16.44
N GLY B 77 -30.90 -17.43 -15.99
CA GLY B 77 -31.84 -18.50 -15.70
C GLY B 77 -32.07 -19.42 -16.89
N GLY B 78 -31.65 -18.97 -18.08
CA GLY B 78 -31.85 -19.71 -19.34
C GLY B 78 -30.91 -20.93 -19.52
N GLU B 81 -31.85 -31.69 -18.30
CA GLU B 81 -32.99 -30.82 -18.02
C GLU B 81 -32.81 -29.42 -18.62
N ASP B 82 -33.79 -29.01 -19.42
CA ASP B 82 -33.86 -27.64 -19.96
C ASP B 82 -35.30 -27.10 -19.99
N ALA B 83 -35.54 -26.12 -19.12
CA ALA B 83 -36.83 -25.42 -19.00
C ALA B 83 -36.91 -24.15 -19.87
N GLY B 84 -35.76 -23.74 -20.42
CA GLY B 84 -35.70 -22.67 -21.40
C GLY B 84 -36.30 -23.11 -22.72
N ARG B 85 -36.23 -24.42 -22.99
CA ARG B 85 -36.80 -25.04 -24.17
C ARG B 85 -38.33 -24.92 -24.20
N ILE B 86 -38.92 -24.86 -23.00
CA ILE B 86 -40.37 -24.68 -22.82
C ILE B 86 -40.76 -23.19 -22.90
N LEU B 87 -39.85 -22.31 -22.49
CA LEU B 87 -40.05 -20.85 -22.53
C LEU B 87 -40.30 -20.30 -23.95
N ILE B 88 -39.49 -20.72 -24.92
CA ILE B 88 -39.65 -20.28 -26.32
C ILE B 88 -40.94 -20.85 -26.93
N GLU B 89 -41.35 -22.02 -26.45
CA GLU B 89 -42.56 -22.68 -26.95
C GLU B 89 -43.85 -22.02 -26.45
N GLU B 90 -43.73 -21.30 -25.33
CA GLU B 90 -44.79 -20.39 -24.86
C GLU B 90 -45.00 -19.21 -25.83
N LEU B 91 -44.05 -19.03 -26.75
CA LEU B 91 -44.18 -18.11 -27.87
C LEU B 91 -44.50 -18.88 -29.16
N ARG B 92 -45.15 -20.04 -28.99
CA ARG B 92 -45.75 -20.78 -30.11
C ARG B 92 -47.19 -21.17 -29.77
N ASP B 93 -47.59 -20.89 -28.53
CA ASP B 93 -48.94 -21.14 -28.04
C ASP B 93 -49.69 -19.82 -27.85
N ARG B 94 -48.98 -18.80 -27.35
CA ARG B 94 -49.58 -17.52 -26.99
C ARG B 94 -49.40 -16.45 -28.06
N PHE B 95 -48.19 -16.33 -28.59
CA PHE B 95 -47.88 -15.34 -29.63
C PHE B 95 -47.08 -15.97 -30.78
N PRO B 96 -47.76 -16.24 -31.92
CA PRO B 96 -47.10 -16.83 -33.10
C PRO B 96 -46.48 -15.78 -34.03
N TYR B 97 -46.37 -14.54 -33.55
CA TYR B 97 -45.74 -13.45 -34.31
C TYR B 97 -44.69 -12.75 -33.43
N LEU B 98 -43.82 -11.97 -34.06
CA LEU B 98 -42.53 -11.52 -33.48
C LEU B 98 -41.52 -12.67 -33.68
N SER B 99 -41.16 -12.90 -34.94
CA SER B 99 -40.40 -14.09 -35.34
C SER B 99 -39.42 -13.89 -36.49
N GLU B 100 -38.34 -14.68 -36.46
CA GLU B 100 -37.26 -14.73 -37.43
C GLU B 100 -36.22 -15.69 -36.85
N SER B 101 -36.18 -15.76 -35.51
CA SER B 101 -35.35 -16.72 -34.77
C SER B 101 -35.99 -17.14 -33.43
N TYR B 102 -35.57 -18.31 -32.95
CA TYR B 102 -36.10 -18.92 -31.71
C TYR B 102 -34.95 -19.66 -31.02
N LEU B 103 -34.12 -18.90 -30.31
CA LEU B 103 -32.94 -19.43 -29.61
C LEU B 103 -32.88 -18.97 -28.15
N ILE B 104 -32.47 -19.88 -27.26
CA ILE B 104 -32.27 -19.57 -25.84
C ILE B 104 -30.82 -19.84 -25.43
N THR B 105 -30.12 -18.80 -24.98
CA THR B 105 -28.79 -18.93 -24.39
C THR B 105 -28.76 -18.28 -23.03
N THR B 106 -27.73 -18.62 -22.26
CA THR B 106 -27.48 -17.95 -20.99
C THR B 106 -26.91 -16.55 -21.24
N ASP B 107 -27.03 -15.66 -20.26
CA ASP B 107 -26.58 -14.26 -20.41
C ASP B 107 -25.12 -14.13 -20.80
N ALA B 108 -24.25 -14.86 -20.09
CA ALA B 108 -22.80 -14.92 -20.35
C ALA B 108 -22.41 -15.23 -21.82
N ALA B 109 -23.08 -16.24 -22.40
CA ALA B 109 -22.86 -16.66 -23.80
C ALA B 109 -23.09 -15.52 -24.78
N GLY B 110 -24.16 -14.76 -24.56
CA GLY B 110 -24.45 -13.56 -25.33
C GLY B 110 -23.46 -12.44 -25.09
N SER B 111 -22.94 -12.37 -23.85
CA SER B 111 -21.92 -11.38 -23.47
C SER B 111 -20.55 -11.58 -24.13
N ILE B 112 -20.12 -12.85 -24.28
CA ILE B 112 -18.89 -13.15 -25.02
C ILE B 112 -19.03 -12.84 -26.51
N ALA B 113 -20.24 -13.03 -27.04
CA ALA B 113 -20.51 -12.75 -28.46
C ALA B 113 -20.60 -11.26 -28.82
N THR B 114 -20.55 -10.39 -27.81
CA THR B 114 -20.49 -8.93 -28.00
C THR B 114 -19.04 -8.43 -28.01
N ALA B 115 -18.16 -9.16 -27.34
CA ALA B 115 -16.72 -8.89 -27.34
C ALA B 115 -16.17 -9.40 -28.67
N THR B 116 -14.87 -9.72 -28.72
CA THR B 116 -14.34 -10.41 -29.90
C THR B 116 -15.03 -11.79 -30.02
N PRO B 117 -15.57 -12.11 -31.24
CA PRO B 117 -16.02 -13.46 -31.61
C PRO B 117 -14.99 -14.57 -31.29
N ASP B 118 -15.44 -15.83 -31.36
CA ASP B 118 -14.61 -17.04 -31.20
C ASP B 118 -13.75 -17.24 -29.90
N GLY B 119 -14.15 -16.65 -28.78
CA GLY B 119 -13.54 -17.01 -27.48
C GLY B 119 -13.11 -15.95 -26.45
N GLY B 120 -13.61 -16.09 -25.22
CA GLY B 120 -13.18 -15.23 -24.10
C GLY B 120 -13.72 -15.62 -22.71
N VAL B 121 -13.36 -14.82 -21.71
CA VAL B 121 -13.81 -15.03 -20.33
C VAL B 121 -14.76 -13.94 -19.86
N VAL B 122 -15.90 -14.34 -19.29
CA VAL B 122 -16.85 -13.38 -18.73
C VAL B 122 -17.11 -13.60 -17.26
N LEU B 123 -16.89 -12.54 -16.50
CA LEU B 123 -17.29 -12.47 -15.11
C LEU B 123 -18.50 -11.57 -14.99
N ILE B 124 -19.62 -12.16 -14.58
CA ILE B 124 -20.81 -11.39 -14.27
C ILE B 124 -20.90 -11.17 -12.76
N SER B 125 -20.95 -9.90 -12.36
CA SER B 125 -21.35 -9.55 -10.98
C SER B 125 -22.33 -8.39 -11.00
N GLY B 126 -23.61 -8.73 -10.95
CA GLY B 126 -24.66 -7.73 -10.85
C GLY B 126 -25.55 -8.26 -9.76
N THR B 127 -26.82 -8.43 -10.08
CA THR B 127 -27.76 -9.04 -9.15
C THR B 127 -27.32 -10.48 -8.81
N GLY B 128 -26.85 -11.21 -9.80
CA GLY B 128 -26.31 -12.55 -9.60
C GLY B 128 -24.86 -12.72 -10.02
N SER B 129 -24.41 -13.97 -10.08
CA SER B 129 -23.02 -14.34 -10.37
C SER B 129 -22.90 -15.39 -11.46
N ASN B 130 -21.90 -15.22 -12.32
CA ASN B 130 -21.50 -16.26 -13.26
C ASN B 130 -20.10 -16.02 -13.79
N CYS B 131 -19.42 -17.11 -14.11
CA CYS B 131 -18.18 -17.06 -14.87
C CYS B 131 -18.31 -18.13 -15.93
N ARG B 132 -18.16 -17.73 -17.20
CA ARG B 132 -18.07 -18.68 -18.32
C ARG B 132 -16.92 -18.35 -19.27
N LEU B 133 -16.49 -19.38 -19.98
CA LEU B 133 -15.32 -19.34 -20.83
C LEU B 133 -15.65 -20.07 -22.12
N ILE B 134 -15.19 -19.53 -23.25
CA ILE B 134 -15.12 -20.29 -24.52
C ILE B 134 -13.72 -20.18 -25.12
N ASN B 135 -13.18 -21.30 -25.57
CA ASN B 135 -11.86 -21.36 -26.18
C ASN B 135 -11.89 -21.23 -27.70
N PRO B 136 -10.83 -20.65 -28.29
CA PRO B 136 -10.62 -20.69 -29.73
C PRO B 136 -11.25 -21.92 -30.42
N ASP B 137 -11.10 -23.10 -29.82
CA ASP B 137 -11.66 -24.35 -30.38
C ASP B 137 -13.13 -24.61 -30.02
N GLY B 138 -13.82 -23.59 -29.53
CA GLY B 138 -15.26 -23.68 -29.28
C GLY B 138 -15.65 -24.73 -28.26
N SER B 139 -14.91 -24.78 -27.14
CA SER B 139 -15.25 -25.64 -26.01
C SER B 139 -15.72 -24.75 -24.87
N GLU B 140 -16.75 -25.19 -24.16
CA GLU B 140 -17.46 -24.35 -23.20
C GLU B 140 -17.31 -24.83 -21.77
N SER B 141 -16.78 -23.94 -20.93
CA SER B 141 -16.62 -24.21 -19.50
C SER B 141 -17.13 -23.03 -18.69
N GLY B 142 -17.49 -23.32 -17.44
CA GLY B 142 -18.10 -22.34 -16.56
C GLY B 142 -17.93 -22.63 -15.09
N CYS B 143 -17.99 -21.56 -14.29
CA CYS B 143 -18.00 -21.67 -12.84
C CYS B 143 -19.23 -20.97 -12.30
N GLY B 144 -19.84 -21.64 -11.34
CA GLY B 144 -21.23 -21.43 -10.89
C GLY B 144 -22.03 -20.18 -11.14
N GLY B 145 -23.06 -20.31 -11.98
CA GLY B 145 -24.16 -19.35 -12.04
C GLY B 145 -25.46 -19.98 -11.56
N TRP B 146 -25.46 -20.43 -10.32
CA TRP B 146 -26.53 -21.30 -9.80
C TRP B 146 -27.61 -20.56 -9.03
N GLY B 147 -27.54 -19.23 -9.01
CA GLY B 147 -28.51 -18.40 -8.30
C GLY B 147 -28.41 -18.44 -6.78
N HIS B 148 -29.32 -17.69 -6.15
CA HIS B 148 -29.25 -17.35 -4.73
C HIS B 148 -29.46 -18.53 -3.76
N MET B 149 -30.12 -19.59 -4.23
CA MET B 149 -30.36 -20.76 -3.37
C MET B 149 -29.19 -21.75 -3.29
N MET B 150 -28.13 -21.52 -4.08
CA MET B 150 -26.99 -22.44 -4.16
C MET B 150 -25.63 -21.80 -4.49
N GLY B 151 -25.58 -20.47 -4.61
CA GLY B 151 -24.29 -19.80 -4.78
C GLY B 151 -24.40 -18.30 -4.83
N ASP B 152 -24.26 -17.74 -6.04
CA ASP B 152 -24.18 -16.29 -6.30
C ASP B 152 -23.05 -15.59 -5.58
N GLU B 153 -22.00 -16.32 -5.24
CA GLU B 153 -20.83 -15.72 -4.58
C GLU B 153 -20.38 -14.50 -5.37
N GLY B 154 -20.10 -13.41 -4.66
CA GLY B 154 -19.53 -12.22 -5.24
C GLY B 154 -20.53 -11.34 -5.97
N SER B 155 -21.81 -11.59 -5.77
CA SER B 155 -22.85 -10.82 -6.47
C SER B 155 -23.36 -9.74 -5.55
N ALA B 156 -24.25 -8.89 -6.07
CA ALA B 156 -24.94 -7.90 -5.25
C ALA B 156 -25.81 -8.58 -4.19
N TYR B 157 -26.52 -9.65 -4.56
CA TYR B 157 -27.31 -10.41 -3.58
C TYR B 157 -26.46 -11.06 -2.47
N TRP B 158 -25.26 -11.51 -2.82
CA TRP B 158 -24.40 -12.18 -1.85
C TRP B 158 -23.88 -11.16 -0.84
N ILE B 159 -23.55 -9.97 -1.33
CA ILE B 159 -23.06 -8.86 -0.51
C ILE B 159 -24.16 -8.38 0.43
N ALA B 160 -25.38 -8.31 -0.10
CA ALA B 160 -26.56 -7.95 0.70
C ALA B 160 -26.78 -9.00 1.80
N HIS B 161 -26.88 -10.27 1.39
CA HIS B 161 -27.10 -11.40 2.29
C HIS B 161 -26.05 -11.49 3.40
N GLN B 162 -24.77 -11.31 3.04
CA GLN B 162 -23.69 -11.46 4.02
C GLN B 162 -23.74 -10.37 5.08
N ALA B 163 -24.01 -9.16 4.63
CA ALA B 163 -24.22 -8.02 5.53
C ALA B 163 -25.25 -8.35 6.61
N VAL B 164 -26.41 -8.90 6.23
CA VAL B 164 -27.44 -9.23 7.22
C VAL B 164 -27.13 -10.49 8.05
N LYS B 165 -26.55 -11.51 7.42
CA LYS B 165 -26.16 -12.75 8.12
C LYS B 165 -25.17 -12.47 9.24
N ILE B 166 -24.14 -11.69 8.90
CA ILE B 166 -23.15 -11.24 9.87
C ILE B 166 -23.80 -10.56 11.09
N VAL B 167 -24.74 -9.63 10.88
CA VAL B 167 -25.38 -8.96 12.01
C VAL B 167 -26.26 -9.91 12.82
N PHE B 168 -27.12 -10.65 12.13
CA PHE B 168 -27.98 -11.66 12.75
C PHE B 168 -27.19 -12.56 13.67
N ASP B 169 -26.09 -13.09 13.16
CA ASP B 169 -25.25 -13.98 13.92
C ASP B 169 -24.47 -13.28 15.03
N SER B 170 -24.20 -11.98 14.85
CA SER B 170 -23.47 -11.25 15.87
C SER B 170 -24.35 -11.05 17.11
N ILE B 171 -25.57 -10.58 16.89
CA ILE B 171 -26.56 -10.39 17.94
C ILE B 171 -26.95 -11.72 18.59
N ASP B 172 -27.14 -12.76 17.76
CA ASP B 172 -27.38 -14.13 18.26
C ASP B 172 -26.24 -14.62 19.12
N ASN B 173 -25.07 -14.04 18.87
CA ASN B 173 -23.83 -14.50 19.46
C ASN B 173 -23.40 -15.90 18.99
N LEU B 174 -23.77 -16.26 17.76
CA LEU B 174 -23.30 -17.49 17.14
C LEU B 174 -21.87 -17.32 16.59
N GLU B 175 -21.64 -16.19 15.92
CA GLU B 175 -20.31 -15.86 15.43
C GLU B 175 -20.08 -14.39 15.63
N ALA B 176 -18.95 -14.05 16.22
CA ALA B 176 -18.53 -12.68 16.40
C ALA B 176 -18.15 -12.06 15.07
N ALA B 177 -18.60 -10.82 14.86
CA ALA B 177 -18.31 -10.10 13.63
C ALA B 177 -16.83 -9.74 13.51
N PRO B 178 -16.26 -9.89 12.30
CA PRO B 178 -14.84 -9.61 12.03
C PRO B 178 -14.52 -8.14 12.24
N HIS B 179 -15.56 -7.33 12.44
CA HIS B 179 -15.46 -5.93 12.73
C HIS B 179 -16.79 -5.51 13.38
N ASP B 180 -17.04 -4.21 13.43
CA ASP B 180 -18.20 -3.65 14.12
C ASP B 180 -19.51 -3.57 13.31
N ILE B 181 -20.54 -4.15 13.92
CA ILE B 181 -21.89 -4.30 13.36
C ILE B 181 -22.65 -2.98 13.23
N GLY B 182 -22.39 -2.05 14.15
CA GLY B 182 -23.15 -0.82 14.28
C GLY B 182 -23.68 -0.27 12.98
N TYR B 183 -22.76 0.19 12.12
CA TYR B 183 -23.12 0.82 10.86
C TYR B 183 -23.96 -0.06 9.93
N VAL B 184 -23.56 -1.32 9.76
CA VAL B 184 -24.34 -2.25 8.94
C VAL B 184 -25.72 -2.50 9.54
N LYS B 185 -25.77 -2.79 10.84
CA LYS B 185 -27.05 -2.97 11.52
C LYS B 185 -28.01 -1.81 11.20
N GLN B 186 -27.57 -0.59 11.49
CA GLN B 186 -28.35 0.61 11.26
C GLN B 186 -28.79 0.74 9.80
N ALA B 187 -27.85 0.51 8.88
CA ALA B 187 -28.17 0.55 7.46
C ALA B 187 -29.27 -0.45 7.08
N MET B 188 -29.11 -1.71 7.52
CA MET B 188 -30.15 -2.75 7.35
C MET B 188 -31.58 -2.28 7.74
N PHE B 189 -31.71 -1.64 8.90
CA PHE B 189 -33.02 -1.15 9.36
C PHE B 189 -33.55 -0.02 8.48
N HIS B 190 -32.75 1.04 8.32
CA HIS B 190 -33.10 2.23 7.54
C HIS B 190 -33.56 1.85 6.14
N TYR B 191 -32.99 0.77 5.60
CA TYR B 191 -33.24 0.34 4.21
C TYR B 191 -34.52 -0.47 4.06
N PHE B 192 -34.58 -1.62 4.73
CA PHE B 192 -35.76 -2.48 4.72
C PHE B 192 -36.94 -1.91 5.51
N GLN B 193 -36.67 -0.83 6.25
CA GLN B 193 -37.66 -0.10 7.04
C GLN B 193 -38.40 -1.00 8.04
N VAL B 194 -37.63 -1.66 8.90
CA VAL B 194 -38.18 -2.43 10.03
C VAL B 194 -37.44 -2.04 11.33
N PRO B 195 -38.02 -2.37 12.50
CA PRO B 195 -37.29 -2.01 13.71
C PRO B 195 -36.37 -3.12 14.27
N ASP B 196 -36.59 -4.36 13.85
CA ASP B 196 -35.89 -5.51 14.44
C ASP B 196 -35.58 -6.58 13.41
N ARG B 197 -34.77 -7.54 13.82
CA ARG B 197 -34.44 -8.69 12.98
C ARG B 197 -35.68 -9.44 12.52
N LEU B 198 -36.68 -9.55 13.38
CA LEU B 198 -37.94 -10.22 13.05
C LEU B 198 -38.67 -9.59 11.84
N GLY B 199 -38.42 -8.30 11.63
CA GLY B 199 -38.99 -7.56 10.50
C GLY B 199 -38.35 -7.89 9.16
N ILE B 200 -37.10 -8.35 9.20
CA ILE B 200 -36.39 -8.78 8.00
C ILE B 200 -37.01 -10.07 7.42
N LEU B 201 -37.51 -10.92 8.31
CA LEU B 201 -38.03 -12.23 7.92
C LEU B 201 -39.12 -12.20 6.85
N THR B 202 -40.03 -11.23 6.94
CA THR B 202 -41.03 -11.04 5.87
C THR B 202 -40.36 -10.76 4.51
N HIS B 203 -39.28 -9.98 4.51
CA HIS B 203 -38.57 -9.63 3.28
C HIS B 203 -37.86 -10.83 2.66
N LEU B 204 -37.84 -11.95 3.38
CA LEU B 204 -37.13 -13.16 2.97
C LEU B 204 -38.04 -14.33 2.57
N TYR B 205 -39.26 -14.34 3.08
CA TYR B 205 -40.21 -15.42 2.77
C TYR B 205 -41.43 -14.95 1.98
N ARG B 206 -42.48 -14.49 2.66
CA ARG B 206 -43.68 -14.04 1.94
C ARG B 206 -43.40 -13.01 0.83
N ASP B 207 -42.61 -11.99 1.13
CA ASP B 207 -42.37 -10.92 0.18
C ASP B 207 -41.27 -11.27 -0.84
N PHE B 208 -40.12 -11.72 -0.34
CA PHE B 208 -38.91 -11.97 -1.14
C PHE B 208 -38.91 -11.51 -2.60
N ASP B 209 -38.11 -10.47 -2.84
CA ASP B 209 -37.84 -9.92 -4.14
C ASP B 209 -36.31 -9.85 -4.20
N LYS B 210 -35.70 -10.79 -4.93
CA LYS B 210 -34.24 -10.86 -5.15
C LYS B 210 -33.70 -9.52 -5.61
N CYS B 211 -34.54 -8.79 -6.33
CA CYS B 211 -34.19 -7.51 -6.91
C CYS B 211 -34.19 -6.35 -5.90
N ARG B 212 -35.19 -6.32 -5.03
CA ARG B 212 -35.22 -5.34 -3.94
C ARG B 212 -34.08 -5.58 -2.96
N PHE B 213 -33.95 -6.84 -2.53
CA PHE B 213 -32.98 -7.25 -1.53
C PHE B 213 -31.56 -6.95 -1.99
N ALA B 214 -31.25 -7.33 -3.23
CA ALA B 214 -29.91 -7.12 -3.81
C ALA B 214 -29.54 -5.65 -3.90
N GLY B 215 -30.54 -4.78 -3.97
CA GLY B 215 -30.36 -3.33 -3.88
C GLY B 215 -29.60 -2.88 -2.64
N PHE B 216 -29.76 -3.59 -1.53
CA PHE B 216 -29.06 -3.27 -0.27
C PHE B 216 -27.53 -3.32 -0.40
N CYS B 217 -27.04 -4.04 -1.41
CA CYS B 217 -25.61 -4.04 -1.75
C CYS B 217 -25.09 -2.61 -1.88
N ARG B 218 -25.95 -1.73 -2.41
CA ARG B 218 -25.56 -0.35 -2.67
C ARG B 218 -25.38 0.47 -1.39
N LYS B 219 -25.97 -0.02 -0.30
CA LYS B 219 -25.79 0.62 1.01
C LYS B 219 -24.43 0.29 1.58
N ILE B 220 -24.03 -0.96 1.40
CA ILE B 220 -22.75 -1.44 1.88
C ILE B 220 -21.58 -0.83 1.09
N ALA B 221 -21.79 -0.53 -0.19
CA ALA B 221 -20.79 0.19 -0.99
C ALA B 221 -20.65 1.62 -0.52
N GLU B 222 -21.75 2.20 -0.06
CA GLU B 222 -21.73 3.55 0.51
C GLU B 222 -20.88 3.54 1.78
N GLY B 223 -21.20 2.65 2.71
CA GLY B 223 -20.47 2.56 3.98
C GLY B 223 -19.00 2.20 3.82
N ALA B 224 -18.70 1.44 2.78
CA ALA B 224 -17.31 1.14 2.47
C ALA B 224 -16.58 2.41 2.03
N GLN B 225 -17.32 3.35 1.46
CA GLN B 225 -16.72 4.60 1.01
C GLN B 225 -16.37 5.54 2.17
N GLN B 226 -17.24 5.63 3.18
CA GLN B 226 -16.97 6.41 4.40
C GLN B 226 -15.84 5.78 5.19
N GLY B 227 -15.50 4.54 4.86
CA GLY B 227 -14.41 3.85 5.53
C GLY B 227 -14.79 2.90 6.65
N ASP B 228 -16.04 2.42 6.65
CA ASP B 228 -16.51 1.41 7.62
C ASP B 228 -15.87 0.02 7.38
N PRO B 229 -15.01 -0.41 8.33
CA PRO B 229 -14.34 -1.71 8.34
C PRO B 229 -15.21 -2.90 7.94
N LEU B 230 -16.42 -3.00 8.48
CA LEU B 230 -17.27 -4.14 8.14
C LEU B 230 -17.67 -4.07 6.69
N SER B 231 -18.22 -2.94 6.27
CA SER B 231 -18.57 -2.77 4.87
C SER B 231 -17.36 -3.10 4.01
N ARG B 232 -16.23 -2.45 4.30
CA ARG B 232 -15.02 -2.68 3.51
C ARG B 232 -14.63 -4.16 3.46
N TYR B 233 -14.87 -4.88 4.55
CA TYR B 233 -14.60 -6.31 4.64
C TYR B 233 -15.46 -7.17 3.69
N ILE B 234 -16.77 -6.97 3.72
CA ILE B 234 -17.69 -7.72 2.88
C ILE B 234 -17.32 -7.56 1.40
N PHE B 235 -16.93 -6.34 1.03
CA PHE B 235 -16.55 -6.05 -0.34
C PHE B 235 -15.21 -6.66 -0.68
N ARG B 236 -14.38 -6.85 0.32
CA ARG B 236 -13.13 -7.56 0.13
C ARG B 236 -13.43 -9.03 -0.13
N LYS B 237 -14.24 -9.64 0.74
CA LYS B 237 -14.57 -11.06 0.60
C LYS B 237 -15.24 -11.36 -0.74
N ALA B 238 -16.12 -10.47 -1.19
CA ALA B 238 -16.79 -10.62 -2.48
C ALA B 238 -15.83 -10.48 -3.65
N GLY B 239 -14.82 -9.63 -3.48
CA GLY B 239 -13.71 -9.55 -4.43
C GLY B 239 -12.96 -10.88 -4.52
N GLU B 240 -12.76 -11.53 -3.37
CA GLU B 240 -12.19 -12.87 -3.33
C GLU B 240 -13.03 -13.89 -4.10
N MET B 241 -14.35 -13.89 -3.85
CA MET B 241 -15.27 -14.83 -4.49
C MET B 241 -15.21 -14.71 -6.02
N LEU B 242 -15.09 -13.48 -6.54
CA LEU B 242 -15.00 -13.28 -7.99
C LEU B 242 -13.64 -13.80 -8.45
N GLY B 243 -12.58 -13.42 -7.74
CA GLY B 243 -11.27 -14.02 -7.93
C GLY B 243 -11.30 -15.54 -8.05
N ARG B 244 -12.00 -16.21 -7.12
CA ARG B 244 -12.00 -17.68 -7.07
C ARG B 244 -12.75 -18.30 -8.26
N HIS B 245 -13.58 -17.49 -8.92
CA HIS B 245 -14.24 -17.91 -10.15
C HIS B 245 -13.30 -18.01 -11.34
N ILE B 246 -12.37 -17.05 -11.43
CA ILE B 246 -11.41 -17.08 -12.52
C ILE B 246 -10.50 -18.30 -12.30
N VAL B 247 -10.03 -18.43 -11.05
CA VAL B 247 -9.15 -19.51 -10.64
C VAL B 247 -9.70 -20.90 -11.00
N ALA B 248 -11.03 -21.04 -10.99
CA ALA B 248 -11.69 -22.31 -11.28
C ALA B 248 -11.65 -22.72 -12.78
N VAL B 249 -11.67 -21.74 -13.67
CA VAL B 249 -11.74 -22.03 -15.11
C VAL B 249 -10.36 -22.01 -15.76
N LEU B 250 -9.34 -21.62 -14.99
CA LEU B 250 -7.97 -21.52 -15.48
C LEU B 250 -7.42 -22.79 -16.14
N PRO B 251 -7.64 -24.00 -15.53
CA PRO B 251 -7.07 -25.18 -16.17
C PRO B 251 -7.71 -25.47 -17.52
N GLU B 252 -8.87 -24.88 -17.76
CA GLU B 252 -9.64 -25.17 -18.95
C GLU B 252 -9.21 -24.29 -20.12
N ILE B 253 -8.77 -23.08 -19.80
CA ILE B 253 -8.32 -22.09 -20.78
C ILE B 253 -7.24 -22.68 -21.69
N ASP B 254 -7.38 -22.45 -23.00
CA ASP B 254 -6.38 -22.86 -23.96
C ASP B 254 -5.21 -21.85 -23.92
N PRO B 255 -3.97 -22.37 -23.74
CA PRO B 255 -2.78 -21.60 -23.36
C PRO B 255 -2.39 -20.44 -24.30
N VAL B 256 -3.13 -20.26 -25.39
CA VAL B 256 -2.83 -19.15 -26.33
C VAL B 256 -3.46 -17.82 -25.91
N LEU B 257 -4.55 -17.89 -25.15
CA LEU B 257 -5.21 -16.68 -24.69
C LEU B 257 -4.42 -15.98 -23.59
N PHE B 258 -3.50 -16.73 -22.98
CA PHE B 258 -2.58 -16.17 -21.99
C PHE B 258 -1.56 -15.24 -22.62
N GLN B 259 -1.24 -15.49 -23.88
CA GLN B 259 -0.22 -14.73 -24.62
C GLN B 259 -0.76 -13.43 -25.22
N GLY B 260 -0.03 -12.90 -26.20
CA GLY B 260 -0.38 -11.63 -26.82
C GLY B 260 -0.35 -10.47 -25.83
N LYS B 261 -0.43 -9.26 -26.38
CA LYS B 261 -0.55 -8.05 -25.57
C LYS B 261 -1.81 -8.17 -24.70
N ILE B 262 -1.89 -7.37 -23.65
CA ILE B 262 -3.12 -7.29 -22.84
C ILE B 262 -3.38 -8.57 -22.01
N GLY B 263 -2.64 -9.64 -22.33
CA GLY B 263 -2.74 -10.91 -21.61
C GLY B 263 -4.11 -11.55 -21.72
N LEU B 264 -4.52 -12.27 -20.67
CA LEU B 264 -5.85 -12.89 -20.63
C LEU B 264 -6.94 -11.82 -20.51
N PRO B 265 -7.82 -11.72 -21.52
CA PRO B 265 -8.89 -10.74 -21.46
C PRO B 265 -10.07 -11.24 -20.62
N ILE B 266 -10.46 -10.45 -19.61
CA ILE B 266 -11.60 -10.81 -18.78
C ILE B 266 -12.71 -9.77 -18.90
N LEU B 267 -13.80 -10.17 -19.54
CA LEU B 267 -14.95 -9.29 -19.67
C LEU B 267 -15.73 -9.25 -18.35
N CYS B 268 -15.99 -8.04 -17.88
CA CYS B 268 -16.61 -7.84 -16.58
C CYS B 268 -17.95 -7.17 -16.77
N VAL B 269 -19.01 -7.95 -16.60
CA VAL B 269 -20.38 -7.48 -16.76
C VAL B 269 -21.07 -7.39 -15.38
N GLY B 270 -21.98 -6.44 -15.25
CA GLY B 270 -22.70 -6.20 -14.03
C GLY B 270 -22.31 -4.89 -13.38
N SER B 271 -23.28 -4.29 -12.70
CA SER B 271 -23.09 -3.00 -12.03
C SER B 271 -22.10 -3.04 -10.86
N VAL B 272 -22.02 -4.18 -10.16
CA VAL B 272 -21.19 -4.25 -8.95
C VAL B 272 -19.79 -3.75 -9.28
N TRP B 273 -19.34 -4.03 -10.51
CA TRP B 273 -18.02 -3.62 -10.98
C TRP B 273 -17.74 -2.13 -10.91
N LYS B 274 -18.74 -1.32 -10.59
CA LYS B 274 -18.51 0.13 -10.40
C LYS B 274 -17.67 0.34 -9.15
N SER B 275 -17.87 -0.52 -8.16
CA SER B 275 -17.11 -0.47 -6.93
C SER B 275 -15.87 -1.36 -7.04
N TRP B 276 -15.30 -1.38 -8.24
CA TRP B 276 -14.04 -2.05 -8.52
C TRP B 276 -12.98 -1.66 -7.48
N GLU B 277 -12.91 -0.37 -7.17
CA GLU B 277 -12.08 0.17 -6.08
C GLU B 277 -12.14 -0.70 -4.82
N LEU B 278 -13.31 -1.26 -4.53
CA LEU B 278 -13.51 -2.01 -3.28
C LEU B 278 -13.37 -3.52 -3.45
N LEU B 279 -13.34 -3.98 -4.69
CA LEU B 279 -13.19 -5.40 -4.96
C LEU B 279 -11.73 -5.79 -5.22
N LYS B 280 -10.94 -4.81 -5.65
CA LYS B 280 -9.58 -5.03 -6.15
C LYS B 280 -8.71 -5.95 -5.27
N GLU B 281 -8.41 -5.51 -4.07
CA GLU B 281 -7.53 -6.27 -3.20
C GLU B 281 -7.94 -7.74 -3.10
N GLY B 282 -9.17 -8.00 -2.71
CA GLY B 282 -9.72 -9.37 -2.65
C GLY B 282 -9.51 -10.15 -3.94
N PHE B 283 -9.71 -9.48 -5.06
CA PHE B 283 -9.55 -10.08 -6.38
C PHE B 283 -8.09 -10.49 -6.66
N LEU B 284 -7.17 -9.56 -6.49
CA LEU B 284 -5.76 -9.87 -6.69
C LEU B 284 -5.32 -11.00 -5.76
N LEU B 285 -5.77 -10.94 -4.50
CA LEU B 285 -5.41 -11.92 -3.47
C LEU B 285 -5.80 -13.33 -3.88
N ALA B 286 -7.08 -13.55 -4.14
CA ALA B 286 -7.58 -14.86 -4.51
C ALA B 286 -6.89 -15.38 -5.76
N LEU B 287 -6.73 -14.50 -6.75
CA LEU B 287 -6.17 -14.87 -8.04
C LEU B 287 -4.71 -15.30 -7.94
N THR B 288 -3.91 -14.49 -7.25
CA THR B 288 -2.50 -14.76 -7.14
C THR B 288 -2.26 -16.04 -6.34
N GLN B 289 -2.97 -16.22 -5.23
CA GLN B 289 -2.78 -17.45 -4.44
C GLN B 289 -3.39 -18.71 -5.09
N GLY B 290 -4.37 -18.53 -5.97
CA GLY B 290 -4.86 -19.62 -6.83
C GLY B 290 -3.88 -19.98 -7.94
N ARG B 291 -3.23 -18.96 -8.49
CA ARG B 291 -2.22 -19.14 -9.53
C ARG B 291 -0.99 -19.87 -9.00
N GLU B 292 -0.71 -19.71 -7.69
CA GLU B 292 0.39 -20.42 -7.02
C GLU B 292 0.10 -21.90 -6.77
N ILE B 293 -1.09 -22.19 -6.23
CA ILE B 293 -1.49 -23.54 -5.88
C ILE B 293 -1.49 -24.47 -7.10
N GLN B 294 -1.78 -23.90 -8.27
CA GLN B 294 -1.83 -24.62 -9.54
C GLN B 294 -0.49 -24.61 -10.26
N ALA B 295 0.36 -23.67 -9.87
CA ALA B 295 1.59 -23.37 -10.61
C ALA B 295 1.29 -23.00 -12.08
N GLN B 296 0.21 -22.23 -12.28
CA GLN B 296 -0.15 -21.76 -13.62
C GLN B 296 0.81 -20.66 -14.08
N ASN B 297 1.90 -21.06 -14.71
CA ASN B 297 2.90 -20.10 -15.15
C ASN B 297 3.05 -19.98 -16.67
N PHE B 298 1.92 -20.00 -17.36
CA PHE B 298 1.84 -19.46 -18.73
C PHE B 298 0.92 -18.24 -18.61
N PHE B 299 0.16 -18.19 -17.51
CA PHE B 299 -0.67 -17.05 -17.14
C PHE B 299 0.23 -15.94 -16.61
N SER B 300 0.67 -15.05 -17.51
CA SER B 300 1.66 -14.05 -17.16
C SER B 300 1.03 -12.73 -16.75
N SER B 301 -0.06 -12.36 -17.43
CA SER B 301 -0.80 -11.15 -17.07
C SER B 301 -2.27 -11.30 -17.40
N PHE B 302 -3.05 -10.26 -17.07
CA PHE B 302 -4.46 -10.15 -17.46
C PHE B 302 -4.88 -8.68 -17.64
N THR B 303 -5.97 -8.46 -18.37
CA THR B 303 -6.57 -7.14 -18.48
C THR B 303 -8.09 -7.25 -18.22
N LEU B 304 -8.61 -6.34 -17.39
CA LEU B 304 -10.03 -6.27 -17.15
C LEU B 304 -10.68 -5.43 -18.23
N MET B 305 -11.72 -5.99 -18.86
CA MET B 305 -12.48 -5.30 -19.93
C MET B 305 -13.97 -5.21 -19.67
N LYS B 306 -14.55 -4.04 -19.98
CA LYS B 306 -16.00 -3.81 -19.90
C LYS B 306 -16.62 -3.43 -21.26
N LEU B 307 -17.87 -3.81 -21.50
CA LEU B 307 -18.57 -3.53 -22.78
C LEU B 307 -19.05 -2.08 -22.87
N ARG B 308 -19.18 -1.56 -24.10
CA ARG B 308 -19.74 -0.21 -24.32
C ARG B 308 -21.07 -0.18 -25.10
N HIS B 309 -21.56 -1.35 -25.48
CA HIS B 309 -22.90 -1.50 -26.06
C HIS B 309 -23.53 -2.77 -25.50
N SER B 310 -24.84 -2.75 -25.24
CA SER B 310 -25.55 -3.86 -24.57
C SER B 310 -25.30 -5.24 -25.18
N SER B 311 -25.27 -6.28 -24.32
CA SER B 311 -25.03 -7.65 -24.78
C SER B 311 -26.26 -8.32 -25.42
N ALA B 312 -27.32 -7.52 -25.62
CA ALA B 312 -28.39 -7.87 -26.54
C ALA B 312 -27.86 -7.92 -27.99
N LEU B 313 -26.72 -7.24 -28.22
CA LEU B 313 -26.03 -7.24 -29.51
C LEU B 313 -25.45 -8.61 -29.85
N GLY B 314 -24.73 -9.20 -28.89
CA GLY B 314 -24.25 -10.57 -29.00
C GLY B 314 -25.36 -11.62 -29.05
N GLY B 315 -26.51 -11.29 -28.46
CA GLY B 315 -27.72 -12.12 -28.53
C GLY B 315 -28.35 -12.13 -29.92
N ALA B 316 -28.31 -10.97 -30.58
CA ALA B 316 -28.77 -10.82 -31.96
C ALA B 316 -27.94 -11.66 -32.94
N SER B 317 -26.63 -11.43 -32.95
CA SER B 317 -25.68 -12.21 -33.75
C SER B 317 -25.88 -13.74 -33.61
N LEU B 318 -26.21 -14.19 -32.39
CA LEU B 318 -26.49 -15.61 -32.08
C LEU B 318 -27.75 -16.11 -32.80
N GLY B 319 -28.79 -15.28 -32.78
CA GLY B 319 -30.05 -15.58 -33.46
C GLY B 319 -29.87 -15.73 -34.96
N ALA B 320 -29.07 -14.84 -35.54
CA ALA B 320 -28.72 -14.86 -36.96
C ALA B 320 -27.73 -15.97 -37.36
N ARG B 321 -27.67 -17.03 -36.56
CA ARG B 321 -26.96 -18.26 -36.93
C ARG B 321 -27.93 -19.43 -37.00
N HIS B 322 -29.11 -19.24 -36.41
CA HIS B 322 -30.26 -20.10 -36.63
C HIS B 322 -31.02 -19.61 -37.87
N MET B 329 -21.17 -7.44 -37.48
CA MET B 329 -20.55 -7.37 -36.15
C MET B 329 -19.25 -6.56 -36.13
N ASP B 330 -18.86 -6.09 -34.94
CA ASP B 330 -17.63 -5.33 -34.70
C ASP B 330 -16.77 -5.98 -33.58
N TYR B 331 -15.61 -5.41 -33.29
CA TYR B 331 -14.73 -5.87 -32.21
C TYR B 331 -13.87 -4.72 -31.72
N SER B 332 -13.81 -3.65 -32.53
CA SER B 332 -13.08 -2.44 -32.20
C SER B 332 -13.69 -1.79 -30.97
N ALA B 333 -14.81 -1.12 -31.15
CA ALA B 333 -15.38 -0.26 -30.10
C ALA B 333 -16.55 -0.89 -29.33
N ASN B 334 -16.57 -2.21 -29.25
CA ASN B 334 -17.62 -2.93 -28.51
C ASN B 334 -17.19 -3.38 -27.11
N ALA B 335 -15.94 -3.10 -26.76
CA ALA B 335 -15.35 -3.38 -25.43
C ALA B 335 -14.04 -2.60 -25.26
N ILE B 336 -13.68 -2.26 -24.01
CA ILE B 336 -12.39 -1.60 -23.69
C ILE B 336 -11.77 -2.14 -22.41
N ALA B 337 -10.60 -1.61 -22.07
CA ALA B 337 -9.94 -1.93 -20.79
C ALA B 337 -10.23 -0.87 -19.74
N PHE B 338 -10.06 -1.25 -18.47
CA PHE B 338 -10.16 -0.33 -17.34
C PHE B 338 -9.15 -0.66 -16.23
N TYR B 339 -8.48 -1.80 -16.40
CA TYR B 339 -7.43 -2.24 -15.47
C TYR B 339 -6.58 -3.34 -16.13
N SER B 340 -5.31 -3.38 -15.78
CA SER B 340 -4.43 -4.45 -16.19
C SER B 340 -3.41 -4.68 -15.10
N TYR B 341 -2.94 -5.91 -14.98
CA TYR B 341 -1.97 -6.27 -13.97
C TYR B 341 -1.13 -7.42 -14.48
N THR B 342 0.16 -7.38 -14.16
CA THR B 342 1.02 -8.49 -14.50
C THR B 342 1.76 -8.93 -13.24
N PHE B 343 1.67 -10.22 -12.93
CA PHE B 343 2.23 -10.83 -11.71
C PHE B 343 3.70 -10.53 -11.53
N SER B 344 4.04 -10.06 -10.33
CA SER B 344 5.38 -9.56 -10.06
C SER B 344 5.87 -10.08 -8.73
N ALA C 2 -67.07 -34.16 34.29
CA ALA C 2 -65.58 -34.08 34.55
C ALA C 2 -64.83 -33.32 33.44
N ALA C 3 -63.79 -32.61 33.84
CA ALA C 3 -63.05 -31.73 32.93
C ALA C 3 -61.95 -32.45 32.15
N ILE C 4 -61.97 -32.24 30.83
CA ILE C 4 -60.93 -32.76 29.93
C ILE C 4 -60.14 -31.60 29.31
N TYR C 5 -58.81 -31.65 29.44
CA TYR C 5 -57.94 -30.59 28.94
C TYR C 5 -57.10 -31.07 27.78
N GLY C 6 -57.05 -30.28 26.72
CA GLY C 6 -56.44 -30.73 25.48
C GLY C 6 -55.11 -30.08 25.15
N GLY C 7 -54.25 -30.83 24.50
CA GLY C 7 -53.01 -30.32 23.94
C GLY C 7 -52.74 -30.81 22.54
N VAL C 8 -52.06 -29.98 21.76
CA VAL C 8 -51.75 -30.31 20.37
C VAL C 8 -50.29 -29.98 20.08
N GLU C 9 -49.60 -30.87 19.36
CA GLU C 9 -48.33 -30.54 18.71
C GLU C 9 -48.59 -30.45 17.21
N GLY C 10 -48.53 -29.24 16.67
CA GLY C 10 -48.81 -29.02 15.25
C GLY C 10 -47.74 -28.21 14.53
N GLY C 11 -48.00 -27.86 13.28
CA GLY C 11 -47.10 -27.00 12.50
C GLY C 11 -45.94 -27.75 11.86
N GLY C 12 -45.35 -28.68 12.60
CA GLY C 12 -44.29 -29.55 12.08
C GLY C 12 -44.85 -30.64 11.17
N THR C 13 -43.97 -31.47 10.64
CA THR C 13 -44.35 -32.52 9.67
C THR C 13 -45.42 -33.46 10.27
N ARG C 14 -45.24 -33.78 11.55
CA ARG C 14 -46.11 -34.69 12.27
C ARG C 14 -47.02 -33.94 13.26
N SER C 15 -48.14 -34.56 13.63
CA SER C 15 -49.16 -33.95 14.50
C SER C 15 -49.67 -34.95 15.56
N GLU C 16 -50.16 -34.41 16.68
CA GLU C 16 -50.68 -35.25 17.75
C GLU C 16 -51.54 -34.45 18.71
N VAL C 17 -52.54 -35.11 19.32
CA VAL C 17 -53.39 -34.51 20.34
C VAL C 17 -53.43 -35.38 21.59
N LEU C 18 -53.25 -34.75 22.76
CA LEU C 18 -53.30 -35.48 24.03
C LEU C 18 -54.25 -34.83 25.04
N LEU C 19 -55.27 -35.59 25.48
CA LEU C 19 -56.27 -35.08 26.44
C LEU C 19 -55.97 -35.58 27.85
N VAL C 20 -56.08 -34.66 28.82
CA VAL C 20 -55.71 -34.95 30.21
C VAL C 20 -56.82 -34.56 31.22
N SER C 21 -56.89 -35.29 32.32
CA SER C 21 -57.91 -35.07 33.36
C SER C 21 -57.43 -34.15 34.48
N GLU C 22 -58.39 -33.61 35.23
CA GLU C 22 -58.14 -32.78 36.43
C GLU C 22 -56.98 -33.32 37.30
N ASP C 23 -56.75 -34.63 37.22
CA ASP C 23 -55.84 -35.34 38.13
C ASP C 23 -54.44 -35.64 37.54
N GLY C 24 -54.30 -35.48 36.22
CA GLY C 24 -53.00 -35.61 35.55
C GLY C 24 -52.80 -36.83 34.66
N LYS C 25 -53.78 -37.73 34.67
CA LYS C 25 -53.78 -38.95 33.85
C LYS C 25 -53.96 -38.63 32.36
N ILE C 26 -53.11 -39.20 31.52
CA ILE C 26 -53.20 -39.00 30.07
C ILE C 26 -54.27 -39.93 29.50
N LEU C 27 -55.48 -39.39 29.39
CA LEU C 27 -56.67 -40.16 29.05
C LEU C 27 -56.65 -40.74 27.63
N ALA C 28 -56.25 -39.93 26.66
CA ALA C 28 -56.26 -40.35 25.27
C ALA C 28 -55.00 -39.94 24.51
N GLU C 29 -54.82 -40.50 23.32
CA GLU C 29 -53.75 -40.13 22.41
C GLU C 29 -54.26 -40.21 20.97
N ALA C 30 -54.19 -39.08 20.26
CA ALA C 30 -54.66 -39.05 18.87
C ALA C 30 -53.54 -38.67 17.90
N ASP C 31 -53.12 -39.63 17.08
CA ASP C 31 -52.21 -39.37 15.98
C ASP C 31 -52.94 -38.69 14.83
N GLY C 32 -52.26 -37.79 14.14
CA GLY C 32 -52.89 -37.05 13.05
C GLY C 32 -51.98 -36.76 11.89
N LEU C 33 -52.56 -36.12 10.88
CA LEU C 33 -51.89 -35.87 9.59
C LEU C 33 -50.89 -34.70 9.65
N SER C 34 -50.67 -34.03 8.51
CA SER C 34 -49.69 -32.94 8.43
C SER C 34 -50.36 -31.58 8.65
N THR C 35 -50.06 -30.98 9.80
CA THR C 35 -50.53 -29.64 10.15
C THR C 35 -49.46 -28.61 9.80
N ASN C 36 -48.64 -28.97 8.81
CA ASN C 36 -47.48 -28.19 8.39
C ASN C 36 -47.83 -26.81 7.82
N GLY C 41 -52.61 -25.17 4.25
CA GLY C 41 -53.47 -24.03 4.50
C GLY C 41 -53.70 -23.75 5.98
N THR C 42 -54.89 -23.22 6.30
CA THR C 42 -55.27 -22.90 7.69
C THR C 42 -56.51 -23.70 8.08
N ASP C 43 -57.48 -23.73 7.17
CA ASP C 43 -58.73 -24.47 7.32
C ASP C 43 -58.46 -25.95 7.45
N LYS C 44 -57.40 -26.39 6.78
CA LYS C 44 -56.99 -27.79 6.73
C LYS C 44 -56.37 -28.27 8.03
N CYS C 45 -55.81 -27.34 8.81
CA CYS C 45 -55.41 -27.63 10.19
C CYS C 45 -56.68 -27.71 11.04
N VAL C 46 -57.49 -26.65 10.96
CA VAL C 46 -58.71 -26.52 11.75
C VAL C 46 -59.51 -27.82 11.73
N GLU C 47 -59.60 -28.42 10.54
CA GLU C 47 -60.28 -29.71 10.40
C GLU C 47 -59.47 -30.85 11.02
N ARG C 48 -58.18 -30.94 10.69
CA ARG C 48 -57.36 -32.07 11.13
C ARG C 48 -57.12 -32.13 12.63
N ILE C 49 -57.24 -30.98 13.29
CA ILE C 49 -57.24 -30.90 14.75
C ILE C 49 -58.63 -31.31 15.26
N ASN C 50 -59.67 -30.79 14.61
CA ASN C 50 -61.07 -31.09 14.93
C ASN C 50 -61.39 -32.57 14.75
N GLU C 51 -60.83 -33.16 13.69
CA GLU C 51 -60.91 -34.59 13.47
C GLU C 51 -60.16 -35.30 14.59
N MET C 52 -58.93 -34.82 14.84
CA MET C 52 -58.03 -35.42 15.78
C MET C 52 -58.66 -35.45 17.17
N VAL C 53 -59.20 -34.31 17.60
CA VAL C 53 -59.78 -34.15 18.95
C VAL C 53 -61.09 -34.94 19.16
N ASN C 54 -61.83 -35.20 18.09
CA ASN C 54 -63.10 -35.92 18.18
C ASN C 54 -62.90 -37.43 18.25
N ARG C 55 -61.74 -37.88 17.78
CA ARG C 55 -61.41 -39.30 17.86
C ARG C 55 -60.93 -39.64 19.25
N ALA C 56 -59.98 -38.85 19.76
CA ALA C 56 -59.37 -39.07 21.08
C ALA C 56 -60.32 -38.84 22.26
N LYS C 57 -61.47 -38.22 21.98
CA LYS C 57 -62.57 -38.17 22.95
C LYS C 57 -63.23 -39.53 22.97
N ARG C 58 -63.60 -40.02 21.79
CA ARG C 58 -64.15 -41.36 21.62
C ARG C 58 -63.19 -42.45 22.11
N LYS C 59 -61.88 -42.22 21.95
CA LYS C 59 -60.86 -43.16 22.42
C LYS C 59 -60.89 -43.40 23.93
N ALA C 60 -61.17 -42.33 24.68
CA ALA C 60 -61.13 -42.37 26.15
C ALA C 60 -62.51 -42.41 26.82
N GLY C 61 -63.52 -42.86 26.07
CA GLY C 61 -64.89 -43.01 26.56
C GLY C 61 -65.57 -41.72 27.01
N VAL C 62 -65.34 -40.65 26.25
CA VAL C 62 -65.72 -39.30 26.66
C VAL C 62 -66.80 -38.69 25.78
N ASP C 63 -67.78 -38.05 26.44
CA ASP C 63 -68.92 -37.37 25.83
C ASP C 63 -68.48 -36.35 24.76
N PRO C 64 -68.85 -36.59 23.48
CA PRO C 64 -68.51 -35.69 22.36
C PRO C 64 -69.18 -34.32 22.43
N LEU C 65 -70.33 -34.23 23.09
CA LEU C 65 -71.11 -32.99 23.21
C LEU C 65 -70.66 -32.08 24.37
N VAL C 66 -69.56 -32.46 25.04
CA VAL C 66 -68.96 -31.66 26.11
C VAL C 66 -67.64 -31.03 25.65
N PRO C 67 -67.57 -29.69 25.63
CA PRO C 67 -66.36 -29.00 25.21
C PRO C 67 -65.21 -29.21 26.20
N LEU C 68 -63.99 -29.11 25.68
CA LEU C 68 -62.80 -29.05 26.51
C LEU C 68 -62.78 -27.68 27.18
N ARG C 69 -62.22 -27.61 28.39
CA ARG C 69 -61.95 -26.33 29.00
C ARG C 69 -60.91 -25.61 28.15
N SER C 70 -59.81 -26.30 27.86
CA SER C 70 -58.70 -25.67 27.17
C SER C 70 -58.09 -26.52 26.05
N LEU C 71 -57.62 -25.81 25.03
CA LEU C 71 -56.76 -26.41 24.01
C LEU C 71 -55.52 -25.56 23.82
N GLY C 72 -54.39 -26.06 24.30
CA GLY C 72 -53.10 -25.39 24.17
C GLY C 72 -52.30 -25.94 23.01
N LEU C 73 -51.84 -25.05 22.12
CA LEU C 73 -51.23 -25.45 20.86
C LEU C 73 -49.77 -25.02 20.70
N SER C 74 -48.89 -26.02 20.70
CA SER C 74 -47.45 -25.82 20.54
C SER C 74 -47.08 -26.01 19.07
N LEU C 75 -46.95 -24.89 18.35
CA LEU C 75 -46.80 -24.88 16.88
C LEU C 75 -45.42 -24.39 16.43
N SER C 76 -45.01 -24.75 15.22
CA SER C 76 -43.66 -24.44 14.72
C SER C 76 -43.55 -23.13 13.92
N GLY C 77 -44.65 -22.40 13.78
CA GLY C 77 -44.70 -21.23 12.89
C GLY C 77 -44.14 -19.92 13.44
N GLY C 78 -42.90 -19.97 13.93
CA GLY C 78 -42.23 -18.79 14.50
C GLY C 78 -40.85 -18.52 13.91
N GLU C 81 -44.45 -11.54 13.15
CA GLU C 81 -45.53 -10.80 13.78
C GLU C 81 -46.58 -11.76 14.36
N ASP C 82 -47.55 -11.20 15.07
CA ASP C 82 -48.62 -11.97 15.69
C ASP C 82 -49.82 -12.09 14.74
N ALA C 83 -49.58 -12.75 13.61
CA ALA C 83 -50.61 -12.97 12.59
C ALA C 83 -51.22 -14.37 12.69
N GLY C 84 -50.40 -15.34 13.07
CA GLY C 84 -50.84 -16.72 13.25
C GLY C 84 -51.90 -16.92 14.32
N ARG C 85 -52.07 -15.92 15.18
CA ARG C 85 -53.00 -15.98 16.31
C ARG C 85 -54.46 -15.81 15.87
N ILE C 86 -54.81 -14.59 15.40
CA ILE C 86 -56.18 -14.23 14.99
C ILE C 86 -56.70 -15.12 13.85
N LEU C 87 -55.89 -16.10 13.47
CA LEU C 87 -56.30 -17.16 12.55
C LEU C 87 -57.33 -18.03 13.25
N ILE C 88 -56.94 -18.58 14.40
CA ILE C 88 -57.79 -19.47 15.16
C ILE C 88 -58.81 -18.67 16.00
N GLU C 89 -58.35 -17.59 16.63
CA GLU C 89 -59.22 -16.69 17.41
C GLU C 89 -60.40 -16.15 16.59
N GLU C 90 -60.45 -16.52 15.31
CA GLU C 90 -61.56 -16.21 14.44
C GLU C 90 -62.29 -17.45 13.91
N LEU C 91 -61.63 -18.61 13.96
CA LEU C 91 -62.23 -19.85 13.42
C LEU C 91 -63.26 -20.52 14.34
N ARG C 92 -63.41 -19.98 15.55
CA ARG C 92 -64.40 -20.49 16.51
C ARG C 92 -65.68 -19.66 16.46
N ASP C 93 -65.64 -18.59 15.67
CA ASP C 93 -66.85 -17.93 15.19
C ASP C 93 -67.47 -18.87 14.17
N ARG C 94 -66.96 -20.12 14.15
CA ARG C 94 -67.37 -21.13 13.18
C ARG C 94 -67.56 -22.52 13.81
N PHE C 95 -66.58 -22.98 14.58
CA PHE C 95 -66.63 -24.32 15.17
C PHE C 95 -66.49 -24.25 16.70
N PRO C 96 -67.58 -23.87 17.38
CA PRO C 96 -67.54 -23.33 18.75
C PRO C 96 -67.72 -24.33 19.90
N TYR C 97 -67.77 -25.63 19.61
CA TYR C 97 -68.09 -26.62 20.64
C TYR C 97 -66.90 -27.48 21.07
N LEU C 98 -65.72 -27.16 20.57
CA LEU C 98 -64.51 -27.91 20.92
C LEU C 98 -63.96 -27.51 22.29
N SER C 99 -63.76 -26.20 22.50
CA SER C 99 -63.06 -25.71 23.70
C SER C 99 -63.47 -24.32 24.14
N GLU C 100 -63.49 -24.12 25.46
CA GLU C 100 -63.80 -22.82 26.06
C GLU C 100 -62.68 -21.80 25.87
N SER C 101 -61.45 -22.22 26.15
CA SER C 101 -60.28 -21.35 26.06
C SER C 101 -59.20 -21.93 25.17
N TYR C 102 -58.41 -21.04 24.57
CA TYR C 102 -57.31 -21.40 23.69
C TYR C 102 -55.98 -20.79 24.12
N LEU C 103 -54.87 -21.34 23.61
CA LEU C 103 -53.53 -20.88 23.97
C LEU C 103 -52.53 -21.30 22.91
N ILE C 104 -51.80 -20.32 22.37
CA ILE C 104 -50.75 -20.60 21.39
C ILE C 104 -49.35 -20.37 21.96
N THR C 105 -48.48 -21.37 21.79
CA THR C 105 -47.05 -21.19 22.04
C THR C 105 -46.12 -21.67 20.92
N THR C 106 -44.84 -21.48 21.22
CA THR C 106 -43.74 -21.83 20.38
C THR C 106 -43.48 -23.35 20.61
N ASP C 107 -42.80 -24.01 19.68
CA ASP C 107 -42.52 -25.46 19.81
C ASP C 107 -41.50 -25.71 20.92
N ALA C 108 -40.49 -24.85 20.98
CA ALA C 108 -39.56 -24.80 22.12
C ALA C 108 -40.29 -24.77 23.46
N ALA C 109 -41.19 -23.80 23.67
CA ALA C 109 -41.91 -23.63 24.95
C ALA C 109 -42.78 -24.82 25.35
N GLY C 110 -43.49 -25.41 24.38
CA GLY C 110 -44.28 -26.61 24.63
C GLY C 110 -43.43 -27.83 25.01
N SER C 111 -42.31 -28.00 24.30
CA SER C 111 -41.42 -29.13 24.52
C SER C 111 -40.89 -29.15 25.95
N ILE C 112 -40.35 -28.04 26.45
CA ILE C 112 -39.88 -28.05 27.85
C ILE C 112 -40.98 -28.08 28.88
N ALA C 113 -42.11 -27.41 28.62
CA ALA C 113 -43.26 -27.43 29.54
C ALA C 113 -43.65 -28.89 29.87
N THR C 114 -43.40 -29.79 28.91
CA THR C 114 -43.60 -31.23 29.08
C THR C 114 -42.58 -31.86 30.03
N ALA C 115 -41.39 -31.27 30.14
CA ALA C 115 -40.26 -31.88 30.84
C ALA C 115 -39.90 -31.16 32.15
N THR C 116 -40.20 -29.86 32.23
CA THR C 116 -39.95 -29.10 33.44
C THR C 116 -41.10 -28.13 33.71
N PRO C 117 -41.36 -27.82 35.00
CA PRO C 117 -42.33 -26.79 35.36
C PRO C 117 -41.84 -25.35 35.13
N ASP C 118 -40.58 -25.17 34.72
CA ASP C 118 -39.98 -23.83 34.81
C ASP C 118 -38.81 -23.55 33.85
N GLY C 119 -38.88 -24.06 32.64
CA GLY C 119 -37.87 -23.74 31.65
C GLY C 119 -36.66 -24.67 31.63
N GLY C 120 -35.64 -24.21 30.91
CA GLY C 120 -34.49 -25.00 30.54
C GLY C 120 -34.12 -24.64 29.11
N VAL C 121 -33.12 -25.34 28.58
CA VAL C 121 -32.60 -25.11 27.25
C VAL C 121 -33.18 -26.14 26.29
N VAL C 122 -33.52 -25.69 25.09
CA VAL C 122 -34.03 -26.58 24.06
C VAL C 122 -33.21 -26.47 22.79
N LEU C 123 -32.77 -27.61 22.26
CA LEU C 123 -31.99 -27.63 21.04
C LEU C 123 -32.75 -28.46 20.01
N ILE C 124 -33.34 -27.77 19.03
CA ILE C 124 -34.18 -28.41 18.03
C ILE C 124 -33.38 -28.65 16.77
N SER C 125 -33.41 -29.88 16.26
CA SER C 125 -32.88 -30.19 14.95
C SER C 125 -33.78 -31.20 14.20
N GLY C 126 -34.70 -30.64 13.40
CA GLY C 126 -35.59 -31.41 12.52
C GLY C 126 -35.43 -30.87 11.11
N THR C 127 -36.55 -30.50 10.50
CA THR C 127 -36.52 -29.86 9.18
C THR C 127 -35.77 -28.51 9.24
N GLY C 128 -36.05 -27.75 10.30
CA GLY C 128 -35.24 -26.57 10.67
C GLY C 128 -34.53 -26.78 12.00
N SER C 129 -33.81 -25.74 12.44
CA SER C 129 -33.16 -25.78 13.75
C SER C 129 -33.38 -24.48 14.51
N ASN C 130 -33.07 -24.53 15.81
CA ASN C 130 -33.31 -23.46 16.77
C ASN C 130 -32.75 -23.87 18.11
N CYS C 131 -32.31 -22.88 18.87
CA CYS C 131 -31.91 -23.06 20.26
C CYS C 131 -32.65 -22.02 21.05
N ARG C 132 -33.33 -22.45 22.10
CA ARG C 132 -34.03 -21.50 22.96
C ARG C 132 -33.78 -21.77 24.41
N LEU C 133 -33.71 -20.69 25.20
CA LEU C 133 -33.72 -20.76 26.65
C LEU C 133 -35.04 -20.18 27.16
N ILE C 134 -35.75 -20.96 27.98
CA ILE C 134 -36.94 -20.49 28.68
C ILE C 134 -36.60 -20.36 30.19
N ASN C 135 -36.82 -19.19 30.76
CA ASN C 135 -36.59 -18.97 32.19
C ASN C 135 -37.85 -19.27 32.98
N PRO C 136 -37.72 -19.58 34.29
CA PRO C 136 -38.91 -19.73 35.14
C PRO C 136 -40.01 -18.71 34.86
N ASP C 137 -39.65 -17.43 34.74
CA ASP C 137 -40.62 -16.33 34.66
C ASP C 137 -41.41 -16.23 33.34
N GLY C 138 -40.93 -16.91 32.30
CA GLY C 138 -41.58 -16.83 30.98
C GLY C 138 -40.62 -16.30 29.92
N SER C 139 -39.70 -15.41 30.36
CA SER C 139 -38.55 -14.94 29.59
C SER C 139 -37.88 -16.01 28.72
N GLU C 140 -37.48 -15.59 27.54
CA GLU C 140 -37.09 -16.50 26.49
C GLU C 140 -36.05 -15.78 25.64
N SER C 141 -34.85 -16.32 25.58
CA SER C 141 -33.83 -15.83 24.63
C SER C 141 -33.43 -16.99 23.73
N GLY C 142 -32.71 -16.69 22.65
CA GLY C 142 -32.34 -17.75 21.73
C GLY C 142 -31.15 -17.49 20.84
N CYS C 143 -30.84 -18.49 20.01
CA CYS C 143 -29.87 -18.43 18.94
C CYS C 143 -30.48 -19.18 17.77
N GLY C 144 -30.54 -18.53 16.60
CA GLY C 144 -31.07 -19.13 15.38
C GLY C 144 -32.58 -19.08 15.26
N GLY C 145 -33.15 -20.14 14.69
CA GLY C 145 -34.58 -20.17 14.39
C GLY C 145 -35.03 -19.36 13.19
N TRP C 146 -34.10 -19.00 12.30
CA TRP C 146 -34.38 -18.05 11.21
C TRP C 146 -34.81 -18.63 9.84
N GLY C 147 -34.70 -19.94 9.66
CA GLY C 147 -35.19 -20.59 8.44
C GLY C 147 -34.12 -20.84 7.39
N HIS C 148 -34.56 -21.20 6.18
CA HIS C 148 -33.63 -21.71 5.16
C HIS C 148 -32.81 -20.63 4.44
N MET C 149 -33.26 -19.38 4.50
CA MET C 149 -32.59 -18.28 3.82
C MET C 149 -31.55 -17.52 4.68
N MET C 150 -31.52 -17.77 5.99
CA MET C 150 -30.62 -17.04 6.91
C MET C 150 -29.90 -17.89 7.96
N GLY C 151 -30.02 -19.21 7.90
CA GLY C 151 -29.35 -20.04 8.86
C GLY C 151 -29.74 -21.49 8.79
N ASP C 152 -30.55 -21.93 9.77
CA ASP C 152 -30.92 -23.33 9.92
C ASP C 152 -29.75 -24.33 10.07
N GLU C 153 -28.60 -23.86 10.55
CA GLU C 153 -27.41 -24.72 10.66
C GLU C 153 -27.63 -25.90 11.61
N GLY C 154 -27.26 -27.09 11.16
CA GLY C 154 -27.45 -28.30 11.95
C GLY C 154 -28.72 -29.06 11.60
N SER C 155 -29.66 -28.40 10.91
CA SER C 155 -30.93 -29.01 10.57
C SER C 155 -30.75 -30.06 9.46
N ALA C 156 -31.79 -30.88 9.25
CA ALA C 156 -31.82 -31.79 8.11
C ALA C 156 -31.63 -31.01 6.81
N TYR C 157 -32.38 -29.91 6.68
CA TYR C 157 -32.32 -29.08 5.49
C TYR C 157 -30.91 -28.62 5.20
N TRP C 158 -30.22 -28.15 6.23
CA TRP C 158 -28.86 -27.64 6.11
C TRP C 158 -27.91 -28.74 5.66
N ILE C 159 -28.07 -29.92 6.26
CA ILE C 159 -27.30 -31.10 5.88
C ILE C 159 -27.46 -31.44 4.39
N ALA C 160 -28.70 -31.48 3.92
CA ALA C 160 -29.01 -31.71 2.52
C ALA C 160 -28.35 -30.66 1.64
N HIS C 161 -28.40 -29.40 2.08
CA HIS C 161 -27.84 -28.29 1.33
C HIS C 161 -26.33 -28.38 1.25
N GLN C 162 -25.69 -28.81 2.35
CA GLN C 162 -24.22 -28.92 2.38
C GLN C 162 -23.77 -29.99 1.39
N ALA C 163 -24.54 -31.06 1.31
CA ALA C 163 -24.28 -32.13 0.39
C ALA C 163 -24.22 -31.62 -1.05
N VAL C 164 -25.26 -30.92 -1.50
CA VAL C 164 -25.31 -30.52 -2.91
C VAL C 164 -24.33 -29.38 -3.22
N LYS C 165 -24.14 -28.48 -2.27
CA LYS C 165 -23.15 -27.41 -2.45
C LYS C 165 -21.73 -27.94 -2.65
N ILE C 166 -21.34 -28.90 -1.83
CA ILE C 166 -20.01 -29.49 -1.93
C ILE C 166 -19.84 -30.20 -3.27
N VAL C 167 -20.84 -30.97 -3.68
CA VAL C 167 -20.76 -31.60 -5.01
C VAL C 167 -20.77 -30.56 -6.14
N PHE C 168 -21.67 -29.58 -6.08
CA PHE C 168 -21.68 -28.47 -7.03
C PHE C 168 -20.30 -27.79 -7.13
N ASP C 169 -19.66 -27.56 -6.00
CA ASP C 169 -18.36 -26.85 -5.98
C ASP C 169 -17.17 -27.70 -6.38
N SER C 170 -17.27 -29.01 -6.15
CA SER C 170 -16.29 -29.93 -6.68
C SER C 170 -16.25 -29.80 -8.20
N ILE C 171 -17.40 -29.99 -8.84
CA ILE C 171 -17.46 -30.05 -10.30
C ILE C 171 -17.06 -28.74 -10.99
N ASP C 172 -17.58 -27.61 -10.52
CA ASP C 172 -17.18 -26.30 -11.05
C ASP C 172 -15.69 -26.01 -10.84
N ASN C 173 -15.08 -26.69 -9.86
CA ASN C 173 -13.72 -26.42 -9.42
C ASN C 173 -13.57 -25.10 -8.64
N LEU C 174 -14.67 -24.61 -8.08
CA LEU C 174 -14.63 -23.42 -7.22
C LEU C 174 -14.07 -23.76 -5.84
N GLU C 175 -14.39 -24.96 -5.35
CA GLU C 175 -13.77 -25.47 -4.13
C GLU C 175 -13.71 -26.99 -4.09
N ALA C 176 -12.47 -27.50 -3.98
CA ALA C 176 -12.20 -28.94 -3.85
C ALA C 176 -12.82 -29.52 -2.57
N ALA C 177 -13.50 -30.64 -2.72
CA ALA C 177 -14.14 -31.32 -1.60
C ALA C 177 -13.07 -31.82 -0.63
N PRO C 178 -13.38 -31.81 0.67
CA PRO C 178 -12.48 -32.43 1.65
C PRO C 178 -12.47 -33.97 1.61
N HIS C 179 -13.50 -34.57 1.02
CA HIS C 179 -13.57 -36.04 0.78
C HIS C 179 -14.32 -36.34 -0.52
N ASP C 180 -14.08 -37.54 -1.05
CA ASP C 180 -14.63 -38.01 -2.34
C ASP C 180 -16.12 -37.67 -2.53
N ILE C 181 -16.43 -37.27 -3.75
CA ILE C 181 -17.73 -36.82 -4.20
C ILE C 181 -18.66 -37.99 -4.50
N GLY C 182 -18.05 -39.13 -4.84
CA GLY C 182 -18.74 -40.27 -5.43
C GLY C 182 -20.12 -40.59 -4.89
N TYR C 183 -20.16 -41.20 -3.72
CA TYR C 183 -21.42 -41.67 -3.15
C TYR C 183 -22.46 -40.55 -3.04
N VAL C 184 -22.08 -39.39 -2.50
CA VAL C 184 -23.03 -38.29 -2.33
C VAL C 184 -23.63 -37.84 -3.67
N LYS C 185 -22.78 -37.70 -4.68
CA LYS C 185 -23.20 -37.27 -6.03
C LYS C 185 -24.22 -38.22 -6.63
N GLN C 186 -24.02 -39.53 -6.42
CA GLN C 186 -24.94 -40.56 -6.92
C GLN C 186 -26.25 -40.55 -6.16
N ALA C 187 -26.16 -40.35 -4.85
CA ALA C 187 -27.33 -40.25 -3.97
C ALA C 187 -28.22 -39.06 -4.35
N MET C 188 -27.57 -37.97 -4.78
CA MET C 188 -28.25 -36.75 -5.22
C MET C 188 -29.11 -36.97 -6.46
N PHE C 189 -28.49 -37.45 -7.55
CA PHE C 189 -29.24 -37.79 -8.76
C PHE C 189 -30.37 -38.77 -8.48
N HIS C 190 -30.07 -39.82 -7.70
CA HIS C 190 -31.04 -40.88 -7.36
C HIS C 190 -32.24 -40.35 -6.57
N TYR C 191 -31.95 -39.50 -5.58
CA TYR C 191 -33.00 -38.96 -4.72
C TYR C 191 -33.93 -37.96 -5.42
N PHE C 192 -33.37 -37.08 -6.24
CA PHE C 192 -34.18 -36.05 -6.91
C PHE C 192 -34.65 -36.48 -8.29
N GLN C 193 -34.31 -37.70 -8.69
CA GLN C 193 -34.68 -38.25 -9.99
C GLN C 193 -34.32 -37.27 -11.12
N VAL C 194 -33.03 -37.02 -11.26
CA VAL C 194 -32.49 -36.10 -12.26
C VAL C 194 -31.13 -36.62 -12.74
N PRO C 195 -30.73 -36.27 -13.97
CA PRO C 195 -29.44 -36.75 -14.44
C PRO C 195 -28.25 -35.85 -14.09
N ASP C 196 -28.48 -34.56 -13.83
CA ASP C 196 -27.40 -33.57 -13.72
C ASP C 196 -27.68 -32.41 -12.73
N ARG C 197 -26.66 -31.58 -12.50
CA ARG C 197 -26.77 -30.34 -11.71
C ARG C 197 -27.91 -29.45 -12.21
N LEU C 198 -27.98 -29.24 -13.52
CA LEU C 198 -29.04 -28.41 -14.12
C LEU C 198 -30.46 -28.84 -13.74
N GLY C 199 -30.64 -30.14 -13.44
CA GLY C 199 -31.94 -30.70 -13.03
C GLY C 199 -32.33 -30.41 -11.59
N ILE C 200 -31.33 -30.20 -10.75
CA ILE C 200 -31.53 -29.89 -9.33
C ILE C 200 -32.15 -28.50 -9.16
N LEU C 201 -31.78 -27.60 -10.07
CA LEU C 201 -32.23 -26.21 -10.03
C LEU C 201 -33.70 -26.01 -9.70
N THR C 202 -34.60 -26.67 -10.44
CA THR C 202 -36.03 -26.39 -10.28
C THR C 202 -36.65 -26.95 -9.01
N HIS C 203 -35.99 -27.94 -8.41
CA HIS C 203 -36.28 -28.35 -7.03
C HIS C 203 -35.95 -27.20 -6.08
N LEU C 204 -34.99 -26.36 -6.45
CA LEU C 204 -34.58 -25.22 -5.64
C LEU C 204 -35.43 -23.99 -5.89
N TYR C 205 -35.83 -23.78 -7.13
CA TYR C 205 -36.50 -22.53 -7.51
C TYR C 205 -37.98 -22.68 -7.73
N ARG C 206 -38.39 -23.17 -8.90
CA ARG C 206 -39.80 -23.21 -9.30
C ARG C 206 -40.66 -24.03 -8.31
N ASP C 207 -40.39 -25.34 -8.22
CA ASP C 207 -41.08 -26.20 -7.26
C ASP C 207 -40.84 -25.69 -5.84
N PHE C 208 -39.62 -25.93 -5.36
CA PHE C 208 -39.23 -25.80 -3.96
C PHE C 208 -40.20 -26.35 -2.90
N ASP C 209 -39.71 -27.34 -2.15
CA ASP C 209 -40.45 -28.07 -1.14
C ASP C 209 -39.48 -28.40 0.00
N LYS C 210 -39.32 -27.47 0.93
CA LYS C 210 -38.33 -27.56 2.01
C LYS C 210 -38.32 -28.95 2.65
N CYS C 211 -39.49 -29.55 2.74
CA CYS C 211 -39.64 -30.88 3.34
C CYS C 211 -38.94 -31.97 2.50
N ARG C 212 -39.37 -32.18 1.27
CA ARG C 212 -38.73 -33.20 0.43
C ARG C 212 -37.25 -32.91 0.27
N PHE C 213 -36.90 -31.62 0.17
CA PHE C 213 -35.50 -31.26 0.06
C PHE C 213 -34.75 -31.70 1.30
N ALA C 214 -35.35 -31.47 2.45
CA ALA C 214 -34.70 -31.85 3.72
C ALA C 214 -34.61 -33.37 3.88
N GLY C 215 -35.49 -34.11 3.19
CA GLY C 215 -35.45 -35.56 3.21
C GLY C 215 -34.17 -36.20 2.68
N PHE C 216 -33.46 -35.52 1.78
CA PHE C 216 -32.17 -36.00 1.29
C PHE C 216 -31.14 -36.25 2.43
N CYS C 217 -31.36 -35.61 3.59
CA CYS C 217 -30.51 -35.78 4.79
C CYS C 217 -30.43 -37.24 5.25
N ARG C 218 -31.55 -37.95 5.15
CA ARG C 218 -31.61 -39.36 5.53
C ARG C 218 -30.75 -40.26 4.65
N LYS C 219 -30.51 -39.84 3.41
CA LYS C 219 -29.66 -40.61 2.52
C LYS C 219 -28.19 -40.42 2.88
N ILE C 220 -27.84 -39.22 3.34
CA ILE C 220 -26.49 -38.91 3.82
C ILE C 220 -26.21 -39.59 5.17
N ALA C 221 -27.23 -39.70 6.02
CA ALA C 221 -27.14 -40.44 7.29
C ALA C 221 -26.86 -41.92 7.02
N GLU C 222 -27.54 -42.46 6.00
CA GLU C 222 -27.33 -43.83 5.54
C GLU C 222 -25.94 -43.99 4.95
N GLY C 223 -25.52 -43.03 4.12
CA GLY C 223 -24.18 -43.02 3.56
C GLY C 223 -23.12 -43.01 4.65
N ALA C 224 -23.32 -42.17 5.67
CA ALA C 224 -22.39 -42.07 6.78
C ALA C 224 -22.43 -43.31 7.65
N GLN C 225 -23.44 -44.16 7.43
CA GLN C 225 -23.48 -45.48 8.04
C GLN C 225 -22.48 -46.36 7.31
N GLN C 226 -22.72 -46.58 6.01
CA GLN C 226 -21.82 -47.34 5.14
C GLN C 226 -20.38 -47.10 5.55
N GLY C 227 -20.11 -45.86 5.96
CA GLY C 227 -18.78 -45.44 6.38
C GLY C 227 -18.19 -44.45 5.40
N ASP C 228 -19.05 -43.83 4.61
CA ASP C 228 -18.63 -42.84 3.61
C ASP C 228 -18.00 -41.62 4.30
N PRO C 229 -16.72 -41.33 3.99
CA PRO C 229 -15.99 -40.20 4.60
C PRO C 229 -16.64 -38.81 4.44
N LEU C 230 -17.19 -38.52 3.26
CA LEU C 230 -17.83 -37.21 3.04
C LEU C 230 -19.12 -37.06 3.87
N SER C 231 -20.04 -38.00 3.70
CA SER C 231 -21.23 -38.03 4.51
C SER C 231 -20.87 -37.81 5.98
N ARG C 232 -19.84 -38.52 6.45
CA ARG C 232 -19.42 -38.43 7.85
C ARG C 232 -18.93 -37.04 8.20
N TYR C 233 -18.12 -36.46 7.31
CA TYR C 233 -17.67 -35.06 7.41
C TYR C 233 -18.83 -34.10 7.65
N ILE C 234 -19.90 -34.27 6.87
CA ILE C 234 -21.01 -33.33 6.92
C ILE C 234 -21.80 -33.42 8.22
N PHE C 235 -22.09 -34.64 8.65
CA PHE C 235 -22.76 -34.86 9.92
C PHE C 235 -21.88 -34.42 11.10
N ARG C 236 -20.57 -34.42 10.88
CA ARG C 236 -19.64 -33.87 11.87
C ARG C 236 -19.77 -32.34 11.91
N LYS C 237 -19.87 -31.70 10.75
CA LYS C 237 -20.11 -30.25 10.68
C LYS C 237 -21.44 -29.86 11.33
N ALA C 238 -22.53 -30.55 11.02
CA ALA C 238 -23.83 -30.22 11.62
C ALA C 238 -23.72 -30.26 13.15
N GLY C 239 -23.04 -31.28 13.66
CA GLY C 239 -22.71 -31.39 15.07
C GLY C 239 -22.05 -30.15 15.64
N GLU C 240 -21.07 -29.61 14.91
CA GLU C 240 -20.38 -28.40 15.31
C GLU C 240 -21.35 -27.25 15.38
N MET C 241 -22.10 -27.07 14.31
CA MET C 241 -23.12 -26.04 14.25
C MET C 241 -24.11 -26.14 15.45
N LEU C 242 -24.67 -27.33 15.71
CA LEU C 242 -25.60 -27.47 16.84
C LEU C 242 -24.92 -27.17 18.18
N GLY C 243 -23.72 -27.69 18.36
CA GLY C 243 -22.91 -27.37 19.52
C GLY C 243 -22.62 -25.89 19.67
N ARG C 244 -22.49 -25.18 18.55
CA ARG C 244 -22.19 -23.74 18.59
C ARG C 244 -23.41 -22.89 18.95
N HIS C 245 -24.62 -23.44 18.73
CA HIS C 245 -25.85 -22.82 19.22
C HIS C 245 -25.87 -22.84 20.74
N ILE C 246 -25.49 -23.99 21.31
CA ILE C 246 -25.43 -24.12 22.77
C ILE C 246 -24.41 -23.16 23.35
N VAL C 247 -23.25 -23.05 22.69
CA VAL C 247 -22.22 -22.12 23.13
C VAL C 247 -22.75 -20.66 23.21
N ALA C 248 -23.54 -20.24 22.23
CA ALA C 248 -24.01 -18.87 22.11
C ALA C 248 -24.99 -18.46 23.19
N VAL C 249 -25.81 -19.42 23.64
CA VAL C 249 -26.79 -19.16 24.70
C VAL C 249 -26.22 -19.36 26.10
N LEU C 250 -25.06 -20.02 26.22
CA LEU C 250 -24.49 -20.34 27.54
C LEU C 250 -24.58 -19.21 28.56
N PRO C 251 -24.18 -17.96 28.16
CA PRO C 251 -24.12 -16.87 29.13
C PRO C 251 -25.49 -16.34 29.55
N GLU C 252 -26.51 -16.62 28.76
CA GLU C 252 -27.88 -16.27 29.09
C GLU C 252 -28.49 -17.14 30.20
N ILE C 253 -27.85 -18.26 30.53
CA ILE C 253 -28.40 -19.23 31.49
C ILE C 253 -28.03 -18.97 32.96
N ASP C 254 -29.04 -18.99 33.83
CA ASP C 254 -28.82 -19.09 35.27
C ASP C 254 -27.74 -20.13 35.61
N PRO C 255 -26.63 -19.68 36.19
CA PRO C 255 -25.55 -20.55 36.65
C PRO C 255 -25.95 -21.74 37.55
N VAL C 256 -26.95 -21.62 38.43
CA VAL C 256 -27.34 -22.79 39.27
C VAL C 256 -27.66 -24.03 38.44
N LEU C 257 -28.17 -23.82 37.23
CA LEU C 257 -28.55 -24.93 36.37
C LEU C 257 -27.38 -25.81 35.99
N PHE C 258 -26.19 -25.23 35.83
CA PHE C 258 -24.94 -25.97 35.64
C PHE C 258 -24.54 -26.88 36.82
N GLN C 259 -24.94 -26.51 38.03
CA GLN C 259 -24.47 -27.17 39.25
C GLN C 259 -25.33 -28.34 39.73
N GLY C 260 -26.45 -28.62 39.05
CA GLY C 260 -27.36 -29.69 39.44
C GLY C 260 -26.85 -31.13 39.29
N LYS C 261 -27.61 -32.06 39.86
CA LYS C 261 -27.21 -33.49 40.00
C LYS C 261 -26.90 -34.23 38.69
N ILE C 262 -27.08 -33.55 37.56
CA ILE C 262 -26.90 -34.18 36.26
C ILE C 262 -26.28 -33.24 35.23
N GLY C 263 -25.72 -32.12 35.71
CA GLY C 263 -25.15 -31.10 34.85
C GLY C 263 -26.21 -30.20 34.22
N LEU C 264 -25.83 -29.53 33.12
CA LEU C 264 -26.76 -28.74 32.34
C LEU C 264 -27.66 -29.68 31.53
N PRO C 265 -28.98 -29.71 31.85
CA PRO C 265 -29.93 -30.48 31.05
C PRO C 265 -30.28 -29.74 29.76
N ILE C 266 -30.05 -30.40 28.63
CA ILE C 266 -30.35 -29.89 27.30
C ILE C 266 -31.43 -30.79 26.69
N LEU C 267 -32.61 -30.23 26.40
CA LEU C 267 -33.70 -31.04 25.84
C LEU C 267 -33.56 -31.12 24.32
N CYS C 268 -33.30 -32.33 23.80
CA CYS C 268 -33.03 -32.48 22.38
C CYS C 268 -34.27 -32.91 21.61
N VAL C 269 -34.69 -32.04 20.70
CA VAL C 269 -35.92 -32.23 19.96
C VAL C 269 -35.61 -32.26 18.45
N GLY C 270 -36.36 -33.08 17.71
CA GLY C 270 -36.22 -33.24 16.27
C GLY C 270 -35.66 -34.60 15.85
N SER C 271 -36.06 -35.07 14.67
CA SER C 271 -35.62 -36.39 14.17
C SER C 271 -34.11 -36.54 13.85
N VAL C 272 -33.44 -35.45 13.49
CA VAL C 272 -32.01 -35.50 13.18
C VAL C 272 -31.19 -36.06 14.35
N TRP C 273 -31.67 -35.87 15.58
CA TRP C 273 -31.04 -36.47 16.77
C TRP C 273 -31.00 -38.00 16.75
N LYS C 274 -31.71 -38.63 15.80
CA LYS C 274 -31.67 -40.08 15.68
C LYS C 274 -30.29 -40.53 15.22
N SER C 275 -29.59 -39.62 14.55
CA SER C 275 -28.24 -39.86 14.08
C SER C 275 -27.20 -39.27 15.04
N TRP C 276 -27.53 -39.26 16.32
CA TRP C 276 -26.67 -38.68 17.37
C TRP C 276 -25.22 -39.16 17.32
N GLU C 277 -25.02 -40.46 17.07
CA GLU C 277 -23.67 -41.06 17.02
C GLU C 277 -22.78 -40.43 15.95
N LEU C 278 -23.41 -39.83 14.94
CA LEU C 278 -22.72 -39.12 13.87
C LEU C 278 -22.53 -37.63 14.22
N LEU C 279 -23.37 -37.11 15.10
CA LEU C 279 -23.25 -35.70 15.45
C LEU C 279 -22.30 -35.52 16.63
N LYS C 280 -22.05 -36.61 17.34
CA LYS C 280 -21.35 -36.63 18.64
C LYS C 280 -20.00 -35.91 18.69
N GLU C 281 -19.04 -36.34 17.86
CA GLU C 281 -17.70 -35.73 17.88
C GLU C 281 -17.74 -34.22 17.65
N GLY C 282 -18.33 -33.81 16.53
CA GLY C 282 -18.45 -32.40 16.19
C GLY C 282 -19.08 -31.59 17.30
N PHE C 283 -20.19 -32.10 17.83
CA PHE C 283 -20.84 -31.53 19.00
C PHE C 283 -19.85 -31.25 20.14
N LEU C 284 -19.03 -32.25 20.49
CA LEU C 284 -18.13 -32.09 21.65
C LEU C 284 -16.99 -31.14 21.32
N LEU C 285 -16.50 -31.22 20.09
CA LEU C 285 -15.45 -30.29 19.66
C LEU C 285 -15.98 -28.84 19.82
N ALA C 286 -17.15 -28.56 19.25
CA ALA C 286 -17.75 -27.26 19.38
C ALA C 286 -17.96 -26.85 20.84
N LEU C 287 -18.52 -27.74 21.65
CA LEU C 287 -18.70 -27.45 23.07
C LEU C 287 -17.40 -27.22 23.80
N THR C 288 -16.43 -28.11 23.58
CA THR C 288 -15.13 -28.00 24.25
C THR C 288 -14.43 -26.66 23.98
N GLN C 289 -14.17 -26.32 22.70
CA GLN C 289 -13.46 -25.07 22.43
C GLN C 289 -14.26 -23.82 22.81
N GLY C 290 -15.59 -23.91 22.71
CA GLY C 290 -16.48 -22.81 23.10
C GLY C 290 -16.44 -22.48 24.59
N ARG C 291 -16.51 -23.52 25.42
CA ARG C 291 -16.56 -23.32 26.87
C ARG C 291 -15.23 -22.77 27.38
N GLU C 292 -14.15 -23.08 26.66
CA GLU C 292 -12.84 -22.56 27.03
C GLU C 292 -12.72 -21.08 26.70
N ILE C 293 -13.13 -20.69 25.48
CA ILE C 293 -13.02 -19.28 25.04
C ILE C 293 -13.85 -18.34 25.91
N GLN C 294 -14.95 -18.86 26.46
CA GLN C 294 -15.94 -18.05 27.18
C GLN C 294 -15.66 -17.92 28.68
N ALA C 295 -14.58 -18.56 29.12
CA ALA C 295 -13.99 -18.40 30.47
C ALA C 295 -14.91 -18.86 31.60
N GLN C 296 -15.28 -20.15 31.54
CA GLN C 296 -16.25 -20.69 32.50
C GLN C 296 -15.67 -21.62 33.56
N ASN C 297 -15.64 -22.92 33.27
CA ASN C 297 -15.19 -23.93 34.22
C ASN C 297 -16.19 -24.20 35.36
N PHE C 298 -17.22 -23.36 35.47
CA PHE C 298 -18.35 -23.70 36.33
C PHE C 298 -19.38 -24.55 35.56
N PHE C 299 -19.18 -24.63 34.24
CA PHE C 299 -19.94 -25.50 33.33
C PHE C 299 -19.15 -26.79 33.24
N SER C 300 -19.26 -27.62 34.27
CA SER C 300 -18.47 -28.86 34.36
C SER C 300 -19.03 -30.08 33.61
N SER C 301 -20.34 -30.08 33.31
CA SER C 301 -21.01 -31.22 32.68
C SER C 301 -22.39 -30.89 32.07
N PHE C 302 -22.91 -31.79 31.26
CA PHE C 302 -24.23 -31.64 30.65
C PHE C 302 -24.79 -33.02 30.36
N THR C 303 -26.12 -33.13 30.31
CA THR C 303 -26.74 -34.34 29.77
C THR C 303 -27.87 -34.01 28.80
N LEU C 304 -27.88 -34.71 27.67
CA LEU C 304 -28.92 -34.53 26.65
C LEU C 304 -30.10 -35.45 26.92
N MET C 305 -31.30 -34.87 26.85
CA MET C 305 -32.55 -35.58 27.14
C MET C 305 -33.50 -35.59 25.95
N LYS C 306 -34.33 -36.62 25.89
CA LYS C 306 -35.37 -36.75 24.87
C LYS C 306 -36.73 -36.76 25.57
N LEU C 307 -37.76 -36.29 24.86
CA LEU C 307 -39.13 -36.36 25.37
C LEU C 307 -39.66 -37.76 25.16
N ARG C 308 -40.55 -38.20 26.07
CA ARG C 308 -41.21 -39.50 25.94
C ARG C 308 -42.65 -39.42 25.42
N HIS C 309 -43.33 -38.29 25.66
CA HIS C 309 -44.64 -38.07 25.06
C HIS C 309 -44.53 -36.91 24.07
N SER C 310 -45.56 -36.69 23.26
CA SER C 310 -45.60 -35.53 22.36
C SER C 310 -45.54 -34.19 23.13
N SER C 311 -45.03 -33.15 22.47
CA SER C 311 -44.99 -31.79 23.06
C SER C 311 -46.41 -31.23 23.27
N ALA C 312 -47.39 -31.96 22.76
CA ALA C 312 -48.81 -31.68 22.94
C ALA C 312 -49.18 -31.72 24.40
N LEU C 313 -48.52 -32.59 25.16
CA LEU C 313 -48.76 -32.66 26.60
C LEU C 313 -48.34 -31.33 27.23
N GLY C 314 -47.13 -30.87 26.90
CA GLY C 314 -46.69 -29.51 27.26
C GLY C 314 -47.70 -28.47 26.81
N GLY C 315 -48.22 -28.64 25.60
CA GLY C 315 -49.31 -27.83 25.08
C GLY C 315 -50.53 -27.89 25.97
N ALA C 316 -50.95 -29.09 26.37
CA ALA C 316 -52.06 -29.23 27.32
C ALA C 316 -51.79 -28.45 28.61
N SER C 317 -50.60 -28.64 29.17
CA SER C 317 -50.23 -28.02 30.41
C SER C 317 -50.36 -26.49 30.32
N LEU C 318 -49.75 -25.89 29.29
CA LEU C 318 -49.77 -24.45 29.16
C LEU C 318 -51.22 -24.00 29.02
N GLY C 319 -51.93 -24.63 28.08
CA GLY C 319 -53.35 -24.38 27.82
C GLY C 319 -54.19 -24.28 29.06
N ALA C 320 -54.00 -25.20 30.00
CA ALA C 320 -54.72 -25.21 31.27
C ALA C 320 -54.28 -24.13 32.30
N ARG C 321 -53.03 -23.66 32.21
CA ARG C 321 -52.53 -22.59 33.07
C ARG C 321 -53.26 -21.29 32.74
N HIS C 322 -53.73 -21.19 31.49
CA HIS C 322 -54.43 -19.99 30.98
C HIS C 322 -55.80 -19.75 31.65
N ILE C 323 -56.47 -20.84 32.05
CA ILE C 323 -57.49 -20.81 33.12
C ILE C 323 -56.75 -21.16 34.43
N GLY C 324 -57.46 -21.33 35.52
CA GLY C 324 -56.78 -21.49 36.80
C GLY C 324 -56.44 -22.91 37.20
N HIS C 325 -56.06 -23.75 36.22
CA HIS C 325 -55.83 -25.17 36.45
C HIS C 325 -54.38 -25.62 36.19
N LEU C 326 -53.69 -25.99 37.27
CA LEU C 326 -52.34 -26.53 37.20
C LEU C 326 -52.37 -28.06 37.25
N LEU C 327 -52.45 -28.70 36.08
CA LEU C 327 -52.42 -30.17 36.00
C LEU C 327 -51.18 -30.73 36.70
N PRO C 328 -51.36 -31.79 37.51
CA PRO C 328 -50.18 -32.51 38.00
C PRO C 328 -49.44 -33.19 36.85
N MET C 329 -48.12 -33.19 36.95
CA MET C 329 -47.28 -33.58 35.83
C MET C 329 -46.13 -34.47 36.30
N ASP C 330 -45.97 -35.59 35.61
CA ASP C 330 -44.98 -36.57 35.97
C ASP C 330 -43.81 -36.35 35.04
N TYR C 331 -43.03 -35.33 35.34
CA TYR C 331 -41.96 -34.89 34.48
C TYR C 331 -40.87 -35.97 34.26
N SER C 332 -40.42 -36.65 35.31
CA SER C 332 -39.38 -37.68 35.13
C SER C 332 -39.87 -38.91 34.37
N ALA C 333 -41.19 -39.07 34.27
CA ALA C 333 -41.76 -40.03 33.32
C ALA C 333 -41.79 -39.46 31.89
N ASN C 334 -41.71 -38.14 31.78
CA ASN C 334 -41.91 -37.45 30.49
C ASN C 334 -40.66 -37.19 29.62
N ALA C 335 -39.47 -37.31 30.20
CA ALA C 335 -38.20 -37.17 29.46
C ALA C 335 -37.14 -38.18 29.92
N ILE C 336 -36.33 -38.71 29.01
CA ILE C 336 -35.18 -39.57 29.38
C ILE C 336 -33.86 -38.98 28.95
N ALA C 337 -32.85 -39.16 29.79
CA ALA C 337 -31.48 -38.84 29.45
C ALA C 337 -30.98 -39.92 28.51
N PHE C 338 -30.31 -39.52 27.44
CA PHE C 338 -29.75 -40.51 26.53
C PHE C 338 -28.24 -40.40 26.40
N TYR C 339 -27.65 -39.44 27.10
CA TYR C 339 -26.24 -39.16 26.98
C TYR C 339 -25.81 -38.11 27.99
N SER C 340 -24.64 -38.28 28.59
CA SER C 340 -24.09 -37.28 29.52
C SER C 340 -22.59 -37.23 29.32
N TYR C 341 -21.97 -36.20 29.92
CA TYR C 341 -20.55 -35.93 29.70
C TYR C 341 -20.02 -34.85 30.66
N THR C 342 -18.91 -35.11 31.33
CA THR C 342 -18.28 -34.07 32.16
C THR C 342 -16.87 -33.77 31.65
N PHE C 343 -16.59 -32.51 31.38
CA PHE C 343 -15.28 -32.18 30.85
C PHE C 343 -14.21 -32.50 31.89
N SER C 344 -13.09 -33.07 31.46
CA SER C 344 -11.93 -33.17 32.34
C SER C 344 -11.19 -31.81 32.32
N ALA D 2 76.52 43.56 3.54
CA ALA D 2 75.46 43.70 2.49
C ALA D 2 74.10 43.28 3.04
N ALA D 3 73.07 44.11 2.81
CA ALA D 3 71.73 43.80 3.26
C ALA D 3 71.03 42.88 2.26
N ILE D 4 70.37 41.85 2.78
CA ILE D 4 69.70 40.86 1.92
C ILE D 4 68.27 40.54 2.39
N TYR D 5 67.36 40.37 1.44
CA TYR D 5 65.93 40.33 1.75
C TYR D 5 65.26 39.08 1.20
N GLY D 6 64.76 38.20 2.06
CA GLY D 6 64.12 36.95 1.62
C GLY D 6 62.60 36.87 1.50
N GLY D 7 62.15 35.91 0.69
CA GLY D 7 60.75 35.59 0.53
C GLY D 7 60.58 34.08 0.37
N VAL D 8 59.44 33.56 0.76
CA VAL D 8 59.12 32.15 0.61
C VAL D 8 57.73 32.05 0.03
N GLU D 9 57.61 31.28 -1.06
CA GLU D 9 56.32 30.78 -1.53
C GLU D 9 56.13 29.45 -0.83
N GLY D 10 55.18 29.39 0.10
CA GLY D 10 54.91 28.16 0.86
C GLY D 10 53.43 27.86 1.07
N GLY D 11 53.14 26.87 1.92
CA GLY D 11 51.75 26.45 2.18
C GLY D 11 51.20 25.35 1.27
N GLY D 12 51.58 25.35 -0.01
CA GLY D 12 51.17 24.30 -0.95
C GLY D 12 52.09 23.09 -0.85
N THR D 13 52.22 22.35 -1.95
CA THR D 13 53.06 21.14 -1.94
C THR D 13 54.48 21.42 -2.37
N ARG D 14 54.68 22.56 -3.00
CA ARG D 14 56.01 22.97 -3.44
C ARG D 14 56.35 24.30 -2.81
N SER D 15 57.56 24.40 -2.27
CA SER D 15 58.03 25.62 -1.65
C SER D 15 59.24 26.18 -2.39
N GLU D 16 59.44 27.49 -2.27
CA GLU D 16 60.56 28.16 -2.91
C GLU D 16 61.08 29.30 -2.02
N VAL D 17 62.35 29.67 -2.18
CA VAL D 17 62.95 30.78 -1.44
C VAL D 17 63.73 31.67 -2.40
N LEU D 18 63.50 32.97 -2.35
CA LEU D 18 64.34 33.87 -3.15
C LEU D 18 65.10 34.79 -2.20
N LEU D 19 66.42 34.86 -2.38
CA LEU D 19 67.19 35.86 -1.66
C LEU D 19 67.44 37.03 -2.58
N VAL D 20 66.84 38.17 -2.24
CA VAL D 20 66.96 39.38 -3.02
C VAL D 20 67.86 40.45 -2.37
N SER D 21 68.76 41.02 -3.18
CA SER D 21 69.69 42.05 -2.73
C SER D 21 69.08 43.46 -2.69
N GLU D 22 69.84 44.42 -2.18
CA GLU D 22 69.37 45.76 -1.91
C GLU D 22 68.79 46.49 -3.11
N ASP D 23 69.41 46.33 -4.28
CA ASP D 23 68.93 46.96 -5.50
C ASP D 23 68.12 46.00 -6.40
N GLY D 24 67.56 44.97 -5.75
CA GLY D 24 66.56 44.12 -6.38
C GLY D 24 67.03 42.91 -7.16
N LYS D 25 68.33 42.72 -7.32
CA LYS D 25 68.82 41.57 -8.06
C LYS D 25 68.70 40.31 -7.22
N ILE D 26 68.47 39.17 -7.87
CA ILE D 26 68.34 37.87 -7.21
C ILE D 26 69.72 37.27 -6.88
N LEU D 27 69.95 37.00 -5.59
CA LEU D 27 71.22 36.42 -5.12
C LEU D 27 71.27 34.89 -5.16
N ALA D 28 70.14 34.26 -4.80
CA ALA D 28 70.07 32.81 -4.72
C ALA D 28 68.63 32.37 -4.78
N GLU D 29 68.40 31.13 -5.22
CA GLU D 29 67.10 30.48 -5.01
C GLU D 29 67.13 28.96 -4.84
N ALA D 30 66.33 28.49 -3.90
CA ALA D 30 66.25 27.07 -3.59
C ALA D 30 64.80 26.57 -3.64
N ASP D 31 64.58 25.39 -4.22
CA ASP D 31 63.26 24.75 -4.16
C ASP D 31 63.15 23.97 -2.87
N GLY D 32 61.92 23.72 -2.45
CA GLY D 32 61.63 22.83 -1.32
C GLY D 32 60.33 22.09 -1.51
N LEU D 33 60.09 21.10 -0.66
CA LEU D 33 58.84 20.33 -0.73
C LEU D 33 57.71 21.04 0.03
N SER D 34 56.63 20.33 0.34
CA SER D 34 55.50 20.88 1.08
C SER D 34 55.90 21.64 2.33
N THR D 35 55.26 22.81 2.53
CA THR D 35 55.27 23.49 3.83
C THR D 35 53.84 23.73 4.30
N ASN D 36 53.07 22.64 4.34
CA ASN D 36 51.68 22.64 4.75
C ASN D 36 51.56 21.97 6.11
N HIS D 37 51.22 22.75 7.13
CA HIS D 37 51.31 22.26 8.52
C HIS D 37 50.22 21.23 8.85
N TRP D 38 49.13 21.26 8.09
CA TRP D 38 48.09 20.25 8.18
C TRP D 38 48.68 18.89 7.82
N LEU D 39 49.32 18.83 6.66
CA LEU D 39 49.85 17.60 6.09
C LEU D 39 51.15 17.16 6.79
N ILE D 40 51.83 18.11 7.41
CA ILE D 40 53.21 17.91 7.85
C ILE D 40 53.50 18.30 9.32
N GLY D 41 52.56 19.01 9.93
CA GLY D 41 52.77 19.54 11.28
C GLY D 41 53.58 20.81 11.18
N THR D 42 53.58 21.63 12.23
CA THR D 42 54.28 22.92 12.16
C THR D 42 55.78 22.80 12.42
N ASP D 43 56.18 21.85 13.25
CA ASP D 43 57.59 21.62 13.54
C ASP D 43 58.38 21.33 12.27
N LYS D 44 57.89 20.37 11.48
CA LYS D 44 58.47 20.02 10.17
C LYS D 44 58.47 21.20 9.19
N CYS D 45 57.41 22.01 9.23
CA CYS D 45 57.37 23.24 8.45
C CYS D 45 58.51 24.15 8.85
N VAL D 46 58.64 24.39 10.16
CA VAL D 46 59.75 25.17 10.70
C VAL D 46 61.12 24.62 10.25
N GLU D 47 61.31 23.31 10.35
CA GLU D 47 62.56 22.67 9.93
C GLU D 47 62.86 22.92 8.45
N ARG D 48 61.88 22.65 7.60
CA ARG D 48 62.07 22.80 6.15
C ARG D 48 62.29 24.25 5.71
N ILE D 49 61.61 25.21 6.36
CA ILE D 49 61.90 26.61 6.03
C ILE D 49 63.35 26.96 6.36
N ASN D 50 63.79 26.63 7.58
CA ASN D 50 65.17 26.89 7.95
C ASN D 50 66.17 26.22 6.98
N GLU D 51 65.91 24.95 6.66
CA GLU D 51 66.71 24.20 5.70
C GLU D 51 66.81 24.87 4.32
N MET D 52 65.69 25.30 3.75
CA MET D 52 65.66 25.94 2.42
C MET D 52 66.48 27.22 2.44
N VAL D 53 66.13 28.11 3.38
CA VAL D 53 66.79 29.40 3.54
C VAL D 53 68.29 29.27 3.71
N ASN D 54 68.74 28.30 4.52
CA ASN D 54 70.17 28.08 4.75
C ASN D 54 70.88 27.61 3.49
N ARG D 55 70.15 26.87 2.65
CA ARG D 55 70.67 26.36 1.39
C ARG D 55 70.77 27.52 0.41
N ALA D 56 69.86 28.48 0.55
CA ALA D 56 69.91 29.70 -0.21
C ALA D 56 71.07 30.61 0.23
N LYS D 57 71.34 30.67 1.54
CA LYS D 57 72.47 31.45 2.05
C LYS D 57 73.81 30.92 1.51
N ARG D 58 73.97 29.59 1.57
CA ARG D 58 75.20 28.93 1.13
C ARG D 58 75.48 29.21 -0.34
N LYS D 59 74.46 29.04 -1.18
CA LYS D 59 74.54 29.34 -2.60
C LYS D 59 75.08 30.77 -2.85
N ALA D 60 74.71 31.68 -1.95
CA ALA D 60 75.04 33.09 -2.10
C ALA D 60 76.36 33.49 -1.41
N GLY D 61 77.05 32.49 -0.87
CA GLY D 61 78.27 32.73 -0.11
C GLY D 61 78.00 33.43 1.22
N VAL D 62 76.87 33.11 1.83
CA VAL D 62 76.48 33.72 3.10
C VAL D 62 76.42 32.65 4.21
N ASP D 63 77.18 32.87 5.27
CA ASP D 63 77.29 31.94 6.39
C ASP D 63 75.94 31.77 7.08
N PRO D 64 75.64 30.54 7.55
CA PRO D 64 74.42 30.28 8.35
C PRO D 64 74.21 31.20 9.55
N LEU D 65 75.28 31.79 10.08
CA LEU D 65 75.17 32.70 11.22
C LEU D 65 74.83 34.17 10.88
N VAL D 66 74.77 34.52 9.60
CA VAL D 66 74.38 35.89 9.23
C VAL D 66 72.89 35.90 8.96
N PRO D 67 72.11 36.68 9.75
CA PRO D 67 70.69 36.76 9.48
C PRO D 67 70.33 37.66 8.30
N LEU D 68 69.20 37.36 7.68
CA LEU D 68 68.54 38.27 6.75
C LEU D 68 68.10 39.55 7.47
N ARG D 69 67.91 40.61 6.71
CA ARG D 69 67.29 41.82 7.25
C ARG D 69 65.78 41.61 7.36
N SER D 70 65.22 40.77 6.49
CA SER D 70 63.80 40.41 6.56
C SER D 70 63.49 39.12 5.78
N LEU D 71 62.33 38.55 6.07
CA LEU D 71 61.85 37.35 5.41
C LEU D 71 60.32 37.45 5.36
N GLY D 72 59.78 37.45 4.15
CA GLY D 72 58.37 37.57 3.93
C GLY D 72 57.88 36.21 3.49
N LEU D 73 57.09 35.58 4.34
CA LEU D 73 56.59 34.24 4.03
C LEU D 73 55.19 34.41 3.42
N SER D 74 55.09 34.13 2.13
CA SER D 74 53.84 34.24 1.40
C SER D 74 53.19 32.85 1.40
N LEU D 75 52.26 32.63 2.34
CA LEU D 75 51.79 31.27 2.66
C LEU D 75 50.37 30.93 2.24
N SER D 76 50.25 30.10 1.21
CA SER D 76 48.94 29.63 0.77
C SER D 76 48.27 28.73 1.81
N GLY D 77 47.20 28.07 1.40
CA GLY D 77 46.30 27.39 2.32
C GLY D 77 45.55 28.46 3.11
N GLY D 78 45.30 29.59 2.43
CA GLY D 78 44.80 30.84 3.03
C GLY D 78 43.69 30.76 4.08
N ASP D 79 42.87 31.81 4.13
CA ASP D 79 41.80 31.94 5.13
C ASP D 79 42.32 31.79 6.56
N GLN D 80 42.57 30.54 6.95
CA GLN D 80 43.05 30.21 8.29
C GLN D 80 44.54 30.10 8.30
N GLU D 81 45.21 31.25 8.19
CA GLU D 81 46.66 31.30 8.33
C GLU D 81 47.16 32.16 9.49
N ASP D 82 46.58 31.94 10.68
CA ASP D 82 47.08 32.50 11.92
C ASP D 82 47.84 31.47 12.79
N ALA D 83 48.12 30.32 12.19
CA ALA D 83 49.19 29.43 12.66
C ALA D 83 50.54 30.08 12.26
N GLY D 84 50.44 31.20 11.55
CA GLY D 84 51.58 32.04 11.21
C GLY D 84 52.26 32.73 12.37
N ARG D 85 51.49 33.30 13.31
CA ARG D 85 52.09 33.89 14.52
C ARG D 85 53.00 32.84 15.15
N ILE D 86 52.54 31.58 15.11
CA ILE D 86 53.22 30.48 15.78
C ILE D 86 54.44 29.99 15.03
N LEU D 87 54.29 29.86 13.71
CA LEU D 87 55.41 29.47 12.84
C LEU D 87 56.55 30.47 12.91
N ILE D 88 56.22 31.74 13.11
CA ILE D 88 57.22 32.78 13.30
C ILE D 88 57.89 32.65 14.66
N GLU D 89 57.12 32.35 15.70
CA GLU D 89 57.68 32.18 17.06
C GLU D 89 58.63 31.00 17.14
N GLU D 90 58.17 29.84 16.70
CA GLU D 90 59.00 28.64 16.68
C GLU D 90 60.26 28.86 15.85
N LEU D 91 60.16 29.68 14.80
CA LEU D 91 61.33 30.06 13.99
C LEU D 91 62.36 30.90 14.74
N ARG D 92 61.94 32.00 15.35
CA ARG D 92 62.87 32.84 16.12
C ARG D 92 63.23 32.27 17.50
N ASP D 93 62.62 31.13 17.83
CA ASP D 93 62.95 30.39 19.03
C ASP D 93 64.10 29.46 18.70
N ARG D 94 63.86 28.61 17.70
CA ARG D 94 64.76 27.54 17.33
C ARG D 94 65.97 28.03 16.52
N PHE D 95 65.72 28.96 15.59
CA PHE D 95 66.78 29.47 14.70
C PHE D 95 66.88 31.01 14.71
N PRO D 96 67.57 31.59 15.72
CA PRO D 96 67.63 33.04 15.94
C PRO D 96 68.43 33.80 14.90
N TYR D 97 69.36 33.11 14.24
CA TYR D 97 70.21 33.73 13.21
C TYR D 97 69.64 33.66 11.79
N LEU D 98 68.44 33.12 11.67
CA LEU D 98 67.78 33.02 10.39
C LEU D 98 67.51 34.40 9.79
N SER D 99 66.77 35.24 10.52
CA SER D 99 66.29 36.52 10.04
C SER D 99 66.06 37.48 11.20
N GLU D 100 66.19 38.78 10.96
CA GLU D 100 65.97 39.83 11.97
C GLU D 100 64.51 40.32 12.00
N SER D 101 63.73 39.93 11.00
CA SER D 101 62.35 40.36 10.86
C SER D 101 61.53 39.34 10.01
N TYR D 102 60.24 39.23 10.28
CA TYR D 102 59.38 38.30 9.56
C TYR D 102 58.05 38.93 9.20
N LEU D 103 57.45 38.51 8.09
CA LEU D 103 56.06 38.88 7.76
C LEU D 103 55.29 37.68 7.21
N ILE D 104 54.16 37.34 7.82
CA ILE D 104 53.23 36.36 7.25
C ILE D 104 52.29 37.09 6.32
N THR D 105 52.23 36.57 5.10
CA THR D 105 51.50 37.11 3.98
C THR D 105 50.55 35.99 3.50
N THR D 106 49.38 36.34 2.96
CA THR D 106 48.57 35.35 2.24
C THR D 106 49.25 35.03 0.93
N ASP D 107 48.83 33.96 0.27
CA ASP D 107 49.42 33.69 -1.02
C ASP D 107 48.99 34.75 -2.05
N ALA D 108 47.81 35.34 -1.83
CA ALA D 108 47.26 36.37 -2.69
C ALA D 108 48.03 37.67 -2.57
N ALA D 109 48.39 38.03 -1.34
CA ALA D 109 49.16 39.24 -1.11
C ALA D 109 50.55 39.12 -1.72
N GLY D 110 51.17 37.94 -1.59
CA GLY D 110 52.48 37.68 -2.18
C GLY D 110 52.40 37.77 -3.68
N SER D 111 51.36 37.14 -4.23
CA SER D 111 51.12 37.09 -5.68
C SER D 111 51.00 38.45 -6.37
N ILE D 112 50.09 39.34 -5.92
CA ILE D 112 49.98 40.66 -6.57
C ILE D 112 51.20 41.50 -6.36
N ALA D 113 51.75 41.49 -5.14
CA ALA D 113 52.97 42.24 -4.85
C ALA D 113 54.12 41.87 -5.82
N THR D 114 54.00 40.72 -6.50
CA THR D 114 54.93 40.33 -7.57
C THR D 114 54.62 40.95 -8.94
N ALA D 115 53.34 41.18 -9.24
CA ALA D 115 52.89 41.75 -10.52
C ALA D 115 52.74 43.28 -10.59
N THR D 116 52.22 43.91 -9.53
CA THR D 116 52.13 45.39 -9.44
C THR D 116 52.55 45.92 -8.06
N PRO D 117 52.98 47.21 -7.99
CA PRO D 117 53.40 47.81 -6.72
C PRO D 117 52.24 48.08 -5.79
N ASP D 118 51.13 48.52 -6.33
CA ASP D 118 50.01 48.88 -5.49
C ASP D 118 49.11 47.66 -5.36
N GLY D 119 47.84 47.84 -5.08
CA GLY D 119 47.00 46.65 -4.93
C GLY D 119 46.60 45.99 -6.22
N GLY D 120 45.63 45.10 -6.15
CA GLY D 120 45.07 44.45 -7.33
C GLY D 120 44.07 43.40 -6.90
N VAL D 121 43.62 42.60 -7.86
CA VAL D 121 42.75 41.46 -7.57
C VAL D 121 43.40 40.14 -8.00
N VAL D 122 43.38 39.12 -7.14
CA VAL D 122 43.85 37.78 -7.53
C VAL D 122 42.65 36.86 -7.81
N LEU D 123 42.57 36.36 -9.04
CA LEU D 123 41.43 35.54 -9.42
C LEU D 123 41.93 34.11 -9.70
N ILE D 124 41.50 33.17 -8.87
CA ILE D 124 42.02 31.82 -9.00
C ILE D 124 40.96 30.90 -9.56
N SER D 125 41.34 30.12 -10.56
CA SER D 125 40.52 29.02 -11.03
C SER D 125 41.43 27.86 -11.38
N GLY D 126 41.54 26.95 -10.42
CA GLY D 126 42.26 25.72 -10.62
C GLY D 126 41.29 24.58 -10.37
N THR D 127 41.73 23.63 -9.54
CA THR D 127 40.82 22.62 -9.05
C THR D 127 39.65 23.31 -8.32
N GLY D 128 39.98 24.25 -7.44
CA GLY D 128 39.00 25.13 -6.79
C GLY D 128 39.08 26.55 -7.33
N SER D 129 38.41 27.49 -6.67
CA SER D 129 38.41 28.88 -7.11
C SER D 129 38.30 29.82 -5.91
N ASN D 130 38.73 31.06 -6.11
CA ASN D 130 38.79 32.07 -5.05
C ASN D 130 39.13 33.43 -5.64
N CYS D 131 38.67 34.47 -4.97
CA CYS D 131 38.93 35.81 -5.43
C CYS D 131 39.24 36.72 -4.28
N ARG D 132 40.43 37.32 -4.32
CA ARG D 132 40.89 38.19 -3.25
C ARG D 132 41.38 39.54 -3.77
N LEU D 133 41.00 40.57 -3.03
CA LEU D 133 41.31 41.94 -3.37
C LEU D 133 42.31 42.45 -2.35
N ILE D 134 43.39 43.03 -2.86
CA ILE D 134 44.34 43.68 -2.00
C ILE D 134 44.45 45.16 -2.40
N ASN D 135 44.06 46.02 -1.48
CA ASN D 135 44.05 47.45 -1.73
C ASN D 135 45.43 48.11 -1.66
N PRO D 136 45.53 49.36 -2.16
CA PRO D 136 46.82 50.03 -2.01
C PRO D 136 47.26 50.08 -0.55
N ASP D 137 46.31 50.22 0.38
CA ASP D 137 46.66 50.33 1.79
C ASP D 137 47.00 48.99 2.47
N GLY D 138 46.79 47.88 1.77
CA GLY D 138 47.13 46.55 2.28
C GLY D 138 45.93 45.75 2.77
N SER D 139 44.80 46.42 2.96
CA SER D 139 43.62 45.78 3.50
C SER D 139 43.09 44.81 2.45
N GLU D 140 42.87 43.59 2.90
CA GLU D 140 42.57 42.47 2.03
C GLU D 140 41.15 41.96 2.30
N SER D 141 40.40 41.58 1.26
CA SER D 141 39.08 40.97 1.42
C SER D 141 38.76 40.03 0.27
N GLY D 142 37.65 39.29 0.36
CA GLY D 142 37.39 38.26 -0.63
C GLY D 142 36.00 37.81 -0.97
N CYS D 143 35.96 36.97 -2.00
CA CYS D 143 34.76 36.33 -2.47
C CYS D 143 35.12 34.88 -2.86
N GLY D 144 34.34 33.91 -2.36
CA GLY D 144 34.59 32.51 -2.65
C GLY D 144 35.67 31.86 -1.81
N GLY D 145 36.35 30.86 -2.36
CA GLY D 145 37.29 30.06 -1.60
C GLY D 145 36.71 29.00 -0.67
N TRP D 146 35.44 28.64 -0.83
CA TRP D 146 34.78 27.72 0.10
C TRP D 146 34.86 26.22 -0.24
N GLY D 147 35.52 25.86 -1.34
CA GLY D 147 35.77 24.46 -1.65
C GLY D 147 34.60 23.77 -2.32
N HIS D 148 34.80 22.52 -2.71
CA HIS D 148 33.89 21.86 -3.62
C HIS D 148 32.49 21.59 -3.06
N MET D 149 32.33 21.58 -1.74
CA MET D 149 31.00 21.33 -1.17
C MET D 149 30.12 22.59 -1.01
N MET D 150 30.68 23.78 -1.20
CA MET D 150 29.96 25.02 -0.89
C MET D 150 30.30 26.21 -1.79
N GLY D 151 30.78 25.93 -2.99
CA GLY D 151 31.06 26.95 -3.96
C GLY D 151 32.05 26.44 -4.98
N ASP D 152 33.24 27.03 -5.00
CA ASP D 152 34.22 26.81 -6.05
C ASP D 152 33.67 27.11 -7.45
N GLU D 153 32.72 28.03 -7.52
CA GLU D 153 32.07 28.33 -8.80
C GLU D 153 33.11 28.72 -9.83
N GLY D 154 32.97 28.16 -11.03
CA GLY D 154 33.87 28.47 -12.15
C GLY D 154 35.27 27.84 -12.09
N SER D 155 35.42 26.80 -11.29
CA SER D 155 36.70 26.12 -11.15
C SER D 155 36.69 24.86 -11.97
N ALA D 156 37.79 24.12 -11.97
CA ALA D 156 37.83 22.84 -12.66
C ALA D 156 36.74 21.92 -12.11
N TYR D 157 36.58 21.91 -10.79
CA TYR D 157 35.68 20.96 -10.15
C TYR D 157 34.24 21.25 -10.50
N TRP D 158 33.91 22.54 -10.50
CA TRP D 158 32.58 23.03 -10.74
C TRP D 158 32.17 22.72 -12.18
N ILE D 159 33.13 22.87 -13.10
CA ILE D 159 32.92 22.55 -14.50
C ILE D 159 32.57 21.07 -14.69
N ALA D 160 33.41 20.18 -14.17
CA ALA D 160 33.15 18.75 -14.28
C ALA D 160 31.80 18.42 -13.65
N HIS D 161 31.56 18.99 -12.45
CA HIS D 161 30.28 18.81 -11.77
C HIS D 161 29.06 19.31 -12.53
N GLN D 162 29.19 20.41 -13.26
CA GLN D 162 28.10 20.90 -14.08
C GLN D 162 27.83 19.85 -15.18
N ALA D 163 28.91 19.35 -15.77
CA ALA D 163 28.79 18.42 -16.89
C ALA D 163 27.96 17.24 -16.44
N VAL D 164 28.32 16.61 -15.31
CA VAL D 164 27.63 15.38 -14.94
C VAL D 164 26.25 15.61 -14.30
N LYS D 165 26.05 16.78 -13.70
CA LYS D 165 24.75 17.15 -13.13
C LYS D 165 23.74 17.37 -14.24
N ILE D 166 24.12 18.16 -15.23
CA ILE D 166 23.21 18.44 -16.34
C ILE D 166 22.70 17.14 -16.99
N VAL D 167 23.60 16.20 -17.30
CA VAL D 167 23.15 14.96 -17.94
C VAL D 167 22.34 14.06 -17.01
N PHE D 168 22.62 14.11 -15.70
CA PHE D 168 21.84 13.36 -14.70
C PHE D 168 20.43 13.87 -14.63
N ASP D 169 20.32 15.19 -14.59
CA ASP D 169 19.03 15.84 -14.56
C ASP D 169 18.25 15.74 -15.87
N SER D 170 18.95 15.56 -17.00
CA SER D 170 18.30 15.38 -18.29
C SER D 170 17.60 14.02 -18.40
N ILE D 171 18.35 12.94 -18.19
CA ILE D 171 17.78 11.59 -18.23
C ILE D 171 16.61 11.45 -17.24
N ASP D 172 16.77 11.98 -16.02
CA ASP D 172 15.71 12.05 -15.00
C ASP D 172 14.48 12.87 -15.44
N ASN D 173 14.68 13.78 -16.40
CA ASN D 173 13.61 14.70 -16.86
C ASN D 173 13.20 15.68 -15.74
N LEU D 174 14.20 16.04 -14.93
CA LEU D 174 14.03 17.01 -13.87
C LEU D 174 14.41 18.40 -14.38
N GLU D 175 15.17 18.43 -15.47
CA GLU D 175 15.62 19.69 -16.04
C GLU D 175 16.15 19.43 -17.43
N ALA D 176 15.56 20.08 -18.41
CA ALA D 176 16.04 19.97 -19.78
C ALA D 176 17.34 20.77 -19.91
N ALA D 177 18.33 20.13 -20.51
CA ALA D 177 19.60 20.74 -20.83
C ALA D 177 19.41 21.83 -21.88
N PRO D 178 20.21 22.91 -21.79
CA PRO D 178 20.19 23.94 -22.84
C PRO D 178 20.57 23.43 -24.24
N HIS D 179 21.40 22.40 -24.31
CA HIS D 179 21.84 21.82 -25.60
C HIS D 179 21.98 20.32 -25.44
N ASP D 180 22.15 19.61 -26.56
CA ASP D 180 22.19 18.15 -26.60
C ASP D 180 23.22 17.54 -25.66
N ILE D 181 22.79 16.49 -24.97
CA ILE D 181 23.51 15.80 -23.91
C ILE D 181 24.57 14.84 -24.44
N GLY D 182 24.36 14.40 -25.68
CA GLY D 182 25.15 13.33 -26.30
C GLY D 182 26.65 13.34 -26.08
N TYR D 183 27.32 14.38 -26.55
CA TYR D 183 28.77 14.42 -26.46
C TYR D 183 29.26 14.21 -25.03
N VAL D 184 28.81 15.10 -24.12
CA VAL D 184 29.19 15.06 -22.71
C VAL D 184 28.83 13.73 -22.05
N LYS D 185 27.65 13.19 -22.35
CA LYS D 185 27.23 11.89 -21.79
C LYS D 185 28.27 10.82 -22.11
N GLN D 186 28.71 10.80 -23.37
CA GLN D 186 29.71 9.85 -23.86
C GLN D 186 31.08 10.09 -23.21
N ALA D 187 31.47 11.36 -23.14
CA ALA D 187 32.70 11.76 -22.45
C ALA D 187 32.73 11.29 -20.98
N MET D 188 31.65 11.54 -20.26
CA MET D 188 31.46 11.03 -18.89
C MET D 188 31.67 9.50 -18.79
N PHE D 189 30.87 8.72 -19.52
CA PHE D 189 30.95 7.27 -19.43
C PHE D 189 32.36 6.78 -19.73
N HIS D 190 33.03 7.45 -20.65
CA HIS D 190 34.36 7.07 -21.08
C HIS D 190 35.35 7.39 -19.97
N TYR D 191 35.37 8.64 -19.52
CA TYR D 191 36.38 9.13 -18.57
C TYR D 191 36.38 8.37 -17.25
N PHE D 192 35.20 8.12 -16.69
CA PHE D 192 35.09 7.35 -15.45
C PHE D 192 35.02 5.84 -15.71
N GLN D 193 35.05 5.49 -17.00
CA GLN D 193 35.07 4.11 -17.46
C GLN D 193 34.02 3.24 -16.77
N VAL D 194 32.76 3.66 -16.88
CA VAL D 194 31.64 2.97 -16.24
C VAL D 194 30.50 2.79 -17.23
N PRO D 195 29.61 1.81 -16.99
CA PRO D 195 28.54 1.58 -17.97
C PRO D 195 27.38 2.58 -17.90
N ASP D 196 26.98 2.98 -16.69
CA ASP D 196 25.76 3.75 -16.51
C ASP D 196 25.84 4.69 -15.32
N ARG D 197 24.79 5.49 -15.11
CA ARG D 197 24.79 6.48 -14.06
C ARG D 197 25.09 5.87 -12.68
N LEU D 198 24.52 4.70 -12.42
CA LEU D 198 24.80 3.95 -11.18
C LEU D 198 26.30 3.78 -10.96
N GLY D 199 27.04 3.56 -12.03
CA GLY D 199 28.49 3.44 -11.97
C GLY D 199 29.22 4.73 -11.66
N ILE D 200 28.62 5.88 -11.98
CA ILE D 200 29.21 7.18 -11.63
C ILE D 200 29.12 7.44 -10.13
N LEU D 201 28.16 6.79 -9.47
CA LEU D 201 27.90 7.03 -8.05
C LEU D 201 28.99 6.57 -7.11
N THR D 202 29.78 5.57 -7.51
CA THR D 202 30.90 5.11 -6.69
C THR D 202 32.05 6.11 -6.74
N HIS D 203 32.19 6.79 -7.87
CA HIS D 203 33.22 7.80 -8.05
C HIS D 203 32.88 9.09 -7.30
N LEU D 204 31.73 9.12 -6.65
CA LEU D 204 31.32 10.28 -5.85
C LEU D 204 31.18 9.99 -4.36
N TYR D 205 31.19 8.71 -4.00
CA TYR D 205 30.96 8.34 -2.60
C TYR D 205 32.04 7.43 -2.05
N ARG D 206 32.06 6.18 -2.50
CA ARG D 206 33.07 5.21 -2.06
C ARG D 206 34.47 5.57 -2.60
N ASP D 207 34.64 5.50 -3.92
CA ASP D 207 35.94 5.71 -4.56
C ASP D 207 36.19 7.18 -4.89
N PHE D 208 35.78 8.10 -4.01
CA PHE D 208 35.90 9.53 -4.34
C PHE D 208 37.34 10.03 -4.38
N ASP D 209 37.63 10.80 -5.43
CA ASP D 209 38.92 11.41 -5.67
C ASP D 209 38.69 12.75 -6.35
N LYS D 210 38.86 13.83 -5.58
CA LYS D 210 38.60 15.21 -6.03
C LYS D 210 39.42 15.57 -7.28
N CYS D 211 40.68 15.17 -7.27
CA CYS D 211 41.58 15.45 -8.37
C CYS D 211 41.16 14.74 -9.66
N ARG D 212 40.83 13.45 -9.54
CA ARG D 212 40.38 12.65 -10.68
C ARG D 212 39.15 13.33 -11.28
N PHE D 213 38.18 13.64 -10.43
CA PHE D 213 36.91 14.22 -10.85
C PHE D 213 37.07 15.57 -11.53
N ALA D 214 37.82 16.48 -10.91
CA ALA D 214 38.10 17.77 -11.53
C ALA D 214 38.87 17.62 -12.84
N GLY D 215 39.62 16.52 -12.98
CA GLY D 215 40.34 16.24 -14.22
C GLY D 215 39.41 16.22 -15.41
N PHE D 216 38.19 15.70 -15.19
CA PHE D 216 37.14 15.69 -16.22
C PHE D 216 36.95 17.03 -16.94
N CYS D 217 37.35 18.13 -16.31
CA CYS D 217 37.26 19.45 -16.93
C CYS D 217 37.95 19.50 -18.30
N ARG D 218 39.16 18.96 -18.36
CA ARG D 218 39.97 18.97 -19.58
C ARG D 218 39.18 18.39 -20.75
N LYS D 219 38.41 17.34 -20.46
CA LYS D 219 37.57 16.69 -21.47
C LYS D 219 36.48 17.64 -21.97
N ILE D 220 35.89 18.40 -21.07
CA ILE D 220 34.87 19.40 -21.44
C ILE D 220 35.51 20.53 -22.23
N ALA D 221 36.75 20.90 -21.88
CA ALA D 221 37.53 21.86 -22.68
C ALA D 221 37.70 21.41 -24.16
N GLU D 222 38.04 20.14 -24.36
CA GLU D 222 38.19 19.58 -25.72
C GLU D 222 36.87 19.60 -26.46
N GLY D 223 35.82 19.10 -25.82
CA GLY D 223 34.46 19.21 -26.34
C GLY D 223 34.10 20.62 -26.77
N ALA D 224 34.38 21.60 -25.90
CA ALA D 224 34.12 23.01 -26.21
C ALA D 224 35.00 23.48 -27.34
N GLN D 225 36.26 23.05 -27.33
CA GLN D 225 37.17 23.38 -28.40
C GLN D 225 36.65 22.80 -29.75
N GLN D 226 36.35 21.50 -29.77
CA GLN D 226 35.84 20.77 -30.98
C GLN D 226 34.46 21.21 -31.50
N GLY D 227 33.81 22.16 -30.81
CA GLY D 227 32.55 22.74 -31.29
C GLY D 227 31.23 22.33 -30.66
N ASP D 228 31.25 21.41 -29.68
CA ASP D 228 30.02 20.97 -29.00
C ASP D 228 29.29 22.09 -28.23
N PRO D 229 28.04 22.41 -28.65
CA PRO D 229 27.23 23.47 -28.07
C PRO D 229 27.19 23.47 -26.55
N LEU D 230 27.00 22.28 -25.95
CA LEU D 230 26.85 22.14 -24.51
C LEU D 230 28.13 22.39 -23.71
N SER D 231 29.25 21.88 -24.22
CA SER D 231 30.54 22.06 -23.56
C SER D 231 30.98 23.50 -23.63
N ARG D 232 30.69 24.15 -24.76
CA ARG D 232 30.91 25.59 -24.87
C ARG D 232 30.12 26.34 -23.79
N TYR D 233 28.84 25.99 -23.67
CA TYR D 233 27.93 26.65 -22.75
C TYR D 233 28.42 26.56 -21.31
N ILE D 234 28.96 25.40 -20.92
CA ILE D 234 29.42 25.24 -19.54
C ILE D 234 30.60 26.17 -19.24
N PHE D 235 31.50 26.29 -20.21
CA PHE D 235 32.60 27.23 -20.13
C PHE D 235 32.18 28.70 -20.16
N ARG D 236 31.04 29.01 -20.81
CA ARG D 236 30.48 30.35 -20.69
C ARG D 236 29.95 30.60 -19.28
N LYS D 237 29.35 29.59 -18.65
CA LYS D 237 28.80 29.77 -17.32
C LYS D 237 29.92 29.87 -16.30
N ALA D 238 30.99 29.10 -16.53
CA ALA D 238 32.20 29.20 -15.71
C ALA D 238 32.71 30.62 -15.79
N GLY D 239 32.91 31.14 -17.01
CA GLY D 239 33.31 32.54 -17.21
C GLY D 239 32.44 33.54 -16.47
N GLU D 240 31.13 33.31 -16.51
CA GLU D 240 30.17 34.12 -15.77
C GLU D 240 30.44 34.09 -14.27
N MET D 241 30.54 32.88 -13.70
CA MET D 241 30.77 32.73 -12.26
C MET D 241 32.06 33.44 -11.83
N LEU D 242 33.13 33.26 -12.60
CA LEU D 242 34.38 33.98 -12.34
C LEU D 242 34.19 35.50 -12.47
N GLY D 243 33.42 35.91 -13.47
CA GLY D 243 33.07 37.31 -13.60
C GLY D 243 32.38 37.84 -12.35
N ARG D 244 31.49 37.04 -11.79
CA ARG D 244 30.66 37.49 -10.68
C ARG D 244 31.46 37.58 -9.42
N HIS D 245 32.57 36.84 -9.36
CA HIS D 245 33.54 37.01 -8.28
C HIS D 245 34.13 38.42 -8.30
N ILE D 246 34.50 38.92 -9.49
CA ILE D 246 35.03 40.28 -9.58
C ILE D 246 33.98 41.30 -9.11
N VAL D 247 32.74 41.08 -9.58
CA VAL D 247 31.62 41.97 -9.30
C VAL D 247 31.30 42.04 -7.82
N ALA D 248 31.57 40.95 -7.11
CA ALA D 248 31.32 40.83 -5.68
C ALA D 248 32.18 41.79 -4.85
N VAL D 249 33.49 41.81 -5.13
CA VAL D 249 34.41 42.68 -4.40
C VAL D 249 34.46 44.15 -4.94
N LEU D 250 33.90 44.43 -6.11
CA LEU D 250 34.03 45.77 -6.70
C LEU D 250 33.81 46.89 -5.69
N PRO D 251 32.69 46.82 -4.91
CA PRO D 251 32.28 47.92 -4.04
C PRO D 251 33.32 48.22 -2.98
N GLU D 252 34.25 47.29 -2.81
CA GLU D 252 35.28 47.41 -1.79
C GLU D 252 36.60 47.98 -2.33
N ILE D 253 36.70 48.14 -3.64
CA ILE D 253 37.97 48.57 -4.24
C ILE D 253 38.21 50.06 -4.02
N ASP D 254 39.44 50.41 -3.68
CA ASP D 254 39.85 51.81 -3.58
C ASP D 254 39.77 52.45 -4.98
N PRO D 255 38.99 53.54 -5.11
CA PRO D 255 38.91 54.22 -6.40
C PRO D 255 40.24 54.34 -7.17
N VAL D 256 41.34 54.62 -6.46
CA VAL D 256 42.62 54.85 -7.18
C VAL D 256 43.15 53.62 -7.94
N LEU D 257 42.66 52.44 -7.60
CA LEU D 257 43.04 51.21 -8.27
C LEU D 257 42.44 51.12 -9.68
N PHE D 258 41.39 51.89 -9.94
CA PHE D 258 40.80 51.95 -11.26
C PHE D 258 41.55 52.92 -12.19
N GLN D 259 42.59 53.61 -11.68
CA GLN D 259 43.10 54.82 -12.34
C GLN D 259 44.33 54.67 -13.25
N GLY D 260 45.03 53.55 -13.20
CA GLY D 260 46.22 53.38 -14.03
C GLY D 260 45.94 53.40 -15.53
N LYS D 261 47.01 53.32 -16.32
CA LYS D 261 46.89 53.14 -17.77
C LYS D 261 46.52 51.69 -18.06
N ILE D 262 46.66 50.88 -17.02
CA ILE D 262 46.41 49.46 -17.03
C ILE D 262 44.97 49.21 -16.55
N GLY D 263 44.43 50.17 -15.81
CA GLY D 263 43.11 50.04 -15.19
C GLY D 263 43.20 49.12 -13.99
N LEU D 264 42.15 48.36 -13.72
CA LEU D 264 42.15 47.42 -12.61
C LEU D 264 43.04 46.25 -13.00
N PRO D 265 44.12 46.01 -12.23
CA PRO D 265 45.00 44.87 -12.42
C PRO D 265 44.43 43.62 -11.79
N ILE D 266 44.13 42.61 -12.62
CA ILE D 266 43.57 41.34 -12.14
C ILE D 266 44.54 40.23 -12.50
N LEU D 267 45.13 39.60 -11.49
CA LEU D 267 46.06 38.49 -11.70
C LEU D 267 45.29 37.17 -11.79
N CYS D 268 45.55 36.42 -12.85
CA CYS D 268 44.89 35.14 -13.03
C CYS D 268 45.83 34.00 -12.69
N VAL D 269 45.45 33.24 -11.65
CA VAL D 269 46.19 32.07 -11.19
C VAL D 269 45.36 30.83 -11.43
N GLY D 270 45.98 29.80 -11.97
CA GLY D 270 45.32 28.49 -12.11
C GLY D 270 45.36 27.96 -13.52
N SER D 271 45.10 26.66 -13.68
CA SER D 271 45.15 26.06 -15.02
C SER D 271 43.92 26.28 -15.88
N VAL D 272 42.75 26.48 -15.27
CA VAL D 272 41.53 26.72 -16.06
C VAL D 272 41.72 27.94 -16.96
N TRP D 273 42.46 28.94 -16.48
CA TRP D 273 42.83 30.09 -17.32
C TRP D 273 43.43 29.73 -18.68
N LYS D 274 43.91 28.52 -18.84
CA LYS D 274 44.40 28.10 -20.16
C LYS D 274 43.26 28.12 -21.17
N SER D 275 42.03 27.97 -20.69
CA SER D 275 40.86 27.99 -21.55
C SER D 275 40.20 29.37 -21.67
N TRP D 276 41.03 30.43 -21.66
CA TRP D 276 40.52 31.81 -21.64
C TRP D 276 39.54 32.09 -22.78
N GLU D 277 39.87 31.63 -23.98
CA GLU D 277 38.96 31.80 -25.13
C GLU D 277 37.55 31.29 -24.84
N LEU D 278 37.45 30.29 -23.97
CA LEU D 278 36.17 29.63 -23.70
C LEU D 278 35.42 30.28 -22.55
N LEU D 279 36.13 31.08 -21.75
CA LEU D 279 35.55 31.78 -20.61
C LEU D 279 35.20 33.24 -20.96
N LYS D 280 35.76 33.72 -22.07
CA LYS D 280 35.80 35.14 -22.40
C LYS D 280 34.43 35.79 -22.45
N GLU D 281 33.54 35.34 -23.33
CA GLU D 281 32.21 35.94 -23.43
C GLU D 281 31.46 35.98 -22.08
N GLY D 282 31.35 34.83 -21.40
CA GLY D 282 30.76 34.76 -20.08
C GLY D 282 31.37 35.74 -19.10
N PHE D 283 32.70 35.74 -19.02
CA PHE D 283 33.41 36.67 -18.15
C PHE D 283 32.98 38.10 -18.41
N LEU D 284 32.95 38.50 -19.69
CA LEU D 284 32.57 39.86 -20.07
C LEU D 284 31.13 40.20 -19.75
N LEU D 285 30.23 39.23 -19.88
CA LEU D 285 28.82 39.55 -19.73
C LEU D 285 28.49 39.84 -18.28
N ALA D 286 29.13 39.08 -17.40
CA ALA D 286 28.97 39.25 -15.98
C ALA D 286 29.57 40.57 -15.49
N LEU D 287 30.68 40.99 -16.10
CA LEU D 287 31.28 42.26 -15.74
C LEU D 287 30.48 43.45 -16.24
N THR D 288 29.89 43.32 -17.42
CA THR D 288 29.07 44.39 -17.99
C THR D 288 27.80 44.64 -17.17
N GLN D 289 26.98 43.62 -16.95
CA GLN D 289 25.71 43.84 -16.25
C GLN D 289 25.85 44.13 -14.75
N GLY D 290 27.06 43.96 -14.21
CA GLY D 290 27.30 44.15 -12.78
C GLY D 290 27.96 45.48 -12.42
N ARG D 291 28.82 45.98 -13.32
CA ARG D 291 29.42 47.30 -13.15
C ARG D 291 28.41 48.41 -13.51
N GLU D 292 27.31 48.04 -14.17
CA GLU D 292 26.21 48.98 -14.42
C GLU D 292 25.33 49.15 -13.19
N ILE D 293 24.90 48.04 -12.59
CA ILE D 293 24.10 48.04 -11.35
C ILE D 293 24.72 48.96 -10.29
N GLN D 294 26.04 48.91 -10.17
CA GLN D 294 26.80 49.67 -9.16
C GLN D 294 27.48 50.88 -9.81
N ALA D 295 27.00 52.08 -9.46
CA ALA D 295 27.46 53.33 -10.09
C ALA D 295 28.97 53.34 -10.38
N GLN D 296 29.30 53.24 -11.68
CA GLN D 296 30.67 53.11 -12.18
C GLN D 296 31.48 54.43 -12.14
N ASN D 297 31.58 55.01 -10.95
CA ASN D 297 32.28 56.29 -10.73
C ASN D 297 33.78 56.24 -11.03
N PHE D 298 34.31 55.02 -11.12
CA PHE D 298 35.30 54.67 -12.13
C PHE D 298 35.20 53.20 -12.49
N PHE D 299 36.30 52.59 -12.91
CA PHE D 299 36.26 51.26 -13.53
C PHE D 299 35.91 51.45 -15.00
N SER D 300 36.90 52.00 -15.69
CA SER D 300 36.85 52.27 -17.11
C SER D 300 37.50 51.11 -17.88
N SER D 301 38.42 50.41 -17.24
CA SER D 301 39.18 49.35 -17.89
C SER D 301 39.76 48.34 -16.89
N PHE D 302 40.30 47.24 -17.40
CA PHE D 302 41.07 46.26 -16.62
C PHE D 302 42.03 45.55 -17.53
N THR D 303 43.11 45.01 -16.96
CA THR D 303 43.98 44.09 -17.69
C THR D 303 44.24 42.83 -16.85
N LEU D 304 44.23 41.69 -17.51
CA LEU D 304 44.45 40.42 -16.86
C LEU D 304 45.91 40.00 -17.02
N MET D 305 46.52 39.57 -15.93
CA MET D 305 47.94 39.21 -15.96
C MET D 305 48.13 37.74 -15.55
N LYS D 306 49.26 37.15 -15.97
CA LYS D 306 49.77 35.89 -15.38
C LYS D 306 51.16 36.17 -14.80
N LEU D 307 51.56 35.37 -13.81
CA LEU D 307 52.89 35.51 -13.23
C LEU D 307 53.94 34.79 -14.05
N ARG D 308 55.20 35.20 -13.85
CA ARG D 308 56.38 34.62 -14.49
C ARG D 308 57.49 34.35 -13.46
N HIS D 309 57.25 34.73 -12.22
CA HIS D 309 58.18 34.40 -11.16
C HIS D 309 57.42 33.86 -9.95
N SER D 310 58.18 33.34 -9.00
CA SER D 310 57.59 32.89 -7.76
C SER D 310 56.93 34.06 -7.03
N SER D 311 55.76 33.79 -6.44
CA SER D 311 55.17 34.70 -5.48
C SER D 311 56.16 35.04 -4.36
N ALA D 312 57.27 34.31 -4.28
CA ALA D 312 58.29 34.58 -3.28
C ALA D 312 58.93 35.97 -3.49
N LEU D 313 59.05 36.41 -4.73
CA LEU D 313 59.52 37.76 -5.04
C LEU D 313 58.64 38.84 -4.40
N GLY D 314 57.32 38.69 -4.58
CA GLY D 314 56.33 39.49 -3.85
C GLY D 314 56.55 39.42 -2.34
N GLY D 315 56.74 38.21 -1.83
CA GLY D 315 57.04 38.01 -0.41
C GLY D 315 58.27 38.77 0.06
N ALA D 316 59.29 38.82 -0.78
CA ALA D 316 60.51 39.52 -0.44
C ALA D 316 60.21 41.00 -0.37
N SER D 317 59.58 41.50 -1.41
CA SER D 317 59.16 42.90 -1.48
C SER D 317 58.36 43.38 -0.26
N LEU D 318 57.34 42.60 0.15
CA LEU D 318 56.50 42.94 1.32
C LEU D 318 57.27 42.87 2.61
N GLY D 319 58.07 41.82 2.76
CA GLY D 319 58.97 41.73 3.91
C GLY D 319 59.89 42.91 4.02
N ALA D 320 60.37 43.43 2.90
CA ALA D 320 61.25 44.60 2.89
C ALA D 320 60.53 45.94 3.18
N ARG D 321 59.38 46.16 2.55
CA ARG D 321 58.53 47.31 2.89
C ARG D 321 58.18 47.29 4.39
N HIS D 322 57.95 46.11 4.95
CA HIS D 322 57.63 45.96 6.37
C HIS D 322 58.69 46.54 7.33
N ILE D 323 59.93 46.67 6.85
CA ILE D 323 61.03 47.17 7.65
C ILE D 323 61.57 48.51 7.09
N GLY D 324 60.77 49.14 6.24
CA GLY D 324 61.07 50.48 5.75
C GLY D 324 61.99 50.60 4.54
N HIS D 325 62.09 49.53 3.75
CA HIS D 325 62.95 49.53 2.57
C HIS D 325 62.13 49.17 1.33
N LEU D 326 62.11 50.07 0.35
CA LEU D 326 61.37 49.87 -0.89
C LEU D 326 62.28 49.07 -1.85
N LEU D 327 61.99 47.78 -2.01
CA LEU D 327 62.82 46.95 -2.89
C LEU D 327 62.56 47.26 -4.35
N PRO D 328 63.61 47.61 -5.10
CA PRO D 328 63.45 47.74 -6.55
C PRO D 328 62.87 46.45 -7.14
N MET D 329 61.95 46.59 -8.10
CA MET D 329 61.16 45.47 -8.55
C MET D 329 60.90 45.71 -10.03
N ASP D 330 61.30 44.77 -10.88
CA ASP D 330 61.01 44.87 -12.32
C ASP D 330 59.67 44.22 -12.66
N TYR D 331 58.58 44.97 -12.50
CA TYR D 331 57.25 44.43 -12.72
C TYR D 331 56.98 43.86 -14.11
N SER D 332 57.70 44.30 -15.14
CA SER D 332 57.51 43.78 -16.50
C SER D 332 58.09 42.37 -16.60
N ALA D 333 59.29 42.19 -16.08
CA ALA D 333 59.90 40.86 -16.06
C ALA D 333 59.12 39.85 -15.20
N ASN D 334 58.32 40.35 -14.25
CA ASN D 334 57.63 39.51 -13.27
C ASN D 334 56.30 38.89 -13.68
N ALA D 335 55.62 39.48 -14.66
CA ALA D 335 54.30 39.03 -15.08
C ALA D 335 53.93 39.63 -16.43
N ILE D 336 53.12 38.92 -17.21
CA ILE D 336 52.68 39.43 -18.52
C ILE D 336 51.17 39.58 -18.65
N ALA D 337 50.75 40.61 -19.37
CA ALA D 337 49.35 40.88 -19.63
C ALA D 337 48.89 40.13 -20.86
N PHE D 338 47.81 39.35 -20.73
CA PHE D 338 47.27 38.59 -21.85
C PHE D 338 45.92 39.10 -22.38
N TYR D 339 45.34 40.12 -21.74
CA TYR D 339 44.08 40.68 -22.25
C TYR D 339 43.83 42.06 -21.67
N SER D 340 43.36 42.99 -22.51
CA SER D 340 42.97 44.28 -21.96
C SER D 340 41.66 44.72 -22.58
N TYR D 341 40.79 45.27 -21.73
CA TYR D 341 39.44 45.62 -22.08
C TYR D 341 39.08 46.93 -21.40
N THR D 342 38.64 47.90 -22.17
CA THR D 342 38.18 49.17 -21.62
C THR D 342 36.71 49.36 -21.98
N PHE D 343 35.85 49.37 -20.98
CA PHE D 343 34.39 49.43 -21.16
C PHE D 343 33.98 50.59 -22.03
N SER D 344 33.04 50.36 -22.94
CA SER D 344 32.57 51.41 -23.85
C SER D 344 31.03 51.45 -23.89
PB ADP E . 16.72 8.69 7.11
O1B ADP E . 16.27 9.55 5.94
O2B ADP E . 16.31 7.24 7.07
O3B ADP E . 18.18 8.88 7.41
PA ADP E . 14.67 10.31 8.38
O1A ADP E . 14.23 10.49 9.83
O2A ADP E . 13.62 10.03 7.38
O3A ADP E . 15.90 9.25 8.38
O5' ADP E . 15.44 11.65 7.96
C5' ADP E . 16.32 12.21 8.94
C4' ADP E . 16.26 13.69 8.74
O4' ADP E . 14.96 14.14 9.09
C3' ADP E . 17.24 14.45 9.61
O3' ADP E . 18.33 14.89 8.79
C2' ADP E . 16.40 15.60 10.17
O2' ADP E . 16.96 16.89 9.96
C1' ADP E . 15.11 15.52 9.38
N9 ADP E . 13.96 15.87 10.21
C8 ADP E . 13.55 15.26 11.34
N7 ADP E . 12.44 15.87 11.81
C5 ADP E . 12.10 16.86 10.98
C6 ADP E . 11.04 17.88 10.88
N6 ADP E . 10.06 17.97 11.78
N1 ADP E . 11.07 18.73 9.84
C2 ADP E . 12.04 18.66 8.90
N3 ADP E . 13.04 17.77 8.93
C4 ADP E . 13.12 16.85 9.91
C1 GLC F . 19.74 9.03 -1.17
C2 GLC F . 20.01 7.62 -1.71
C3 GLC F . 18.71 6.99 -2.25
C4 GLC F . 17.63 7.11 -1.20
C5 GLC F . 17.39 8.59 -0.92
C6 GLC F . 16.20 8.74 -0.01
O1 GLC F . 19.53 9.93 -2.29
O2 GLC F . 21.02 7.66 -2.75
O3 GLC F . 18.88 5.60 -2.54
O4 GLC F . 16.44 6.46 -1.66
O5 GLC F . 18.59 9.06 -0.28
O6 GLC F . 16.38 7.91 1.13
PB ADP G . -28.77 -7.18 -13.89
O1B ADP G . -30.27 -7.35 -13.94
O2B ADP G . -28.13 -7.00 -15.24
O3B ADP G . -28.06 -8.19 -13.01
PA ADP G . -27.23 -4.98 -12.85
O1A ADP G . -26.14 -5.67 -13.64
O2A ADP G . -27.47 -3.49 -12.94
O3A ADP G . -28.62 -5.75 -13.14
O5' ADP G . -27.03 -5.18 -11.26
C5' ADP G . -27.82 -4.41 -10.33
C4' ADP G . -27.24 -4.57 -8.94
O4' ADP G . -26.01 -3.87 -8.92
C3' ADP G . -28.12 -3.96 -7.85
O3' ADP G . -28.61 -4.99 -6.98
C2' ADP G . -27.23 -3.00 -7.08
O2' ADP G . -27.27 -3.26 -5.68
C1' ADP G . -25.84 -3.22 -7.65
N9 ADP G . -25.07 -1.96 -7.83
C8 ADP G . -25.43 -0.93 -8.60
N7 ADP G . -24.51 0.07 -8.56
C5 ADP G . -23.52 -0.34 -7.76
C6 ADP G . -22.24 0.23 -7.29
N6 ADP G . -21.86 1.47 -7.70
N1 ADP G . -21.48 -0.52 -6.45
C2 ADP G . -21.87 -1.74 -6.04
N3 ADP G . -23.03 -2.33 -6.43
C4 ADP G . -23.88 -1.69 -7.27
C1 GLC H . -27.66 -16.11 -11.51
C2 GLC H . -28.41 -17.07 -12.46
C3 GLC H . -27.65 -17.34 -13.77
C4 GLC H . -27.00 -16.08 -14.34
C5 GLC H . -26.10 -15.44 -13.28
C6 GLC H . -25.37 -14.23 -13.84
O1 GLC H . -26.70 -16.86 -10.75
O2 GLC H . -28.63 -18.30 -11.79
O3 GLC H . -28.55 -17.85 -14.74
O4 GLC H . -26.27 -16.39 -15.53
O5 GLC H . -26.98 -15.02 -12.20
O6 GLC H . -26.27 -13.13 -14.00
PB ADP I . -40.15 -31.64 11.57
O1B ADP I . -40.13 -31.52 10.05
O2B ADP I . -41.47 -31.18 12.13
O3B ADP I . -38.93 -31.05 12.23
PA ADP I . -38.80 -34.08 12.14
O1A ADP I . -38.11 -33.68 13.43
O2A ADP I . -39.15 -35.55 11.93
O3A ADP I . -40.13 -33.21 11.93
O5' ADP I . -37.84 -33.65 10.93
C5' ADP I . -37.94 -34.29 9.67
C4' ADP I . -36.53 -34.41 9.09
O4' ADP I . -35.75 -35.30 9.89
C3' ADP I . -36.54 -34.97 7.69
O3' ADP I . -36.32 -33.92 6.75
C2' ADP I . -35.44 -36.00 7.67
O2' ADP I . -34.46 -35.65 6.70
C1' ADP I . -34.83 -35.98 9.06
N9 ADP I . -34.57 -37.35 9.58
C8 ADP I . -35.44 -38.36 9.77
N7 ADP I . -34.80 -39.47 10.27
C5 ADP I . -33.49 -39.15 10.40
C6 ADP I . -32.25 -39.82 10.84
N6 ADP I . -32.22 -41.11 11.29
N1 ADP I . -31.11 -39.12 10.81
C2 ADP I . -31.05 -37.85 10.37
N3 ADP I . -32.13 -37.19 9.95
C4 ADP I . -33.35 -37.76 9.95
C1 GLC J . -36.87 -23.07 11.47
C2 GLC J . -38.02 -22.10 11.78
C3 GLC J . -38.23 -21.89 13.30
C4 GLC J . -38.26 -23.21 14.06
C5 GLC J . -37.09 -24.12 13.65
C6 GLC J . -37.28 -25.52 14.22
O1 GLC J . -35.60 -22.46 11.76
O2 GLC J . -37.76 -20.85 11.14
O3 GLC J . -39.46 -21.21 13.57
O4 GLC J . -38.24 -22.91 15.46
O5 GLC J . -37.01 -24.30 12.23
O6 GLC J . -38.43 -26.13 13.62
PB ADP K . 45.45 23.32 -8.48
O1B ADP K . 44.19 24.07 -8.86
O2B ADP K . 46.45 24.08 -7.64
O3B ADP K . 45.15 21.95 -7.92
PA ADP K . 45.82 23.77 -11.32
O1A ADP K . 46.85 23.23 -12.28
O2A ADP K . 45.64 25.27 -11.25
O3A ADP K . 46.21 23.13 -9.89
O5' ADP K . 44.42 23.13 -11.72
C5' ADP K . 44.28 21.73 -11.96
C4' ADP K . 42.97 21.62 -12.69
O4' ADP K . 43.08 22.42 -13.86
C3' ADP K . 42.65 20.21 -13.15
O3' ADP K . 41.52 19.73 -12.43
C2' ADP K . 42.29 20.33 -14.61
O2' ADP K . 40.99 19.77 -14.82
C1' ADP K . 42.32 21.84 -14.92
N9 ADP K . 42.98 22.15 -16.22
C8 ADP K . 44.26 21.87 -16.59
N7 ADP K . 44.51 22.29 -17.86
C5 ADP K . 43.39 22.84 -18.33
C6 ADP K . 42.96 23.49 -19.60
N6 ADP K . 43.83 23.60 -20.63
N1 ADP K . 41.69 23.95 -19.69
C2 ADP K . 40.82 23.83 -18.66
N3 ADP K . 41.12 23.24 -17.48
C4 ADP K . 42.38 22.75 -17.25
C1 GLC L . 39.75 25.95 -2.54
C2 GLC L . 40.29 26.49 -1.20
C3 GLC L . 40.78 27.95 -1.36
C4 GLC L . 41.82 27.99 -2.46
C5 GLC L . 41.11 27.63 -3.76
C6 GLC L . 42.00 27.72 -4.98
O1 GLC L . 38.46 26.48 -2.78
O2 GLC L . 39.28 26.37 -0.20
O3 GLC L . 41.35 28.46 -0.15
O4 GLC L . 42.46 29.29 -2.51
O5 GLC L . 40.58 26.27 -3.69
O6 GLC L . 43.20 27.01 -4.69
#